data_4F92
#
_entry.id   4F92
#
_cell.length_a   146.148
_cell.length_b   149.541
_cell.length_c   141.324
_cell.angle_alpha   90.00
_cell.angle_beta   120.33
_cell.angle_gamma   90.00
#
_symmetry.space_group_name_H-M   'C 1 2 1'
#
loop_
_entity.id
_entity.type
_entity.pdbx_description
1 polymer 'U5 small nuclear ribonucleoprotein 200 kDa helicase'
2 non-polymer SULFANILAMIDE
3 water water
#
_entity_poly.entity_id   1
_entity_poly.type   'polypeptide(L)'
_entity_poly.pdbx_seq_one_letter_code
;ALAPRQVLDLEDLVFTQGSHFMANKRCQLPDGSFRRQRKGYEEVHVPALKPKPFGSEEQLLPVEKLPKYAQAGFEGFKTL
NRIQSKLYRAALETDENLLLCAPTGAGKTNVALMCMLREIGKHINMDGTINVDDFKIIYIAPMRSLVQEMVGSFGKRLAT
YGITVAELTGDHQLCKEEISATQIIVCTPEKWDIITRKGGERTYTQLVRLIILDEIHLLHDDRGPVLEALVARAIRNIEM
TQEDVRLIGLSATLPNYEDVATFLRVDPAKGLFYFDNSFRPVPLEQTYVGITEKKAIKRFQIMNEIVYEKIMEHAGKNQV
LVFVHSRKETGKTARAIRDMCLEKDTLGLFLREGSASTEVLRTEAEQCKNLELKDLLPYGFAIHHAGMTRVDRTLVEDLF
ADKHIQVLVSTATLAWGVNLPAHTVIIKGTQVYSPEKGRWTELGALDILQMLGRAGRPQYDTKGEGILITSHGELQYYLS
LLNQQLPIESQMVSKLPDMLNAEIVLGNVQNAKDAVNWLGYAYLYIRMLRSPTLYGISHDDLKGDPLLDQRRLDLVHTAA
LMLDKNNLVKYDKKTGNFQVTELGRIASHYYITNDTVQTYNQLLKPTLSEIELFRVFSLSSEFKNITVREEEKLELQKLL
ERVPIPVKESIEEPSAKINVLLQAFISQLKLEGFALMADMVYVTQLAGRLMRAIFEIVLNRGWAQLTDKTLNLCKMIDKR
MWQSMCPLRQFRKLPEEVVKKIEKKNFPFERLYDLNHNEIGELIRMPKMGKTIHKYVHLFPKLELSVHLQPITRSTLKVE
LTITPDFQWDEKVHGSSEAFWILVEDVDSEVILHHEYFLLKAKYAQDEHLITFFVPVFEPLPPQYFIRVVSDRWLSCETQ
LPVSFRHLILPEKYPPPTELLDLQPLPVSALRNSAFESLYQDKFPFFNPIQTQVFNTVYNSDDNVFVGAPTGSGKTICAE
FAILRMLLQSSEGRCVYITPMEALAEQVYMDWYEKFQDRLNKKVVLLTGETSTDLKLLGKGNIIISTPEKWDILSRRWKQ
RKNVQNINLFVVDEVHLIGGENGPVLEVICSRMRYISSQIERPIRIVALSSSLSNAKDVAHWLGCSATSTFNFHPNVRPV
PLELHIQGFNISHTQTRLLSMAKPVYHAITKHSPKKPVIVFVPSRKQTRLTAIDILTTCAADIQRQRFLHCTEKDLIPYL
EKLSDSTLKETLLNGVGYLHEGLSPMERRLVEQLFSSGAIQVVVASRSLCWGMNVAAHLVIIMDTQYYNGKIHAYVDYPI
YDVLQMVGHANRPLQDDEGRCVIMCQGSKKDFFKKFLYEPLPVESHLDHCMHDHFNAEIVTKTIENKQDAVDYLTWTFLY
RRMTQNPNYYNLQGISHRHLSDHLSELVEQTLSDLEQSKCISIEDEMDVAPLNLGMIAAYYYINYTTIELFSMSLNAKTK
VRGLIEIISNAAEYENIPIRHHEDNLLRQLAQKVPHKLNNPKFNDPHVKTNLLLQAHLSRMQLSAELQSDTEEILSKAIR
LIQACVDVLSSNGWLSPALAAMELAQMVTQAMWSKDSYLKQLPHFTSEHIKRCTDKGVESVFDIMEMEDEERNALLQLTD
SQIADVARFCNRYPNIELSYEVVDKDSIRSGGPVVVLVQLEREEEVTGPVIAPLFPQKREEGWWVVIGDAKSNSLISIKR
LTLQQKAKVKLDFVAPATGAHNYTLYFMSDAYMGCDQEYKFSVD
;
_entity_poly.pdbx_strand_id   B
#
loop_
_chem_comp.id
_chem_comp.type
_chem_comp.name
_chem_comp.formula
SAN non-polymer SULFANILAMIDE 'C6 H8 N2 O2 S'
#
# COMPACT_ATOMS: atom_id res chain seq x y z
N LEU A 2 -1.03 9.38 38.90
CA LEU A 2 -2.03 8.32 38.85
C LEU A 2 -2.83 8.25 40.16
N ALA A 3 -4.07 8.73 40.11
CA ALA A 3 -4.95 8.74 41.27
C ALA A 3 -5.41 7.32 41.66
N PRO A 4 -5.75 7.12 42.93
CA PRO A 4 -6.28 5.83 43.39
C PRO A 4 -7.53 5.42 42.61
N ARG A 5 -7.79 4.12 42.55
CA ARG A 5 -8.91 3.59 41.78
C ARG A 5 -9.79 2.70 42.64
N GLN A 6 -10.90 2.23 42.06
CA GLN A 6 -11.82 1.32 42.75
C GLN A 6 -12.57 0.46 41.73
N VAL A 7 -12.69 -0.83 42.02
CA VAL A 7 -13.32 -1.77 41.10
C VAL A 7 -14.84 -1.74 41.20
N LEU A 8 -15.52 -1.65 40.06
CA LEU A 8 -16.97 -1.52 40.02
C LEU A 8 -17.69 -2.81 39.65
N ASP A 9 -18.95 -2.91 40.06
CA ASP A 9 -19.83 -3.98 39.61
C ASP A 9 -20.63 -3.48 38.42
N LEU A 10 -20.20 -3.87 37.22
CA LEU A 10 -20.80 -3.38 35.99
C LEU A 10 -22.24 -3.88 35.76
N GLU A 11 -22.54 -5.07 36.25
CA GLU A 11 -23.88 -5.66 36.07
C GLU A 11 -24.92 -4.94 36.93
N ASP A 12 -24.46 -3.97 37.70
CA ASP A 12 -25.32 -3.18 38.58
C ASP A 12 -25.58 -1.78 38.00
N LEU A 13 -24.62 -1.27 37.26
CA LEU A 13 -24.73 0.06 36.64
C LEU A 13 -25.42 0.03 35.29
N VAL A 14 -25.58 -1.18 34.74
CA VAL A 14 -26.06 -1.31 33.37
C VAL A 14 -27.59 -1.25 33.28
N PHE A 15 -28.09 -0.69 32.18
CA PHE A 15 -29.51 -0.71 31.89
C PHE A 15 -29.93 -2.08 31.34
N THR A 16 -30.09 -3.05 32.23
CA THR A 16 -30.36 -4.45 31.89
C THR A 16 -31.32 -4.69 30.73
N GLN A 17 -32.45 -3.99 30.74
CA GLN A 17 -33.51 -4.18 29.75
C GLN A 17 -33.22 -3.56 28.38
N GLY A 18 -32.02 -3.02 28.23
CA GLY A 18 -31.57 -2.50 26.94
C GLY A 18 -32.46 -1.44 26.33
N SER A 19 -32.96 -1.70 25.14
CA SER A 19 -33.80 -0.74 24.42
C SER A 19 -35.15 -0.51 25.10
N HIS A 20 -35.66 -1.55 25.75
CA HIS A 20 -36.97 -1.49 26.38
C HIS A 20 -36.95 -0.70 27.70
N PHE A 21 -35.77 -0.16 28.04
CA PHE A 21 -35.60 0.65 29.25
C PHE A 21 -36.32 2.00 29.17
N MET A 22 -37.17 2.28 30.16
CA MET A 22 -37.79 3.61 30.27
C MET A 22 -37.48 4.30 31.61
N ALA A 23 -36.62 5.33 31.52
CA ALA A 23 -36.31 6.23 32.63
C ALA A 23 -37.44 7.24 32.75
N ASN A 24 -38.36 7.18 31.80
CA ASN A 24 -39.52 8.04 31.78
C ASN A 24 -40.58 7.50 32.71
N LYS A 25 -40.42 7.75 34.01
CA LYS A 25 -41.32 7.21 35.02
C LYS A 25 -42.77 7.69 34.85
N ARG A 26 -42.92 8.95 34.41
CA ARG A 26 -44.23 9.55 34.24
C ARG A 26 -44.67 9.42 32.78
N CYS A 27 -45.77 10.07 32.44
CA CYS A 27 -46.26 10.09 31.06
C CYS A 27 -47.43 11.06 30.93
N GLN A 28 -47.76 11.43 29.70
CA GLN A 28 -48.92 12.28 29.42
C GLN A 28 -49.52 11.93 28.07
N LEU A 29 -50.69 12.50 27.78
CA LEU A 29 -51.35 12.28 26.51
C LEU A 29 -51.83 13.62 25.95
N PRO A 30 -51.97 13.70 24.63
CA PRO A 30 -52.55 14.86 23.93
C PRO A 30 -54.00 15.18 24.34
N ASP A 31 -54.71 15.89 23.48
CA ASP A 31 -56.07 16.34 23.81
C ASP A 31 -57.04 15.15 23.94
N GLY A 32 -57.14 14.37 22.87
CA GLY A 32 -57.96 13.18 22.89
C GLY A 32 -57.37 12.11 23.78
N SER A 33 -58.05 11.86 24.89
CA SER A 33 -57.56 10.93 25.91
C SER A 33 -58.31 9.61 25.88
N PHE A 34 -59.55 9.67 25.38
CA PHE A 34 -60.54 8.60 25.58
C PHE A 34 -60.05 7.15 25.53
N ARG A 35 -60.47 6.39 26.52
CA ARG A 35 -60.12 4.98 26.61
C ARG A 35 -61.35 4.10 26.86
N ARG A 36 -61.53 3.10 26.01
CA ARG A 36 -62.65 2.15 26.12
C ARG A 36 -62.20 0.86 26.79
N GLN A 37 -62.90 0.49 27.87
CA GLN A 37 -62.64 -0.76 28.57
C GLN A 37 -63.40 -1.90 27.90
N ARG A 38 -62.73 -3.03 27.71
CA ARG A 38 -63.35 -4.23 27.15
C ARG A 38 -63.10 -5.38 28.09
N LYS A 39 -63.73 -6.52 27.80
CA LYS A 39 -63.44 -7.74 28.54
C LYS A 39 -62.26 -8.44 27.88
N GLY A 40 -61.14 -8.49 28.60
CA GLY A 40 -59.93 -9.08 28.08
C GLY A 40 -58.87 -8.04 27.82
N TYR A 41 -59.29 -6.90 27.27
CA TYR A 41 -58.36 -5.85 26.91
C TYR A 41 -58.94 -4.45 27.12
N GLU A 42 -58.11 -3.44 26.89
CA GLU A 42 -58.50 -2.05 27.05
C GLU A 42 -57.92 -1.24 25.88
N GLU A 43 -58.73 -0.35 25.31
CA GLU A 43 -58.30 0.45 24.17
C GLU A 43 -57.90 1.87 24.58
N VAL A 44 -56.73 2.31 24.11
CA VAL A 44 -56.30 3.70 24.32
C VAL A 44 -56.20 4.45 23.00
N HIS A 45 -56.85 5.61 22.94
CA HIS A 45 -56.91 6.42 21.72
C HIS A 45 -56.21 7.77 21.87
N VAL A 46 -55.33 8.09 20.92
CA VAL A 46 -54.82 9.45 20.78
C VAL A 46 -55.01 9.91 19.34
N PRO A 47 -55.66 11.07 19.16
CA PRO A 47 -56.12 11.57 17.86
C PRO A 47 -55.01 12.27 17.12
N ALA A 48 -55.13 12.34 15.80
CA ALA A 48 -54.11 12.99 14.99
C ALA A 48 -54.06 14.47 15.33
N LEU A 49 -52.85 14.96 15.53
CA LEU A 49 -52.65 16.37 15.85
C LEU A 49 -53.06 17.21 14.66
N LYS A 50 -53.74 18.32 14.94
CA LYS A 50 -54.06 19.29 13.91
C LYS A 50 -52.76 19.90 13.42
N PRO A 51 -52.70 20.30 12.15
CA PRO A 51 -51.47 20.91 11.60
C PRO A 51 -51.18 22.30 12.16
N LYS A 52 -49.94 22.52 12.58
CA LYS A 52 -49.49 23.83 13.07
C LYS A 52 -49.57 24.89 11.96
N PRO A 53 -50.08 26.09 12.29
CA PRO A 53 -50.08 27.18 11.31
C PRO A 53 -48.66 27.62 10.93
N PHE A 54 -48.49 28.13 9.71
CA PHE A 54 -47.19 28.61 9.26
C PHE A 54 -46.67 29.74 10.14
N GLY A 55 -45.38 29.68 10.47
CA GLY A 55 -44.76 30.73 11.26
C GLY A 55 -44.50 31.97 10.43
N SER A 56 -43.90 32.99 11.04
CA SER A 56 -43.54 34.22 10.35
C SER A 56 -42.65 33.88 9.15
N GLU A 57 -43.16 34.15 7.95
CA GLU A 57 -42.56 33.70 6.70
C GLU A 57 -42.55 32.17 6.58
N GLU A 58 -41.36 31.57 6.60
CA GLU A 58 -41.18 30.12 6.48
C GLU A 58 -41.99 29.39 5.40
N GLN A 59 -42.31 30.09 4.30
CA GLN A 59 -43.05 29.47 3.20
C GLN A 59 -42.28 28.29 2.58
N LEU A 60 -43.00 27.40 1.92
CA LEU A 60 -42.36 26.27 1.23
C LEU A 60 -41.43 26.79 0.15
N LEU A 61 -40.31 26.09 -0.05
CA LEU A 61 -39.32 26.49 -1.04
C LEU A 61 -39.51 25.68 -2.33
N PRO A 62 -40.01 26.33 -3.39
CA PRO A 62 -40.15 25.62 -4.67
C PRO A 62 -38.78 25.28 -5.23
N VAL A 63 -38.69 24.17 -5.95
CA VAL A 63 -37.40 23.62 -6.38
C VAL A 63 -36.53 24.62 -7.16
N GLU A 64 -37.17 25.52 -7.90
CA GLU A 64 -36.44 26.52 -8.69
C GLU A 64 -35.59 27.46 -7.82
N LYS A 65 -35.97 27.62 -6.57
CA LYS A 65 -35.26 28.55 -5.67
C LYS A 65 -33.85 28.06 -5.29
N LEU A 66 -33.71 26.78 -4.98
CA LEU A 66 -32.40 26.21 -4.66
C LEU A 66 -31.54 26.14 -5.94
N PRO A 67 -30.20 26.27 -5.78
CA PRO A 67 -29.25 26.49 -6.87
C PRO A 67 -29.41 25.58 -8.10
N LYS A 68 -28.92 26.08 -9.23
CA LYS A 68 -29.07 25.39 -10.52
C LYS A 68 -28.43 24.00 -10.54
N TYR A 69 -27.35 23.82 -9.79
CA TYR A 69 -26.67 22.52 -9.76
C TYR A 69 -27.44 21.51 -8.91
N ALA A 70 -28.25 22.01 -7.99
CA ALA A 70 -29.03 21.17 -7.11
C ALA A 70 -30.41 20.88 -7.68
N GLN A 71 -30.71 21.47 -8.84
CA GLN A 71 -31.97 21.24 -9.52
C GLN A 71 -32.18 19.75 -9.75
N ALA A 72 -31.20 19.12 -10.39
CA ALA A 72 -31.23 17.69 -10.61
C ALA A 72 -31.29 16.95 -9.28
N GLY A 73 -31.79 15.73 -9.30
CA GLY A 73 -31.94 14.95 -8.08
C GLY A 73 -33.18 15.38 -7.32
N PHE A 74 -34.05 16.12 -7.99
CA PHE A 74 -35.34 16.49 -7.43
C PHE A 74 -36.44 16.49 -8.49
N GLU A 75 -36.29 15.63 -9.48
CA GLU A 75 -37.33 15.45 -10.50
C GLU A 75 -38.55 14.82 -9.84
N GLY A 76 -39.73 15.33 -10.17
CA GLY A 76 -40.96 14.84 -9.57
C GLY A 76 -41.44 15.77 -8.47
N PHE A 77 -40.52 16.58 -7.97
CA PHE A 77 -40.85 17.58 -6.96
C PHE A 77 -41.00 18.95 -7.62
N LYS A 78 -42.00 19.72 -7.17
CA LYS A 78 -42.14 21.10 -7.60
C LYS A 78 -41.90 22.02 -6.42
N THR A 79 -42.12 21.49 -5.21
CA THR A 79 -41.86 22.23 -3.98
C THR A 79 -41.29 21.31 -2.90
N LEU A 80 -40.62 21.92 -1.93
CA LEU A 80 -40.06 21.17 -0.81
C LEU A 80 -41.04 21.07 0.35
N ASN A 81 -41.00 19.92 1.02
CA ASN A 81 -41.76 19.68 2.25
C ASN A 81 -41.49 20.78 3.30
N ARG A 82 -42.39 20.91 4.27
CA ARG A 82 -42.24 21.92 5.31
C ARG A 82 -40.91 21.77 6.04
N ILE A 83 -40.59 20.54 6.44
CA ILE A 83 -39.33 20.26 7.12
C ILE A 83 -38.14 20.62 6.24
N GLN A 84 -38.16 20.12 5.01
CA GLN A 84 -37.05 20.31 4.07
C GLN A 84 -36.81 21.78 3.70
N SER A 85 -37.79 22.63 3.97
CA SER A 85 -37.65 24.06 3.68
C SER A 85 -37.08 24.81 4.87
N LYS A 86 -37.46 24.40 6.08
CA LYS A 86 -37.01 25.04 7.30
C LYS A 86 -35.48 24.95 7.48
N LEU A 87 -34.84 24.06 6.71
CA LEU A 87 -33.39 23.93 6.79
C LEU A 87 -32.68 23.67 5.46
N TYR A 88 -33.20 24.21 4.36
CA TYR A 88 -32.48 24.12 3.10
C TYR A 88 -31.18 24.93 3.22
N ARG A 89 -31.26 26.05 3.92
CA ARG A 89 -30.10 26.91 4.13
C ARG A 89 -29.02 26.20 4.92
N ALA A 90 -29.40 25.60 6.04
CA ALA A 90 -28.43 24.93 6.91
C ALA A 90 -27.79 23.76 6.19
N ALA A 91 -28.59 23.08 5.38
CA ALA A 91 -28.13 21.87 4.70
C ALA A 91 -27.22 22.16 3.52
N LEU A 92 -27.57 23.20 2.74
CA LEU A 92 -26.87 23.49 1.48
C LEU A 92 -25.94 24.70 1.50
N GLU A 93 -26.18 25.64 2.41
CA GLU A 93 -25.42 26.89 2.42
C GLU A 93 -24.38 26.94 3.55
N THR A 94 -24.44 25.98 4.46
CA THR A 94 -23.48 25.89 5.55
C THR A 94 -22.84 24.51 5.60
N ASP A 95 -21.73 24.38 6.34
CA ASP A 95 -21.07 23.10 6.52
C ASP A 95 -21.19 22.69 7.98
N GLU A 96 -22.22 23.21 8.63
CA GLU A 96 -22.38 23.02 10.06
C GLU A 96 -22.92 21.63 10.32
N ASN A 97 -22.51 21.05 11.44
CA ASN A 97 -23.07 19.78 11.89
C ASN A 97 -24.54 19.92 12.25
N LEU A 98 -25.36 18.99 11.75
CA LEU A 98 -26.79 19.04 12.02
C LEU A 98 -27.25 17.87 12.90
N LEU A 99 -28.35 18.11 13.63
CA LEU A 99 -29.10 17.04 14.28
C LEU A 99 -30.57 17.30 14.04
N LEU A 100 -31.17 16.51 13.16
CA LEU A 100 -32.57 16.71 12.76
C LEU A 100 -33.51 15.74 13.49
N CYS A 101 -34.37 16.28 14.35
CA CYS A 101 -35.43 15.48 14.97
C CYS A 101 -36.77 15.73 14.29
N ALA A 102 -37.34 14.68 13.71
CA ALA A 102 -38.62 14.75 13.02
C ALA A 102 -39.37 13.42 13.17
N PRO A 103 -40.70 13.44 12.99
CA PRO A 103 -41.43 12.17 13.03
C PRO A 103 -41.01 11.30 11.85
N THR A 104 -41.21 10.00 11.96
CA THR A 104 -40.88 9.11 10.85
C THR A 104 -41.80 9.42 9.66
N GLY A 105 -41.21 9.46 8.47
CA GLY A 105 -41.96 9.70 7.27
C GLY A 105 -42.00 11.17 6.88
N ALA A 106 -41.43 12.01 7.74
CA ALA A 106 -41.47 13.45 7.52
C ALA A 106 -40.53 13.89 6.39
N GLY A 107 -39.77 12.94 5.86
CA GLY A 107 -38.83 13.24 4.80
C GLY A 107 -37.54 13.82 5.35
N LYS A 108 -36.87 13.06 6.22
CA LYS A 108 -35.54 13.41 6.69
C LYS A 108 -34.52 12.98 5.64
N THR A 109 -34.94 12.04 4.80
CA THR A 109 -34.12 11.55 3.69
C THR A 109 -33.61 12.68 2.80
N ASN A 110 -34.55 13.49 2.30
CA ASN A 110 -34.19 14.53 1.35
C ASN A 110 -33.45 15.70 1.99
N VAL A 111 -33.50 15.78 3.31
CA VAL A 111 -32.66 16.74 4.02
C VAL A 111 -31.22 16.26 3.90
N ALA A 112 -31.00 14.98 4.19
CA ALA A 112 -29.66 14.38 4.10
C ALA A 112 -29.14 14.43 2.66
N LEU A 113 -30.07 14.35 1.72
CA LEU A 113 -29.75 14.44 0.30
C LEU A 113 -29.25 15.85 -0.06
N MET A 114 -29.84 16.86 0.56
CA MET A 114 -29.39 18.23 0.35
C MET A 114 -27.99 18.42 0.91
N CYS A 115 -27.72 17.80 2.04
CA CYS A 115 -26.38 17.86 2.61
C CYS A 115 -25.39 17.18 1.68
N MET A 116 -25.79 16.03 1.13
CA MET A 116 -25.00 15.28 0.16
C MET A 116 -24.73 16.09 -1.10
N LEU A 117 -25.77 16.77 -1.58
CA LEU A 117 -25.66 17.57 -2.80
C LEU A 117 -24.75 18.78 -2.60
N ARG A 118 -24.66 19.26 -1.36
CA ARG A 118 -23.75 20.37 -1.08
C ARG A 118 -22.31 19.92 -1.28
N GLU A 119 -21.99 18.73 -0.79
CA GLU A 119 -20.65 18.16 -0.93
C GLU A 119 -20.31 17.92 -2.40
N ILE A 120 -21.31 17.46 -3.15
CA ILE A 120 -21.16 17.26 -4.58
C ILE A 120 -21.00 18.62 -5.27
N GLY A 121 -21.55 19.66 -4.66
CA GLY A 121 -21.51 20.98 -5.25
C GLY A 121 -20.16 21.67 -5.20
N LYS A 122 -19.24 21.12 -4.41
CA LYS A 122 -17.91 21.72 -4.28
C LYS A 122 -16.93 21.10 -5.26
N HIS A 123 -17.44 20.23 -6.12
CA HIS A 123 -16.60 19.54 -7.10
C HIS A 123 -17.28 19.55 -8.46
N ILE A 124 -17.85 20.69 -8.81
CA ILE A 124 -18.64 20.79 -10.04
C ILE A 124 -17.77 20.82 -11.30
N ASN A 125 -16.53 21.27 -11.17
CA ASN A 125 -15.53 21.14 -12.23
C ASN A 125 -15.82 21.88 -13.56
N MET A 126 -16.58 22.96 -13.48
CA MET A 126 -16.93 23.77 -14.66
C MET A 126 -17.59 22.96 -15.77
N ASP A 127 -16.80 22.48 -16.73
CA ASP A 127 -17.34 21.75 -17.88
C ASP A 127 -17.26 20.24 -17.69
N GLY A 128 -16.17 19.76 -17.11
CA GLY A 128 -16.10 18.38 -16.68
C GLY A 128 -17.20 18.17 -15.66
N THR A 129 -17.91 17.05 -15.75
CA THR A 129 -19.11 16.82 -14.95
C THR A 129 -18.91 16.99 -13.44
N ILE A 130 -18.24 16.03 -12.80
CA ILE A 130 -17.89 16.17 -11.38
C ILE A 130 -16.56 15.53 -11.04
N ASN A 131 -15.78 16.19 -10.19
CA ASN A 131 -14.52 15.63 -9.69
C ASN A 131 -14.80 14.42 -8.80
N VAL A 132 -15.38 13.38 -9.40
CA VAL A 132 -15.96 12.27 -8.67
C VAL A 132 -14.98 11.44 -7.83
N ASP A 133 -13.69 11.56 -8.11
CA ASP A 133 -12.69 10.76 -7.42
C ASP A 133 -12.09 11.50 -6.24
N ASP A 134 -12.63 12.68 -5.94
CA ASP A 134 -12.06 13.56 -4.93
C ASP A 134 -12.78 13.56 -3.58
N PHE A 135 -13.94 12.92 -3.52
CA PHE A 135 -14.71 12.91 -2.27
C PHE A 135 -15.41 11.58 -1.99
N LYS A 136 -15.84 11.41 -0.75
CA LYS A 136 -16.61 10.24 -0.35
C LYS A 136 -17.65 10.58 0.75
N ILE A 137 -18.82 9.96 0.64
CA ILE A 137 -19.88 10.14 1.61
C ILE A 137 -20.27 8.78 2.21
N ILE A 138 -20.24 8.70 3.54
CA ILE A 138 -20.68 7.48 4.22
C ILE A 138 -22.06 7.72 4.83
N TYR A 139 -22.97 6.77 4.65
CA TYR A 139 -24.33 6.88 5.17
C TYR A 139 -24.65 5.70 6.05
N ILE A 140 -24.62 5.91 7.37
CA ILE A 140 -24.89 4.82 8.31
C ILE A 140 -26.38 4.69 8.62
N ALA A 141 -26.96 3.59 8.11
CA ALA A 141 -28.35 3.23 8.35
C ALA A 141 -28.37 2.01 9.28
N PRO A 142 -29.45 1.84 10.08
CA PRO A 142 -29.42 0.80 11.11
C PRO A 142 -29.76 -0.65 10.66
N MET A 143 -30.66 -0.82 9.70
CA MET A 143 -31.06 -2.17 9.30
C MET A 143 -30.54 -2.51 7.92
N ARG A 144 -30.17 -3.78 7.74
CA ARG A 144 -29.62 -4.25 6.48
C ARG A 144 -30.57 -3.99 5.32
N SER A 145 -31.85 -4.22 5.56
CA SER A 145 -32.86 -4.02 4.52
C SER A 145 -32.99 -2.54 4.13
N LEU A 146 -32.82 -1.65 5.11
CA LEU A 146 -32.90 -0.21 4.90
C LEU A 146 -31.76 0.26 4.00
N VAL A 147 -30.58 -0.28 4.25
CA VAL A 147 -29.38 0.04 3.48
C VAL A 147 -29.56 -0.21 1.99
N GLN A 148 -30.07 -1.40 1.65
CA GLN A 148 -30.19 -1.83 0.26
C GLN A 148 -31.12 -0.97 -0.59
N GLU A 149 -32.20 -0.49 0.02
CA GLU A 149 -33.14 0.37 -0.70
C GLU A 149 -32.69 1.83 -0.68
N MET A 150 -31.93 2.22 0.34
CA MET A 150 -31.27 3.51 0.36
C MET A 150 -30.38 3.64 -0.87
N VAL A 151 -29.63 2.58 -1.17
CA VAL A 151 -28.78 2.55 -2.35
C VAL A 151 -29.62 2.73 -3.60
N GLY A 152 -30.67 1.92 -3.72
CA GLY A 152 -31.57 2.00 -4.85
C GLY A 152 -32.08 3.41 -5.10
N SER A 153 -32.66 4.03 -4.06
CA SER A 153 -33.25 5.36 -4.21
C SER A 153 -32.22 6.43 -4.53
N PHE A 154 -31.11 6.44 -3.79
CA PHE A 154 -30.06 7.44 -3.99
C PHE A 154 -29.43 7.35 -5.37
N GLY A 155 -29.34 6.14 -5.90
CA GLY A 155 -28.81 5.94 -7.24
C GLY A 155 -29.71 6.56 -8.28
N LYS A 156 -31.02 6.47 -8.04
CA LYS A 156 -32.02 7.04 -8.93
C LYS A 156 -31.93 8.57 -8.95
N ARG A 157 -31.47 9.15 -7.85
CA ARG A 157 -31.44 10.61 -7.70
C ARG A 157 -30.13 11.23 -8.16
N LEU A 158 -29.07 10.44 -8.15
CA LEU A 158 -27.74 10.97 -8.45
C LEU A 158 -27.10 10.39 -9.72
N ALA A 159 -27.90 9.75 -10.56
CA ALA A 159 -27.40 9.19 -11.81
C ALA A 159 -27.04 10.30 -12.79
N THR A 160 -27.88 11.34 -12.83
CA THR A 160 -27.64 12.52 -13.66
C THR A 160 -26.33 13.19 -13.28
N TYR A 161 -25.89 12.95 -12.05
CA TYR A 161 -24.62 13.48 -11.57
C TYR A 161 -23.44 12.57 -11.96
N GLY A 162 -23.73 11.30 -12.24
CA GLY A 162 -22.69 10.37 -12.63
C GLY A 162 -21.92 9.89 -11.42
N ILE A 163 -22.68 9.47 -10.41
CA ILE A 163 -22.12 9.10 -9.12
C ILE A 163 -22.46 7.66 -8.75
N THR A 164 -21.54 6.98 -8.08
CA THR A 164 -21.72 5.60 -7.69
C THR A 164 -22.05 5.48 -6.20
N VAL A 165 -23.24 4.95 -5.91
CA VAL A 165 -23.62 4.65 -4.54
C VAL A 165 -23.81 3.14 -4.40
N ALA A 166 -23.11 2.54 -3.46
CA ALA A 166 -23.13 1.08 -3.32
C ALA A 166 -23.19 0.61 -1.87
N GLU A 167 -23.75 -0.58 -1.69
CA GLU A 167 -23.88 -1.17 -0.36
C GLU A 167 -22.55 -1.74 0.12
N LEU A 168 -22.26 -1.53 1.40
CA LEU A 168 -21.11 -2.16 2.05
C LEU A 168 -21.58 -2.71 3.40
N THR A 169 -22.40 -3.74 3.38
CA THR A 169 -22.85 -4.38 4.62
C THR A 169 -23.03 -5.88 4.46
N GLY A 170 -22.83 -6.60 5.56
CA GLY A 170 -22.85 -8.05 5.56
C GLY A 170 -21.61 -8.55 6.27
N ASP A 171 -20.89 -9.46 5.62
CA ASP A 171 -19.67 -9.98 6.22
C ASP A 171 -18.47 -10.02 5.26
N HIS A 172 -18.65 -9.49 4.05
CA HIS A 172 -17.59 -9.58 3.03
C HIS A 172 -16.29 -8.92 3.45
N GLN A 173 -15.37 -9.75 3.93
CA GLN A 173 -14.09 -9.30 4.48
C GLN A 173 -13.16 -8.85 3.37
N LEU A 174 -12.30 -7.88 3.68
CA LEU A 174 -11.36 -7.31 2.72
C LEU A 174 -12.10 -6.83 1.46
N CYS A 175 -13.02 -5.89 1.67
CA CYS A 175 -13.97 -5.45 0.64
C CYS A 175 -13.30 -4.85 -0.58
N LYS A 176 -13.86 -5.15 -1.76
CA LYS A 176 -13.20 -4.86 -3.04
C LYS A 176 -12.74 -3.41 -3.22
N GLU A 177 -11.63 -3.25 -3.94
CA GLU A 177 -11.06 -1.94 -4.22
C GLU A 177 -11.83 -1.18 -5.28
N GLU A 178 -13.03 -1.68 -5.58
CA GLU A 178 -13.97 -0.94 -6.43
C GLU A 178 -14.80 -0.04 -5.54
N ILE A 179 -14.53 -0.10 -4.23
CA ILE A 179 -15.06 0.86 -3.27
C ILE A 179 -14.39 2.21 -3.53
N SER A 180 -13.22 2.14 -4.15
CA SER A 180 -12.55 3.34 -4.68
C SER A 180 -13.36 3.96 -5.82
N ALA A 181 -14.29 3.19 -6.37
CA ALA A 181 -15.13 3.67 -7.47
C ALA A 181 -16.50 4.13 -7.01
N THR A 182 -16.86 3.81 -5.77
CA THR A 182 -18.12 4.28 -5.20
C THR A 182 -17.88 5.51 -4.34
N GLN A 183 -18.77 6.50 -4.45
CA GLN A 183 -18.62 7.77 -3.73
C GLN A 183 -19.60 7.89 -2.57
N ILE A 184 -20.69 7.13 -2.60
CA ILE A 184 -21.57 7.03 -1.45
C ILE A 184 -21.67 5.59 -0.96
N ILE A 185 -20.92 5.29 0.09
CA ILE A 185 -20.99 3.99 0.73
C ILE A 185 -22.15 3.99 1.71
N VAL A 186 -23.05 3.02 1.57
CA VAL A 186 -24.19 2.90 2.48
C VAL A 186 -24.06 1.65 3.32
N CYS A 187 -24.08 1.80 4.64
CA CYS A 187 -23.87 0.65 5.50
C CYS A 187 -24.52 0.71 6.88
N THR A 188 -24.33 -0.36 7.64
CA THR A 188 -24.83 -0.47 8.99
C THR A 188 -23.75 0.01 9.93
N PRO A 189 -24.13 0.34 11.18
CA PRO A 189 -23.10 0.77 12.14
C PRO A 189 -22.07 -0.33 12.43
N GLU A 190 -22.53 -1.55 12.62
CA GLU A 190 -21.65 -2.63 13.05
C GLU A 190 -20.62 -2.93 11.99
N LYS A 191 -21.04 -2.83 10.73
CA LYS A 191 -20.12 -2.99 9.62
C LYS A 191 -19.07 -1.87 9.64
N TRP A 192 -19.54 -0.62 9.68
CA TRP A 192 -18.62 0.52 9.70
C TRP A 192 -17.68 0.50 10.91
N ASP A 193 -18.19 0.06 12.06
CA ASP A 193 -17.34 -0.14 13.22
C ASP A 193 -16.21 -1.11 12.90
N ILE A 194 -16.55 -2.27 12.30
CA ILE A 194 -15.57 -3.29 11.95
C ILE A 194 -14.49 -2.76 10.99
N ILE A 195 -14.93 -2.12 9.91
CA ILE A 195 -13.99 -1.50 8.98
C ILE A 195 -13.06 -0.49 9.66
N THR A 196 -13.60 0.40 10.50
CA THR A 196 -12.75 1.39 11.15
C THR A 196 -11.96 0.84 12.35
N ARG A 197 -12.09 -0.44 12.64
CA ARG A 197 -11.29 -1.06 13.70
C ARG A 197 -9.97 -1.55 13.16
N LYS A 198 -9.87 -1.64 11.84
CA LYS A 198 -8.72 -2.26 11.17
C LYS A 198 -7.39 -1.51 11.36
N GLY A 199 -7.43 -0.19 11.32
CA GLY A 199 -6.22 0.60 11.44
C GLY A 199 -5.88 1.33 10.15
N GLY A 200 -5.95 0.61 9.03
CA GLY A 200 -5.72 1.21 7.72
C GLY A 200 -6.95 1.95 7.22
N GLU A 201 -7.91 2.18 8.11
CA GLU A 201 -9.16 2.88 7.81
C GLU A 201 -9.00 4.09 6.91
N ARG A 202 -7.89 4.78 7.07
CA ARG A 202 -7.60 5.96 6.26
C ARG A 202 -7.57 5.63 4.77
N THR A 203 -7.53 4.34 4.43
CA THR A 203 -7.55 3.93 3.03
C THR A 203 -8.94 4.12 2.44
N TYR A 204 -9.95 4.01 3.31
CA TYR A 204 -11.34 4.27 2.90
C TYR A 204 -11.70 5.70 3.23
N THR A 205 -11.38 6.11 4.46
CA THR A 205 -11.88 7.36 5.01
C THR A 205 -11.07 8.61 4.65
N GLN A 206 -9.94 8.42 3.98
CA GLN A 206 -9.10 9.54 3.51
C GLN A 206 -9.92 10.65 2.86
N LEU A 207 -10.91 10.25 2.07
CA LEU A 207 -11.68 11.18 1.25
C LEU A 207 -13.07 11.46 1.83
N VAL A 208 -13.40 10.82 2.95
CA VAL A 208 -14.74 10.96 3.52
C VAL A 208 -14.96 12.37 4.07
N ARG A 209 -15.80 13.13 3.37
CA ARG A 209 -16.03 14.53 3.71
C ARG A 209 -17.32 14.72 4.49
N LEU A 210 -18.15 13.68 4.51
CA LEU A 210 -19.47 13.75 5.07
C LEU A 210 -19.93 12.37 5.53
N ILE A 211 -20.23 12.22 6.81
CA ILE A 211 -20.91 11.01 7.28
C ILE A 211 -22.27 11.34 7.89
N ILE A 212 -23.25 10.49 7.59
CA ILE A 212 -24.61 10.72 8.04
C ILE A 212 -25.06 9.59 8.94
N LEU A 213 -25.64 9.93 10.08
CA LEU A 213 -26.13 8.93 11.02
C LEU A 213 -27.64 8.87 11.03
N ASP A 214 -28.21 8.02 10.17
CA ASP A 214 -29.66 7.91 10.09
C ASP A 214 -30.18 7.12 11.28
N GLU A 215 -31.41 7.44 11.69
CA GLU A 215 -32.02 6.85 12.90
C GLU A 215 -31.07 6.75 14.09
N ILE A 216 -30.36 7.86 14.36
CA ILE A 216 -29.35 7.98 15.42
C ILE A 216 -29.89 7.63 16.84
N HIS A 217 -31.22 7.63 17.00
CA HIS A 217 -31.80 7.23 18.28
C HIS A 217 -31.60 5.74 18.59
N LEU A 218 -30.93 5.03 17.68
CA LEU A 218 -30.43 3.68 17.92
C LEU A 218 -29.44 3.65 19.10
N LEU A 219 -29.02 4.83 19.54
CA LEU A 219 -28.12 4.99 20.69
C LEU A 219 -28.68 4.27 21.92
N HIS A 220 -30.00 4.32 22.05
CA HIS A 220 -30.70 3.80 23.23
C HIS A 220 -30.83 2.27 23.16
N ASP A 221 -30.73 1.74 21.95
CA ASP A 221 -30.80 0.32 21.69
C ASP A 221 -29.58 -0.44 22.21
N ASP A 222 -29.71 -1.77 22.36
CA ASP A 222 -28.59 -2.60 22.80
C ASP A 222 -27.40 -2.47 21.86
N ARG A 223 -27.70 -2.08 20.62
CA ARG A 223 -26.69 -1.87 19.60
C ARG A 223 -26.05 -0.48 19.72
N GLY A 224 -26.62 0.34 20.60
CA GLY A 224 -26.18 1.71 20.78
C GLY A 224 -24.70 1.98 20.93
N PRO A 225 -24.01 1.22 21.79
CA PRO A 225 -22.57 1.47 21.97
C PRO A 225 -21.79 1.50 20.65
N VAL A 226 -22.15 0.61 19.72
CA VAL A 226 -21.59 0.62 18.37
C VAL A 226 -21.67 2.00 17.73
N LEU A 227 -22.81 2.67 17.89
CA LEU A 227 -22.94 4.02 17.37
C LEU A 227 -22.06 5.00 18.15
N GLU A 228 -21.97 4.81 19.46
CA GLU A 228 -21.13 5.69 20.28
C GLU A 228 -19.66 5.56 19.89
N ALA A 229 -19.22 4.32 19.66
CA ALA A 229 -17.86 4.03 19.24
C ALA A 229 -17.56 4.68 17.89
N LEU A 230 -18.46 4.48 16.92
CA LEU A 230 -18.31 5.07 15.59
C LEU A 230 -18.03 6.55 15.64
N VAL A 231 -18.89 7.26 16.36
CA VAL A 231 -18.81 8.71 16.39
C VAL A 231 -17.63 9.22 17.21
N ALA A 232 -17.44 8.66 18.40
CA ALA A 232 -16.24 8.99 19.19
C ALA A 232 -14.97 8.78 18.38
N ARG A 233 -14.94 7.71 17.59
CA ARG A 233 -13.77 7.40 16.77
C ARG A 233 -13.61 8.42 15.64
N ALA A 234 -14.68 8.60 14.87
CA ALA A 234 -14.71 9.60 13.81
C ALA A 234 -14.26 10.99 14.27
N ILE A 235 -14.88 11.50 15.35
CA ILE A 235 -14.55 12.81 15.90
C ILE A 235 -13.05 12.92 16.20
N ARG A 236 -12.51 11.92 16.89
CA ARG A 236 -11.09 11.91 17.25
C ARG A 236 -10.20 11.91 16.01
N ASN A 237 -10.54 11.07 15.03
CA ASN A 237 -9.80 10.98 13.78
C ASN A 237 -9.76 12.31 13.04
N ILE A 238 -10.89 13.03 13.06
CA ILE A 238 -10.97 14.35 12.46
C ILE A 238 -9.99 15.31 13.14
N GLU A 239 -9.83 15.17 14.44
CA GLU A 239 -8.88 16.01 15.16
C GLU A 239 -7.47 15.67 14.74
N MET A 240 -7.23 14.39 14.45
CA MET A 240 -5.86 13.97 14.18
C MET A 240 -5.41 14.17 12.75
N THR A 241 -6.36 14.29 11.82
CA THR A 241 -5.99 14.60 10.46
C THR A 241 -6.09 16.11 10.26
N GLN A 242 -6.86 16.75 11.14
CA GLN A 242 -7.17 18.16 11.00
C GLN A 242 -7.84 18.38 9.64
N GLU A 243 -8.71 17.44 9.25
CA GLU A 243 -9.48 17.57 8.04
C GLU A 243 -10.95 17.55 8.40
N ASP A 244 -11.70 18.57 7.98
CA ASP A 244 -13.10 18.69 8.35
C ASP A 244 -13.97 17.55 7.80
N VAL A 245 -14.77 16.95 8.68
CA VAL A 245 -15.81 16.03 8.26
C VAL A 245 -17.12 16.49 8.86
N ARG A 246 -18.13 16.66 8.01
CA ARG A 246 -19.45 17.13 8.45
C ARG A 246 -20.33 15.97 8.93
N LEU A 247 -20.83 16.08 10.16
CA LEU A 247 -21.72 15.09 10.74
C LEU A 247 -23.18 15.51 10.63
N ILE A 248 -24.02 14.65 10.07
CA ILE A 248 -25.46 14.87 10.14
C ILE A 248 -26.15 13.75 10.93
N GLY A 249 -26.89 14.14 11.97
CA GLY A 249 -27.70 13.20 12.71
C GLY A 249 -29.16 13.30 12.30
N LEU A 250 -29.77 12.17 11.98
CA LEU A 250 -31.20 12.13 11.71
C LEU A 250 -31.88 11.31 12.79
N SER A 251 -32.81 11.91 13.50
CA SER A 251 -33.42 11.24 14.64
C SER A 251 -34.94 11.34 14.67
N ALA A 252 -35.57 10.39 15.36
CA ALA A 252 -36.99 10.47 15.65
C ALA A 252 -37.14 11.38 16.85
N THR A 253 -38.35 11.89 17.08
CA THR A 253 -38.56 12.90 18.11
C THR A 253 -38.68 12.27 19.49
N LEU A 254 -37.55 12.09 20.16
CA LEU A 254 -37.53 11.50 21.50
C LEU A 254 -36.74 12.39 22.42
N PRO A 255 -37.04 12.35 23.73
CA PRO A 255 -36.32 13.14 24.73
C PRO A 255 -34.81 12.89 24.72
N ASN A 256 -34.05 13.80 25.32
CA ASN A 256 -32.58 13.77 25.37
C ASN A 256 -31.89 14.16 24.07
N TYR A 257 -32.67 14.49 23.05
CA TYR A 257 -32.14 14.80 21.72
C TYR A 257 -31.04 15.88 21.74
N GLU A 258 -31.20 16.87 22.61
CA GLU A 258 -30.23 17.95 22.72
C GLU A 258 -28.90 17.40 23.21
N ASP A 259 -28.93 16.34 24.01
CA ASP A 259 -27.70 15.73 24.50
C ASP A 259 -27.03 14.99 23.36
N VAL A 260 -27.82 14.53 22.40
CA VAL A 260 -27.28 13.90 21.20
C VAL A 260 -26.65 14.97 20.32
N ALA A 261 -27.26 16.15 20.32
CA ALA A 261 -26.75 17.29 19.57
C ALA A 261 -25.40 17.71 20.11
N THR A 262 -25.20 17.50 21.40
CA THR A 262 -23.94 17.81 22.07
C THR A 262 -22.88 16.81 21.64
N PHE A 263 -23.27 15.54 21.64
CA PHE A 263 -22.47 14.40 21.21
C PHE A 263 -21.94 14.60 19.79
N LEU A 264 -22.79 15.10 18.90
CA LEU A 264 -22.42 15.26 17.49
C LEU A 264 -21.74 16.58 17.19
N ARG A 265 -21.37 17.30 18.24
CA ARG A 265 -20.72 18.60 18.11
C ARG A 265 -21.59 19.59 17.34
N VAL A 266 -22.90 19.53 17.56
CA VAL A 266 -23.84 20.46 16.96
C VAL A 266 -23.97 21.77 17.76
N ASP A 267 -23.92 22.90 17.05
CA ASP A 267 -24.26 24.20 17.62
C ASP A 267 -25.78 24.28 17.73
N PRO A 268 -26.30 24.39 18.98
CA PRO A 268 -27.74 24.44 19.21
C PRO A 268 -28.42 25.56 18.42
N ALA A 269 -27.75 26.70 18.32
CA ALA A 269 -28.33 27.88 17.68
C ALA A 269 -28.40 27.76 16.16
N LYS A 270 -27.46 27.00 15.58
CA LYS A 270 -27.35 26.94 14.12
C LYS A 270 -27.86 25.62 13.52
N GLY A 271 -27.49 24.49 14.14
CA GLY A 271 -27.75 23.19 13.53
C GLY A 271 -28.72 22.23 14.20
N LEU A 272 -29.49 22.71 15.16
CA LEU A 272 -30.46 21.89 15.86
C LEU A 272 -31.87 22.18 15.36
N PHE A 273 -32.58 21.13 14.95
CA PHE A 273 -33.97 21.27 14.52
C PHE A 273 -34.84 20.18 15.13
N TYR A 274 -35.88 20.58 15.84
CA TYR A 274 -36.80 19.66 16.51
C TYR A 274 -38.23 19.94 16.07
N PHE A 275 -38.89 18.92 15.53
CA PHE A 275 -40.27 19.06 15.08
C PHE A 275 -41.18 18.03 15.71
N ASP A 276 -42.16 18.48 16.50
CA ASP A 276 -43.11 17.55 17.14
C ASP A 276 -44.02 16.85 16.13
N ASN A 277 -44.99 16.09 16.63
CA ASN A 277 -45.80 15.21 15.79
C ASN A 277 -46.74 15.91 14.81
N SER A 278 -46.86 17.23 14.94
CA SER A 278 -47.66 18.03 14.01
C SER A 278 -47.07 17.96 12.60
N PHE A 279 -45.77 17.72 12.53
CA PHE A 279 -45.02 17.73 11.27
C PHE A 279 -44.94 16.36 10.64
N ARG A 280 -45.81 15.45 11.06
CA ARG A 280 -45.97 14.16 10.41
C ARG A 280 -46.31 14.39 8.94
N PRO A 281 -45.92 13.45 8.07
CA PRO A 281 -46.35 13.58 6.67
C PRO A 281 -47.88 13.59 6.58
N VAL A 282 -48.50 12.51 7.03
CA VAL A 282 -49.95 12.43 7.14
C VAL A 282 -50.34 12.21 8.59
N PRO A 283 -51.22 13.07 9.13
CA PRO A 283 -51.64 13.04 10.53
C PRO A 283 -52.11 11.65 10.94
N LEU A 284 -51.75 11.22 12.14
CA LEU A 284 -51.96 9.84 12.54
C LEU A 284 -52.90 9.68 13.73
N GLU A 285 -54.02 9.02 13.49
CA GLU A 285 -54.95 8.64 14.55
C GLU A 285 -54.63 7.22 14.97
N GLN A 286 -54.32 7.04 16.25
CA GLN A 286 -53.70 5.80 16.68
C GLN A 286 -54.42 5.09 17.82
N THR A 287 -54.38 3.75 17.80
CA THR A 287 -54.97 2.94 18.85
C THR A 287 -53.97 1.96 19.47
N TYR A 288 -53.90 2.00 20.80
CA TYR A 288 -52.94 1.19 21.56
C TYR A 288 -53.66 0.16 22.42
N VAL A 289 -54.19 -0.88 21.77
CA VAL A 289 -54.92 -1.93 22.48
C VAL A 289 -54.01 -2.82 23.33
N GLY A 290 -54.31 -2.89 24.63
CA GLY A 290 -53.53 -3.70 25.56
C GLY A 290 -54.36 -4.78 26.21
N ILE A 291 -53.89 -6.03 26.12
CA ILE A 291 -54.63 -7.18 26.65
C ILE A 291 -54.31 -7.53 28.11
N THR A 292 -55.33 -7.68 28.93
CA THR A 292 -55.18 -7.93 30.37
C THR A 292 -55.26 -9.43 30.71
N GLU A 293 -55.38 -10.27 29.69
CA GLU A 293 -55.57 -11.71 29.86
C GLU A 293 -54.27 -12.52 29.77
N LYS A 294 -53.95 -13.24 30.84
CA LYS A 294 -52.68 -13.98 30.91
C LYS A 294 -52.76 -15.37 30.29
N LYS A 295 -53.95 -15.96 30.22
CA LYS A 295 -54.13 -17.30 29.68
C LYS A 295 -53.65 -17.38 28.23
N ALA A 296 -52.63 -18.21 28.00
CA ALA A 296 -51.92 -18.23 26.72
C ALA A 296 -52.79 -18.41 25.47
N ILE A 297 -53.52 -19.51 25.41
CA ILE A 297 -54.32 -19.84 24.22
C ILE A 297 -55.42 -18.79 23.98
N LYS A 298 -56.12 -18.43 25.05
CA LYS A 298 -57.20 -17.44 24.98
C LYS A 298 -56.65 -16.05 24.64
N ARG A 299 -55.39 -15.81 24.99
CA ARG A 299 -54.73 -14.53 24.73
C ARG A 299 -54.63 -14.23 23.23
N PHE A 300 -54.34 -15.27 22.44
CA PHE A 300 -54.16 -15.09 21.00
C PHE A 300 -55.48 -15.14 20.23
N GLN A 301 -56.49 -15.75 20.83
CA GLN A 301 -57.83 -15.69 20.25
C GLN A 301 -58.40 -14.29 20.40
N ILE A 302 -58.17 -13.68 21.56
CA ILE A 302 -58.51 -12.28 21.80
C ILE A 302 -57.86 -11.39 20.76
N MET A 303 -56.56 -11.59 20.59
CA MET A 303 -55.76 -10.82 19.65
C MET A 303 -56.29 -10.91 18.21
N ASN A 304 -56.56 -12.13 17.76
CA ASN A 304 -57.08 -12.35 16.41
C ASN A 304 -58.45 -11.72 16.19
N GLU A 305 -59.23 -11.63 17.26
CA GLU A 305 -60.55 -10.99 17.21
C GLU A 305 -60.40 -9.49 17.08
N ILE A 306 -59.32 -8.96 17.63
CA ILE A 306 -59.08 -7.52 17.61
C ILE A 306 -58.66 -7.06 16.22
N VAL A 307 -57.78 -7.84 15.58
CA VAL A 307 -57.32 -7.55 14.23
C VAL A 307 -58.51 -7.51 13.27
N TYR A 308 -59.37 -8.51 13.41
CA TYR A 308 -60.51 -8.71 12.53
C TYR A 308 -61.42 -7.48 12.45
N GLU A 309 -61.82 -6.95 13.60
CA GLU A 309 -62.82 -5.89 13.65
C GLU A 309 -62.29 -4.54 13.18
N LYS A 310 -60.98 -4.34 13.30
CA LYS A 310 -60.39 -3.07 12.90
C LYS A 310 -60.16 -3.04 11.39
N ILE A 311 -59.97 -4.22 10.80
CA ILE A 311 -59.87 -4.33 9.36
C ILE A 311 -61.18 -3.92 8.69
N MET A 312 -62.29 -4.35 9.29
CA MET A 312 -63.60 -4.24 8.66
C MET A 312 -64.18 -2.83 8.70
N GLU A 313 -63.57 -1.96 9.50
CA GLU A 313 -63.95 -0.55 9.50
C GLU A 313 -63.38 0.10 8.24
N HIS A 314 -62.68 -0.72 7.47
CA HIS A 314 -62.19 -0.36 6.15
C HIS A 314 -62.68 -1.43 5.18
N ALA A 315 -63.76 -1.16 4.47
CA ALA A 315 -64.37 -2.17 3.61
C ALA A 315 -63.82 -2.13 2.18
N GLY A 316 -64.11 -1.04 1.48
CA GLY A 316 -63.72 -0.91 0.08
C GLY A 316 -62.36 -0.28 -0.12
N LYS A 317 -62.34 1.02 -0.37
CA LYS A 317 -61.10 1.69 -0.76
C LYS A 317 -60.22 2.07 0.43
N ASN A 318 -59.74 1.07 1.16
CA ASN A 318 -58.79 1.31 2.24
C ASN A 318 -57.89 0.11 2.51
N GLN A 319 -56.58 0.35 2.45
CA GLN A 319 -55.59 -0.72 2.61
C GLN A 319 -55.10 -0.84 4.06
N VAL A 320 -54.84 -2.07 4.48
CA VAL A 320 -54.34 -2.34 5.83
C VAL A 320 -53.08 -3.20 5.80
N LEU A 321 -52.03 -2.73 6.45
CA LEU A 321 -50.81 -3.51 6.63
C LEU A 321 -50.78 -4.16 8.02
N VAL A 322 -50.56 -5.47 8.05
CA VAL A 322 -50.53 -6.19 9.32
C VAL A 322 -49.13 -6.71 9.63
N PHE A 323 -48.40 -6.01 10.50
CA PHE A 323 -47.05 -6.43 10.84
C PHE A 323 -47.01 -7.50 11.93
N VAL A 324 -46.34 -8.60 11.63
CA VAL A 324 -46.07 -9.62 12.65
C VAL A 324 -44.58 -9.96 12.70
N HIS A 325 -44.23 -10.91 13.56
CA HIS A 325 -42.84 -11.08 13.95
C HIS A 325 -42.31 -12.50 13.76
N SER A 326 -42.82 -13.19 12.74
CA SER A 326 -42.31 -14.51 12.38
C SER A 326 -42.53 -14.76 10.89
N ARG A 327 -41.46 -15.18 10.21
CA ARG A 327 -41.48 -15.49 8.77
C ARG A 327 -42.72 -16.30 8.34
N LYS A 328 -43.25 -17.09 9.27
CA LYS A 328 -44.34 -18.02 8.99
C LYS A 328 -45.66 -17.57 9.63
N GLU A 329 -45.59 -16.65 10.60
CA GLU A 329 -46.79 -16.14 11.27
C GLU A 329 -47.60 -15.29 10.30
N THR A 330 -46.92 -14.86 9.24
CA THR A 330 -47.53 -14.10 8.16
C THR A 330 -48.73 -14.84 7.58
N GLY A 331 -48.54 -16.14 7.36
CA GLY A 331 -49.59 -16.97 6.80
C GLY A 331 -50.65 -17.38 7.81
N LYS A 332 -50.22 -17.76 9.02
CA LYS A 332 -51.12 -18.21 10.07
C LYS A 332 -51.94 -17.06 10.68
N THR A 333 -51.81 -15.87 10.09
CA THR A 333 -52.60 -14.73 10.49
C THR A 333 -53.49 -14.32 9.31
N ALA A 334 -52.95 -14.45 8.11
CA ALA A 334 -53.68 -14.11 6.88
C ALA A 334 -54.83 -15.07 6.65
N ARG A 335 -54.54 -16.36 6.82
CA ARG A 335 -55.56 -17.39 6.68
C ARG A 335 -56.46 -17.41 7.92
N ALA A 336 -55.99 -16.83 9.01
CA ALA A 336 -56.76 -16.79 10.26
C ALA A 336 -57.86 -15.73 10.21
N ILE A 337 -57.53 -14.57 9.67
CA ILE A 337 -58.49 -13.51 9.46
C ILE A 337 -59.42 -13.91 8.32
N ARG A 338 -58.89 -14.69 7.39
CA ARG A 338 -59.69 -15.27 6.32
C ARG A 338 -60.68 -16.28 6.91
N ASP A 339 -60.26 -16.96 7.97
CA ASP A 339 -61.11 -17.89 8.70
C ASP A 339 -62.10 -17.14 9.59
N MET A 340 -61.70 -15.96 10.03
CA MET A 340 -62.51 -15.15 10.94
C MET A 340 -63.62 -14.42 10.18
N CYS A 341 -63.32 -14.04 8.94
CA CYS A 341 -64.23 -13.25 8.12
C CYS A 341 -65.30 -14.11 7.45
N LEU A 342 -64.89 -15.24 6.87
CA LEU A 342 -65.82 -16.11 6.18
C LEU A 342 -66.81 -16.77 7.14
N GLU A 343 -66.30 -17.17 8.31
CA GLU A 343 -67.10 -17.80 9.35
C GLU A 343 -68.29 -16.95 9.83
N LYS A 344 -68.05 -15.68 10.13
CA LYS A 344 -69.13 -14.78 10.55
C LYS A 344 -69.87 -14.20 9.35
N ASP A 345 -70.57 -15.07 8.63
CA ASP A 345 -71.35 -14.71 7.45
C ASP A 345 -70.53 -13.94 6.41
N THR A 346 -69.54 -14.61 5.84
CA THR A 346 -68.61 -14.07 4.83
C THR A 346 -68.34 -12.57 5.03
N LEU A 347 -68.01 -12.23 6.27
CA LEU A 347 -68.05 -10.86 6.78
C LEU A 347 -67.31 -9.82 5.94
N GLY A 348 -68.08 -8.90 5.38
CA GLY A 348 -67.54 -7.79 4.61
C GLY A 348 -66.72 -8.21 3.41
N LEU A 349 -66.89 -9.46 2.96
CA LEU A 349 -66.18 -9.95 1.79
C LEU A 349 -66.54 -9.12 0.56
N PHE A 350 -65.89 -9.41 -0.56
CA PHE A 350 -65.70 -8.42 -1.61
C PHE A 350 -65.05 -7.22 -0.92
N LEU A 351 -63.95 -7.48 -0.22
CA LEU A 351 -63.08 -6.43 0.29
C LEU A 351 -62.78 -5.54 -0.90
N ARG A 352 -62.35 -6.19 -1.97
CA ARG A 352 -62.35 -5.60 -3.30
C ARG A 352 -63.80 -5.48 -3.72
N GLU A 353 -64.39 -4.29 -3.55
CA GLU A 353 -65.79 -4.08 -3.90
C GLU A 353 -65.98 -4.03 -5.42
N GLY A 354 -65.24 -4.89 -6.11
CA GLY A 354 -65.41 -5.11 -7.52
C GLY A 354 -65.80 -6.56 -7.70
N SER A 355 -67.08 -6.85 -7.48
CA SER A 355 -67.62 -8.18 -7.71
C SER A 355 -67.40 -8.55 -9.17
N ALA A 356 -67.39 -7.53 -10.03
CA ALA A 356 -67.14 -7.72 -11.45
C ALA A 356 -65.74 -7.28 -11.84
N SER A 357 -64.75 -7.74 -11.08
CA SER A 357 -63.34 -7.57 -11.41
C SER A 357 -62.81 -6.14 -11.56
N THR A 358 -63.03 -5.31 -10.54
CA THR A 358 -62.37 -4.01 -10.51
C THR A 358 -60.87 -4.26 -10.33
N GLU A 359 -60.56 -5.15 -9.40
CA GLU A 359 -59.18 -5.55 -9.16
C GLU A 359 -59.08 -7.07 -9.07
N VAL A 360 -60.15 -7.76 -9.47
CA VAL A 360 -60.13 -9.21 -9.50
C VAL A 360 -59.50 -9.71 -10.78
N LEU A 361 -59.70 -8.99 -11.87
CA LEU A 361 -59.15 -9.39 -13.17
C LEU A 361 -57.63 -9.24 -13.18
N ARG A 362 -57.13 -8.29 -12.38
CA ARG A 362 -55.69 -8.08 -12.26
C ARG A 362 -55.06 -8.99 -11.19
N THR A 363 -55.89 -9.46 -10.26
CA THR A 363 -55.40 -10.29 -9.16
C THR A 363 -55.50 -11.78 -9.50
N GLU A 364 -56.25 -12.11 -10.54
CA GLU A 364 -56.35 -13.48 -11.00
C GLU A 364 -55.43 -13.68 -12.20
N ALA A 365 -54.96 -12.57 -12.77
CA ALA A 365 -54.05 -12.61 -13.92
C ALA A 365 -52.60 -12.81 -13.49
N GLU A 366 -52.27 -12.34 -12.29
CA GLU A 366 -50.94 -12.53 -11.73
C GLU A 366 -50.97 -13.65 -10.69
N GLN A 367 -51.99 -14.51 -10.81
CA GLN A 367 -52.29 -15.51 -9.80
C GLN A 367 -51.29 -16.67 -9.78
N CYS A 368 -50.59 -16.89 -10.88
CA CYS A 368 -49.67 -18.03 -10.98
C CYS A 368 -48.33 -17.78 -10.31
N LYS A 369 -48.35 -17.10 -9.16
CA LYS A 369 -47.18 -16.96 -8.30
C LYS A 369 -47.35 -17.82 -7.04
N ASN A 370 -46.22 -18.20 -6.44
CA ASN A 370 -46.18 -19.40 -5.58
C ASN A 370 -46.83 -19.44 -4.19
N LEU A 371 -46.92 -20.68 -3.69
CA LEU A 371 -47.59 -21.07 -2.44
C LEU A 371 -48.75 -20.22 -1.92
N GLU A 372 -48.55 -19.61 -0.75
CA GLU A 372 -49.61 -18.92 -0.04
C GLU A 372 -50.16 -17.74 -0.81
N LEU A 373 -49.34 -17.15 -1.67
CA LEU A 373 -49.74 -16.00 -2.47
C LEU A 373 -50.89 -16.37 -3.39
N LYS A 374 -50.70 -17.42 -4.17
CA LYS A 374 -51.72 -17.96 -5.06
C LYS A 374 -53.04 -18.22 -4.33
N ASP A 375 -52.93 -18.70 -3.10
CA ASP A 375 -54.10 -18.99 -2.27
C ASP A 375 -54.91 -17.74 -1.95
N LEU A 376 -54.22 -16.68 -1.53
CA LEU A 376 -54.87 -15.46 -1.07
C LEU A 376 -55.12 -14.43 -2.20
N LEU A 377 -54.44 -14.60 -3.33
CA LEU A 377 -54.52 -13.66 -4.45
C LEU A 377 -55.90 -13.39 -5.09
N PRO A 378 -56.72 -14.43 -5.35
CA PRO A 378 -58.01 -14.20 -5.99
C PRO A 378 -58.87 -13.10 -5.36
N TYR A 379 -58.71 -12.88 -4.06
CA TYR A 379 -59.39 -11.77 -3.39
C TYR A 379 -58.38 -10.72 -2.92
N GLY A 380 -58.67 -10.07 -1.80
CA GLY A 380 -57.87 -8.93 -1.38
C GLY A 380 -56.65 -9.22 -0.53
N PHE A 381 -56.49 -10.47 -0.14
CA PHE A 381 -55.40 -10.86 0.77
C PHE A 381 -54.08 -11.15 0.08
N ALA A 382 -52.98 -10.69 0.67
CA ALA A 382 -51.65 -11.06 0.21
C ALA A 382 -50.67 -11.14 1.38
N ILE A 383 -49.44 -11.56 1.08
CA ILE A 383 -48.42 -11.82 2.10
C ILE A 383 -47.03 -11.41 1.63
N HIS A 384 -46.15 -11.11 2.58
CA HIS A 384 -44.81 -10.62 2.25
C HIS A 384 -43.82 -10.90 3.39
N HIS A 385 -42.72 -11.55 3.05
CA HIS A 385 -41.69 -11.89 4.03
C HIS A 385 -40.36 -12.15 3.33
N ALA A 386 -39.29 -12.19 4.11
CA ALA A 386 -37.97 -12.43 3.57
C ALA A 386 -37.70 -13.93 3.47
N GLY A 387 -38.70 -14.74 3.81
CA GLY A 387 -38.58 -16.19 3.78
C GLY A 387 -38.28 -16.73 2.39
N MET A 388 -37.16 -16.28 1.83
CA MET A 388 -36.68 -16.64 0.49
C MET A 388 -37.81 -16.74 -0.55
N THR A 389 -38.74 -15.79 -0.48
CA THR A 389 -39.87 -15.76 -1.41
C THR A 389 -39.45 -15.10 -2.72
N ARG A 390 -38.36 -14.33 -2.66
CA ARG A 390 -37.73 -13.76 -3.85
C ARG A 390 -38.67 -12.86 -4.67
N VAL A 391 -38.64 -13.03 -6.00
CA VAL A 391 -39.27 -12.09 -6.92
C VAL A 391 -40.80 -11.98 -6.78
N ASP A 392 -41.41 -12.92 -6.09
CA ASP A 392 -42.84 -12.82 -5.79
C ASP A 392 -43.11 -11.60 -4.94
N ARG A 393 -42.34 -11.47 -3.86
CA ARG A 393 -42.54 -10.38 -2.90
C ARG A 393 -42.33 -9.00 -3.53
N THR A 394 -41.60 -8.96 -4.64
CA THR A 394 -41.38 -7.70 -5.35
C THR A 394 -42.54 -7.39 -6.30
N LEU A 395 -43.27 -8.42 -6.69
CA LEU A 395 -44.47 -8.22 -7.50
C LEU A 395 -45.72 -8.17 -6.63
N VAL A 396 -45.56 -8.44 -5.34
CA VAL A 396 -46.59 -8.16 -4.36
C VAL A 396 -46.51 -6.68 -4.03
N GLU A 397 -45.28 -6.17 -4.03
CA GLU A 397 -45.03 -4.74 -3.88
C GLU A 397 -45.72 -3.97 -5.01
N ASP A 398 -45.74 -4.57 -6.20
CA ASP A 398 -46.41 -3.99 -7.36
C ASP A 398 -47.90 -3.80 -7.12
N LEU A 399 -48.60 -4.90 -6.91
CA LEU A 399 -50.05 -4.90 -6.79
C LEU A 399 -50.56 -4.11 -5.59
N PHE A 400 -49.76 -4.07 -4.52
CA PHE A 400 -50.14 -3.31 -3.34
C PHE A 400 -49.94 -1.82 -3.57
N ALA A 401 -49.02 -1.49 -4.48
CA ALA A 401 -48.77 -0.10 -4.87
C ALA A 401 -49.95 0.45 -5.67
N ASP A 402 -50.42 -0.35 -6.62
CA ASP A 402 -51.57 0.02 -7.43
C ASP A 402 -52.87 -0.32 -6.71
N LYS A 403 -52.81 -0.27 -5.38
CA LYS A 403 -53.94 -0.55 -4.48
C LYS A 403 -54.93 -1.65 -4.90
N HIS A 404 -54.43 -2.72 -5.52
CA HIS A 404 -55.27 -3.86 -5.86
C HIS A 404 -55.47 -4.74 -4.65
N ILE A 405 -54.36 -5.14 -4.05
CA ILE A 405 -54.37 -5.93 -2.83
C ILE A 405 -54.89 -5.10 -1.67
N GLN A 406 -55.87 -5.62 -0.95
CA GLN A 406 -56.47 -4.87 0.13
C GLN A 406 -55.79 -5.11 1.46
N VAL A 407 -55.56 -6.37 1.81
CA VAL A 407 -54.91 -6.69 3.07
C VAL A 407 -53.58 -7.42 2.86
N LEU A 408 -52.52 -6.86 3.44
CA LEU A 408 -51.21 -7.50 3.40
C LEU A 408 -50.68 -7.64 4.81
N VAL A 409 -50.29 -8.86 5.17
CA VAL A 409 -49.61 -9.11 6.43
C VAL A 409 -48.15 -9.43 6.12
N SER A 410 -47.24 -8.71 6.78
CA SER A 410 -45.83 -8.75 6.42
C SER A 410 -44.92 -8.76 7.64
N THR A 411 -43.69 -9.20 7.45
CA THR A 411 -42.66 -9.13 8.49
C THR A 411 -42.11 -7.70 8.58
N ALA A 412 -41.31 -7.43 9.60
CA ALA A 412 -40.73 -6.10 9.79
C ALA A 412 -39.84 -5.69 8.62
N THR A 413 -39.36 -6.68 7.88
CA THR A 413 -38.46 -6.45 6.76
C THR A 413 -39.02 -5.48 5.73
N LEU A 414 -40.31 -5.59 5.43
CA LEU A 414 -40.97 -4.71 4.46
C LEU A 414 -40.96 -3.26 4.90
N ALA A 415 -41.14 -3.03 6.21
CA ALA A 415 -41.18 -1.69 6.76
C ALA A 415 -39.88 -0.92 6.53
N TRP A 416 -38.75 -1.61 6.61
CA TRP A 416 -37.47 -1.01 6.35
C TRP A 416 -37.11 -1.12 4.87
N GLY A 417 -37.51 -2.23 4.27
CA GLY A 417 -37.01 -2.63 2.96
C GLY A 417 -37.50 -1.90 1.73
N VAL A 418 -38.77 -1.50 1.72
CA VAL A 418 -39.34 -0.84 0.56
C VAL A 418 -40.21 0.34 0.97
N ASN A 419 -40.50 1.22 0.02
CA ASN A 419 -41.36 2.38 0.30
C ASN A 419 -42.80 2.16 -0.15
N LEU A 420 -43.55 1.39 0.64
CA LEU A 420 -45.00 1.34 0.48
C LEU A 420 -45.71 1.53 1.81
N PRO A 421 -46.48 2.63 1.93
CA PRO A 421 -47.31 2.92 3.10
C PRO A 421 -48.78 2.56 2.85
N ALA A 422 -49.43 2.05 3.88
CA ALA A 422 -50.86 1.79 3.80
C ALA A 422 -51.59 2.89 4.56
N HIS A 423 -52.87 3.08 4.25
CA HIS A 423 -53.69 4.07 4.95
C HIS A 423 -53.70 3.78 6.44
N THR A 424 -53.93 2.52 6.80
CA THR A 424 -53.91 2.10 8.20
C THR A 424 -52.95 0.92 8.40
N VAL A 425 -52.17 0.98 9.48
CA VAL A 425 -51.32 -0.16 9.82
C VAL A 425 -51.64 -0.74 11.19
N ILE A 426 -51.66 -2.07 11.25
CA ILE A 426 -51.87 -2.78 12.52
C ILE A 426 -50.65 -3.64 12.89
N ILE A 427 -50.17 -3.45 14.11
CA ILE A 427 -49.04 -4.21 14.64
C ILE A 427 -49.54 -5.15 15.73
N LYS A 428 -49.36 -6.45 15.51
CA LYS A 428 -49.95 -7.48 16.35
C LYS A 428 -48.96 -8.11 17.32
N GLY A 429 -49.17 -7.89 18.62
CA GLY A 429 -48.46 -8.61 19.66
C GLY A 429 -47.29 -7.91 20.33
N THR A 430 -46.35 -7.42 19.53
CA THR A 430 -45.08 -6.83 19.98
C THR A 430 -44.05 -7.81 20.56
N GLN A 431 -44.43 -9.08 20.74
CA GLN A 431 -43.48 -10.08 21.23
C GLN A 431 -42.55 -10.54 20.09
N VAL A 432 -41.27 -10.74 20.43
CA VAL A 432 -40.27 -11.11 19.45
C VAL A 432 -39.27 -12.10 20.05
N TYR A 433 -38.94 -13.17 19.33
CA TYR A 433 -37.92 -14.08 19.81
C TYR A 433 -36.49 -13.56 19.55
N SER A 434 -35.71 -13.49 20.61
CA SER A 434 -34.34 -12.98 20.54
C SER A 434 -33.31 -14.08 20.82
N PRO A 435 -32.66 -14.58 19.76
CA PRO A 435 -31.71 -15.69 19.87
C PRO A 435 -30.55 -15.39 20.81
N GLU A 436 -30.09 -14.14 20.83
CA GLU A 436 -28.96 -13.77 21.68
C GLU A 436 -29.32 -13.83 23.18
N LYS A 437 -30.56 -13.45 23.51
CA LYS A 437 -31.02 -13.47 24.89
C LYS A 437 -31.59 -14.85 25.26
N GLY A 438 -31.75 -15.70 24.26
CA GLY A 438 -32.21 -17.06 24.46
C GLY A 438 -33.66 -17.16 24.89
N ARG A 439 -34.48 -16.23 24.43
CA ARG A 439 -35.87 -16.13 24.89
C ARG A 439 -36.66 -15.10 24.11
N TRP A 440 -37.90 -14.88 24.53
CA TRP A 440 -38.73 -13.84 23.94
C TRP A 440 -38.54 -12.55 24.73
N THR A 441 -38.56 -11.43 24.02
CA THR A 441 -38.54 -10.12 24.67
C THR A 441 -39.47 -9.16 23.93
N GLU A 442 -39.61 -7.95 24.50
CA GLU A 442 -40.41 -6.90 23.87
C GLU A 442 -39.59 -6.23 22.77
N LEU A 443 -40.19 -6.03 21.61
CA LEU A 443 -39.42 -5.68 20.42
C LEU A 443 -38.85 -4.25 20.37
N GLY A 444 -37.89 -4.05 19.47
CA GLY A 444 -37.14 -2.81 19.38
C GLY A 444 -37.94 -1.56 19.06
N ALA A 445 -37.68 -0.52 19.83
CA ALA A 445 -38.22 0.82 19.57
C ALA A 445 -37.98 1.25 18.12
N LEU A 446 -36.76 0.98 17.64
CA LEU A 446 -36.42 1.19 16.23
C LEU A 446 -37.44 0.57 15.27
N ASP A 447 -37.74 -0.72 15.49
CA ASP A 447 -38.67 -1.46 14.64
C ASP A 447 -40.08 -0.85 14.62
N ILE A 448 -40.63 -0.62 15.82
CA ILE A 448 -41.97 -0.05 15.93
C ILE A 448 -42.09 1.28 15.22
N LEU A 449 -41.19 2.20 15.56
CA LEU A 449 -41.24 3.54 15.02
C LEU A 449 -41.28 3.52 13.50
N GLN A 450 -40.44 2.69 12.91
CA GLN A 450 -40.37 2.58 11.45
C GLN A 450 -41.67 2.08 10.80
N MET A 451 -42.24 1.01 11.34
CA MET A 451 -43.42 0.44 10.72
C MET A 451 -44.71 1.24 10.97
N LEU A 452 -44.83 1.81 12.17
CA LEU A 452 -45.97 2.68 12.48
C LEU A 452 -45.94 3.93 11.61
N GLY A 453 -44.74 4.33 11.20
CA GLY A 453 -44.55 5.47 10.33
C GLY A 453 -44.81 5.13 8.88
N ARG A 454 -45.36 3.95 8.63
CA ARG A 454 -45.82 3.56 7.30
C ARG A 454 -47.33 3.74 7.19
N ALA A 455 -47.90 4.43 8.19
CA ALA A 455 -49.33 4.70 8.23
C ALA A 455 -49.65 6.03 7.59
N GLY A 456 -50.59 6.02 6.65
CA GLY A 456 -50.96 7.22 5.90
C GLY A 456 -50.08 7.43 4.67
N ARG A 457 -50.63 7.13 3.49
CA ARG A 457 -49.92 7.39 2.25
C ARG A 457 -49.80 8.90 2.06
N PRO A 458 -48.59 9.38 1.74
CA PRO A 458 -48.34 10.84 1.64
C PRO A 458 -49.16 11.53 0.54
N GLN A 459 -49.50 10.80 -0.51
CA GLN A 459 -50.19 11.40 -1.66
C GLN A 459 -51.66 11.02 -1.74
N TYR A 460 -52.00 9.82 -1.26
CA TYR A 460 -53.35 9.29 -1.40
C TYR A 460 -54.17 9.32 -0.12
N ASP A 461 -53.65 9.94 0.93
CA ASP A 461 -54.36 9.94 2.22
C ASP A 461 -54.26 11.26 2.97
N THR A 462 -55.32 11.59 3.71
CA THR A 462 -55.36 12.79 4.54
C THR A 462 -55.24 12.40 6.01
N LYS A 463 -55.46 11.12 6.29
CA LYS A 463 -55.38 10.61 7.64
C LYS A 463 -54.91 9.15 7.59
N GLY A 464 -54.28 8.71 8.68
CA GLY A 464 -53.84 7.34 8.82
C GLY A 464 -54.30 6.77 10.15
N GLU A 465 -54.54 5.47 10.18
CA GLU A 465 -54.92 4.80 11.41
C GLU A 465 -53.77 3.93 11.88
N GLY A 466 -53.38 4.06 13.14
CA GLY A 466 -52.28 3.29 13.67
C GLY A 466 -52.68 2.42 14.84
N ILE A 467 -52.90 1.14 14.59
CA ILE A 467 -53.29 0.24 15.66
C ILE A 467 -52.10 -0.58 16.15
N LEU A 468 -51.77 -0.41 17.42
CA LEU A 468 -50.69 -1.17 18.03
C LEU A 468 -51.21 -2.11 19.09
N ILE A 469 -51.33 -3.39 18.75
CA ILE A 469 -51.78 -4.40 19.70
C ILE A 469 -50.61 -4.95 20.51
N THR A 470 -50.77 -4.95 21.82
CA THR A 470 -49.72 -5.41 22.72
C THR A 470 -50.35 -5.88 24.02
N SER A 471 -49.50 -6.26 24.99
CA SER A 471 -50.01 -6.64 26.30
C SER A 471 -50.21 -5.40 27.16
N HIS A 472 -51.33 -5.38 27.88
CA HIS A 472 -51.70 -4.24 28.70
C HIS A 472 -50.63 -3.96 29.75
N GLY A 473 -50.25 -5.01 30.48
CA GLY A 473 -49.32 -4.90 31.58
C GLY A 473 -48.04 -4.20 31.17
N GLU A 474 -47.52 -3.36 32.06
CA GLU A 474 -46.24 -2.69 31.88
C GLU A 474 -46.10 -1.80 30.64
N LEU A 475 -47.06 -1.90 29.70
CA LEU A 475 -46.86 -1.27 28.39
C LEU A 475 -47.72 -0.03 28.08
N GLN A 476 -47.29 1.10 28.64
CA GLN A 476 -47.62 2.41 28.10
C GLN A 476 -46.25 2.93 27.65
N TYR A 477 -45.27 2.05 27.80
CA TYR A 477 -43.95 2.19 27.19
C TYR A 477 -44.15 2.63 25.75
N TYR A 478 -45.03 1.94 25.05
CA TYR A 478 -45.26 2.20 23.63
C TYR A 478 -45.94 3.54 23.35
N LEU A 479 -46.80 3.95 24.27
CA LEU A 479 -47.43 5.27 24.18
C LEU A 479 -46.40 6.38 24.27
N SER A 480 -45.48 6.27 25.22
CA SER A 480 -44.45 7.28 25.40
C SER A 480 -43.41 7.20 24.29
N LEU A 481 -43.23 6.02 23.73
CA LEU A 481 -42.35 5.85 22.59
C LEU A 481 -42.92 6.59 21.38
N LEU A 482 -44.21 6.40 21.14
CA LEU A 482 -44.85 6.91 19.92
C LEU A 482 -45.38 8.35 20.07
N ASN A 483 -45.12 8.95 21.24
CA ASN A 483 -45.60 10.30 21.52
C ASN A 483 -44.57 11.24 22.12
N GLN A 484 -43.34 11.11 21.64
CA GLN A 484 -42.25 12.02 21.98
C GLN A 484 -41.86 11.99 23.45
N GLN A 485 -41.84 10.81 24.07
CA GLN A 485 -41.58 10.77 25.51
C GLN A 485 -40.55 9.76 26.05
N LEU A 486 -40.24 8.72 25.29
CA LEU A 486 -39.25 7.73 25.72
C LEU A 486 -37.82 8.24 25.49
N PRO A 487 -37.11 8.59 26.56
CA PRO A 487 -35.78 9.21 26.45
C PRO A 487 -34.74 8.30 25.79
N ILE A 488 -33.66 8.91 25.29
CA ILE A 488 -32.54 8.20 24.70
C ILE A 488 -31.38 8.15 25.68
N GLU A 489 -30.95 6.95 26.02
CA GLU A 489 -29.88 6.77 27.00
C GLU A 489 -28.62 6.12 26.41
N SER A 490 -27.60 6.04 27.25
CA SER A 490 -26.35 5.43 26.86
C SER A 490 -26.26 4.00 27.39
N GLN A 491 -25.98 3.06 26.50
CA GLN A 491 -25.83 1.67 26.89
C GLN A 491 -24.37 1.28 27.01
N MET A 492 -23.49 2.28 26.97
CA MET A 492 -22.04 2.04 26.88
C MET A 492 -21.48 1.07 27.91
N VAL A 493 -22.05 1.05 29.11
CA VAL A 493 -21.52 0.16 30.14
C VAL A 493 -21.65 -1.32 29.75
N SER A 494 -22.72 -1.67 29.02
CA SER A 494 -22.94 -3.04 28.53
C SER A 494 -21.75 -3.59 27.78
N LYS A 495 -21.22 -2.76 26.87
CA LYS A 495 -20.18 -3.19 25.95
C LYS A 495 -18.87 -2.47 26.19
N LEU A 496 -18.65 -2.00 27.43
CA LEU A 496 -17.47 -1.19 27.75
C LEU A 496 -16.13 -1.89 27.48
N PRO A 497 -15.92 -3.10 28.02
CA PRO A 497 -14.62 -3.75 27.79
C PRO A 497 -14.33 -4.07 26.31
N ASP A 498 -15.35 -4.42 25.54
CA ASP A 498 -15.12 -4.72 24.13
C ASP A 498 -14.79 -3.43 23.37
N MET A 499 -15.41 -2.31 23.76
CA MET A 499 -15.11 -1.03 23.12
C MET A 499 -13.71 -0.47 23.48
N LEU A 500 -13.36 -0.56 24.76
CA LEU A 500 -12.02 -0.19 25.25
C LEU A 500 -10.95 -0.88 24.43
N ASN A 501 -11.14 -2.17 24.20
CA ASN A 501 -10.16 -2.99 23.51
C ASN A 501 -9.96 -2.54 22.07
N ALA A 502 -11.05 -2.23 21.38
CA ALA A 502 -10.94 -1.74 20.01
C ALA A 502 -10.07 -0.49 19.94
N GLU A 503 -10.20 0.37 20.95
CA GLU A 503 -9.48 1.63 20.94
C GLU A 503 -8.02 1.42 21.35
N ILE A 504 -7.78 0.47 22.25
CA ILE A 504 -6.40 0.10 22.56
C ILE A 504 -5.66 -0.47 21.33
N VAL A 505 -6.30 -1.41 20.64
CA VAL A 505 -5.70 -2.05 19.48
C VAL A 505 -5.39 -1.02 18.40
N LEU A 506 -6.29 -0.06 18.23
CA LEU A 506 -6.11 1.00 17.24
C LEU A 506 -4.93 1.95 17.50
N GLY A 507 -4.46 1.99 18.76
CA GLY A 507 -3.42 2.91 19.15
C GLY A 507 -3.97 4.25 19.64
N ASN A 508 -5.30 4.36 19.66
CA ASN A 508 -5.96 5.58 20.11
C ASN A 508 -5.88 5.78 21.62
N VAL A 509 -5.86 4.70 22.39
CA VAL A 509 -5.61 4.80 23.83
C VAL A 509 -4.50 3.84 24.24
N GLN A 510 -3.49 4.39 24.92
CA GLN A 510 -2.28 3.65 25.27
C GLN A 510 -2.22 3.35 26.76
N ASN A 511 -3.16 3.91 27.51
CA ASN A 511 -3.14 3.81 28.96
C ASN A 511 -4.46 4.26 29.55
N ALA A 512 -4.60 4.07 30.86
CA ALA A 512 -5.82 4.41 31.57
C ALA A 512 -6.21 5.88 31.41
N LYS A 513 -5.20 6.77 31.52
CA LYS A 513 -5.40 8.20 31.32
C LYS A 513 -6.12 8.52 30.01
N ASP A 514 -5.58 8.02 28.88
CA ASP A 514 -6.21 8.22 27.58
C ASP A 514 -7.57 7.56 27.54
N ALA A 515 -7.74 6.51 28.34
CA ALA A 515 -9.00 5.79 28.32
C ALA A 515 -10.11 6.64 28.93
N VAL A 516 -9.84 7.35 30.02
CA VAL A 516 -10.89 8.21 30.57
C VAL A 516 -11.17 9.37 29.61
N ASN A 517 -10.13 9.87 28.96
CA ASN A 517 -10.35 10.86 27.92
C ASN A 517 -11.29 10.35 26.82
N TRP A 518 -11.04 9.13 26.33
CA TRP A 518 -11.91 8.48 25.35
C TRP A 518 -13.37 8.49 25.82
N LEU A 519 -13.62 8.01 27.04
CA LEU A 519 -14.94 8.05 27.65
C LEU A 519 -15.58 9.45 27.57
N GLY A 520 -14.73 10.47 27.67
CA GLY A 520 -15.16 11.85 27.58
C GLY A 520 -15.77 12.20 26.23
N TYR A 521 -15.44 11.41 25.20
CA TYR A 521 -15.97 11.65 23.86
C TYR A 521 -17.25 10.88 23.63
N ALA A 522 -17.56 9.97 24.53
CA ALA A 522 -18.76 9.14 24.39
C ALA A 522 -20.04 9.88 24.79
N TYR A 523 -21.19 9.30 24.43
CA TYR A 523 -22.50 9.80 24.77
C TYR A 523 -22.79 9.56 26.25
N LEU A 524 -22.20 8.49 26.77
CA LEU A 524 -22.25 8.12 28.18
C LEU A 524 -21.88 9.28 29.10
N TYR A 525 -20.80 9.98 28.75
CA TYR A 525 -20.29 11.11 29.52
C TYR A 525 -21.35 12.19 29.72
N ILE A 526 -21.86 12.70 28.61
CA ILE A 526 -22.90 13.71 28.60
C ILE A 526 -24.08 13.31 29.46
N ARG A 527 -24.55 12.07 29.28
CA ARG A 527 -25.69 11.57 30.03
C ARG A 527 -25.40 11.43 31.53
N MET A 528 -24.20 10.98 31.88
CA MET A 528 -23.81 10.90 33.28
C MET A 528 -23.77 12.30 33.94
N LEU A 529 -23.47 13.33 33.15
CA LEU A 529 -23.42 14.71 33.65
C LEU A 529 -24.80 15.31 33.82
N ARG A 530 -25.70 14.94 32.92
CA ARG A 530 -27.02 15.55 32.83
C ARG A 530 -28.09 14.79 33.60
N SER A 531 -27.76 13.57 34.02
CA SER A 531 -28.71 12.72 34.75
C SER A 531 -27.99 11.76 35.69
N PRO A 532 -27.09 12.28 36.54
CA PRO A 532 -26.18 11.39 37.30
C PRO A 532 -26.90 10.30 38.10
N THR A 533 -28.12 10.62 38.51
CA THR A 533 -28.93 9.73 39.33
C THR A 533 -29.34 8.45 38.58
N LEU A 534 -29.65 8.60 37.29
CA LEU A 534 -29.95 7.46 36.44
C LEU A 534 -28.75 6.52 36.37
N TYR A 535 -27.56 7.11 36.33
CA TYR A 535 -26.33 6.36 36.05
C TYR A 535 -25.54 6.00 37.32
N GLY A 536 -26.19 6.06 38.47
CA GLY A 536 -25.59 5.64 39.73
C GLY A 536 -24.56 6.59 40.32
N ILE A 537 -24.71 7.88 40.04
CA ILE A 537 -23.84 8.91 40.62
C ILE A 537 -24.63 9.89 41.47
N SER A 538 -24.13 10.19 42.66
CA SER A 538 -24.83 11.13 43.53
C SER A 538 -24.43 12.59 43.26
N HIS A 539 -25.37 13.51 43.52
CA HIS A 539 -25.17 14.92 43.24
C HIS A 539 -23.98 15.52 43.98
N ASP A 540 -23.59 14.88 45.08
CA ASP A 540 -22.48 15.36 45.88
C ASP A 540 -21.15 14.99 45.23
N ASP A 541 -21.10 13.79 44.64
CA ASP A 541 -19.95 13.37 43.88
C ASP A 541 -19.79 14.30 42.69
N LEU A 542 -20.88 14.53 41.98
CA LEU A 542 -20.87 15.41 40.81
C LEU A 542 -20.42 16.83 41.15
N LYS A 543 -20.81 17.33 42.32
CA LYS A 543 -20.50 18.70 42.72
C LYS A 543 -19.00 18.90 42.95
N GLY A 544 -18.35 17.91 43.58
CA GLY A 544 -16.93 17.99 43.88
C GLY A 544 -16.07 17.37 42.79
N ASP A 545 -16.72 16.94 41.71
CA ASP A 545 -16.03 16.30 40.61
C ASP A 545 -16.91 16.40 39.36
N PRO A 546 -17.07 17.63 38.84
CA PRO A 546 -17.98 17.89 37.72
C PRO A 546 -17.57 17.22 36.41
N LEU A 547 -16.32 16.83 36.25
CA LEU A 547 -15.93 16.19 35.01
C LEU A 547 -15.97 14.67 35.09
N LEU A 548 -16.39 14.16 36.25
CA LEU A 548 -16.53 12.73 36.47
C LEU A 548 -15.22 11.94 36.31
N ASP A 549 -14.12 12.51 36.78
CA ASP A 549 -12.84 11.81 36.77
C ASP A 549 -12.87 10.45 37.46
N GLN A 550 -13.36 10.42 38.70
CA GLN A 550 -13.37 9.19 39.46
C GLN A 550 -14.17 8.09 38.75
N ARG A 551 -15.39 8.42 38.36
CA ARG A 551 -16.28 7.49 37.66
C ARG A 551 -15.65 6.92 36.38
N ARG A 552 -15.16 7.80 35.50
CA ARG A 552 -14.54 7.36 34.26
C ARG A 552 -13.28 6.51 34.53
N LEU A 553 -12.48 6.88 35.53
CA LEU A 553 -11.32 6.08 35.91
C LEU A 553 -11.75 4.71 36.43
N ASP A 554 -12.78 4.70 37.28
CA ASP A 554 -13.26 3.45 37.84
C ASP A 554 -13.80 2.54 36.73
N LEU A 555 -14.61 3.12 35.85
CA LEU A 555 -15.16 2.43 34.69
C LEU A 555 -14.07 1.77 33.85
N VAL A 556 -13.05 2.56 33.50
CA VAL A 556 -11.92 2.09 32.73
C VAL A 556 -11.12 1.00 33.44
N HIS A 557 -10.83 1.22 34.72
CA HIS A 557 -10.05 0.29 35.54
C HIS A 557 -10.74 -1.05 35.59
N THR A 558 -12.05 -1.02 35.77
CA THR A 558 -12.84 -2.24 35.85
C THR A 558 -12.77 -3.01 34.54
N ALA A 559 -13.07 -2.32 33.43
CA ALA A 559 -12.93 -2.91 32.10
C ALA A 559 -11.53 -3.46 31.88
N ALA A 560 -10.51 -2.64 32.12
CA ALA A 560 -9.12 -3.02 31.89
C ALA A 560 -8.73 -4.29 32.66
N LEU A 561 -9.27 -4.43 33.87
CA LEU A 561 -9.04 -5.63 34.65
C LEU A 561 -9.61 -6.85 33.96
N MET A 562 -10.79 -6.69 33.34
CA MET A 562 -11.43 -7.77 32.61
C MET A 562 -10.60 -8.16 31.39
N LEU A 563 -10.09 -7.15 30.67
CA LEU A 563 -9.29 -7.38 29.48
C LEU A 563 -7.96 -8.05 29.82
N ASP A 564 -7.39 -7.68 30.96
CA ASP A 564 -6.16 -8.28 31.44
C ASP A 564 -6.37 -9.74 31.85
N LYS A 565 -7.53 -10.00 32.45
CA LYS A 565 -7.88 -11.32 32.92
C LYS A 565 -8.06 -12.28 31.74
N ASN A 566 -8.66 -11.79 30.66
CA ASN A 566 -8.93 -12.59 29.49
C ASN A 566 -7.78 -12.58 28.47
N ASN A 567 -6.66 -11.99 28.87
CA ASN A 567 -5.44 -11.93 28.04
C ASN A 567 -5.55 -11.18 26.71
N LEU A 568 -6.46 -10.20 26.63
CA LEU A 568 -6.52 -9.31 25.47
C LEU A 568 -5.50 -8.17 25.61
N VAL A 569 -5.24 -7.78 26.84
CA VAL A 569 -4.44 -6.60 27.12
C VAL A 569 -3.56 -6.85 28.33
N LYS A 570 -2.28 -6.53 28.21
CA LYS A 570 -1.44 -6.51 29.39
C LYS A 570 -1.69 -5.18 30.09
N TYR A 571 -2.04 -5.24 31.37
CA TYR A 571 -2.36 -4.04 32.14
C TYR A 571 -1.80 -4.12 33.56
N ASP A 572 -0.93 -3.19 33.92
CA ASP A 572 -0.40 -3.16 35.28
C ASP A 572 -1.06 -2.08 36.13
N LYS A 573 -1.33 -2.40 37.39
CA LYS A 573 -2.01 -1.49 38.30
C LYS A 573 -1.26 -0.17 38.51
N LYS A 574 0.08 -0.22 38.51
CA LYS A 574 0.88 0.94 38.89
C LYS A 574 0.88 2.07 37.84
N THR A 575 1.41 1.81 36.67
CA THR A 575 1.54 2.87 35.68
C THR A 575 0.20 3.22 35.02
N GLY A 576 -0.63 2.20 34.85
CA GLY A 576 -1.90 2.37 34.16
C GLY A 576 -1.72 2.21 32.67
N ASN A 577 -0.55 1.71 32.29
CA ASN A 577 -0.24 1.45 30.90
C ASN A 577 -0.95 0.20 30.37
N PHE A 578 -1.26 0.22 29.09
CA PHE A 578 -1.84 -0.91 28.38
C PHE A 578 -0.85 -1.44 27.35
N GLN A 579 -0.88 -2.74 27.13
CA GLN A 579 -0.13 -3.37 26.04
C GLN A 579 -1.06 -4.31 25.26
N VAL A 580 -1.14 -4.12 23.95
CA VAL A 580 -1.94 -4.99 23.11
C VAL A 580 -1.30 -6.38 23.01
N THR A 581 -2.11 -7.42 23.07
CA THR A 581 -1.64 -8.77 22.77
C THR A 581 -2.22 -9.16 21.42
N GLU A 582 -1.72 -10.25 20.84
CA GLU A 582 -2.24 -10.67 19.54
C GLU A 582 -3.68 -11.13 19.67
N LEU A 583 -3.98 -11.72 20.82
CA LEU A 583 -5.35 -12.15 21.13
C LEU A 583 -6.34 -10.98 21.12
N GLY A 584 -5.91 -9.86 21.70
CA GLY A 584 -6.71 -8.65 21.68
C GLY A 584 -6.87 -8.09 20.27
N ARG A 585 -5.77 -8.07 19.52
CA ARG A 585 -5.80 -7.58 18.16
C ARG A 585 -6.83 -8.35 17.34
N ILE A 586 -6.80 -9.67 17.46
CA ILE A 586 -7.72 -10.53 16.72
C ILE A 586 -9.15 -10.31 17.20
N ALA A 587 -9.33 -10.28 18.52
CA ALA A 587 -10.64 -10.04 19.11
C ALA A 587 -11.31 -8.77 18.59
N SER A 588 -10.56 -7.66 18.61
CA SER A 588 -11.04 -6.40 18.06
C SER A 588 -11.41 -6.52 16.58
N HIS A 589 -10.49 -7.02 15.77
CA HIS A 589 -10.69 -7.12 14.32
C HIS A 589 -11.85 -8.00 13.88
N TYR A 590 -12.12 -9.07 14.62
CA TYR A 590 -13.22 -9.97 14.25
C TYR A 590 -14.43 -9.84 15.15
N TYR A 591 -14.46 -8.76 15.94
CA TYR A 591 -15.61 -8.43 16.77
C TYR A 591 -16.07 -9.61 17.62
N ILE A 592 -15.17 -10.11 18.47
CA ILE A 592 -15.53 -11.19 19.38
C ILE A 592 -15.39 -10.75 20.83
N THR A 593 -16.38 -11.03 21.64
CA THR A 593 -16.40 -10.58 23.02
C THR A 593 -15.23 -11.18 23.81
N ASN A 594 -14.72 -10.45 24.80
CA ASN A 594 -13.49 -10.85 25.48
C ASN A 594 -13.60 -12.14 26.29
N ASP A 595 -14.81 -12.52 26.67
CA ASP A 595 -15.01 -13.78 27.38
C ASP A 595 -14.67 -14.96 26.48
N THR A 596 -15.02 -14.83 25.20
CA THR A 596 -14.81 -15.89 24.23
C THR A 596 -13.31 -16.14 24.02
N VAL A 597 -12.56 -15.05 23.86
CA VAL A 597 -11.12 -15.12 23.68
C VAL A 597 -10.45 -15.96 24.76
N GLN A 598 -10.86 -15.75 26.01
CA GLN A 598 -10.35 -16.54 27.13
C GLN A 598 -10.56 -18.03 26.86
N THR A 599 -11.80 -18.39 26.53
CA THR A 599 -12.16 -19.79 26.28
C THR A 599 -11.30 -20.43 25.19
N TYR A 600 -11.32 -19.81 24.01
CA TYR A 600 -10.43 -20.17 22.91
C TYR A 600 -8.98 -20.36 23.39
N ASN A 601 -8.48 -19.43 24.18
CA ASN A 601 -7.09 -19.50 24.60
C ASN A 601 -6.88 -20.66 25.55
N GLN A 602 -7.90 -20.94 26.35
CA GLN A 602 -7.80 -22.01 27.33
C GLN A 602 -8.03 -23.39 26.70
N LEU A 603 -8.70 -23.43 25.55
CA LEU A 603 -9.09 -24.69 24.93
C LEU A 603 -8.26 -25.12 23.70
N LEU A 604 -7.87 -24.17 22.86
CA LEU A 604 -7.15 -24.50 21.63
C LEU A 604 -5.75 -25.03 21.93
N LYS A 605 -5.38 -26.10 21.23
CA LYS A 605 -4.07 -26.72 21.36
C LYS A 605 -3.71 -27.33 20.00
N PRO A 606 -2.41 -27.58 19.75
CA PRO A 606 -2.00 -28.02 18.41
C PRO A 606 -2.65 -29.34 17.97
N THR A 607 -3.04 -30.18 18.92
CA THR A 607 -3.67 -31.45 18.57
C THR A 607 -5.19 -31.51 18.72
N LEU A 608 -5.87 -30.36 18.67
CA LEU A 608 -7.33 -30.33 18.66
C LEU A 608 -7.84 -31.20 17.51
N SER A 609 -8.82 -32.06 17.80
CA SER A 609 -9.52 -32.81 16.76
C SER A 609 -10.62 -31.96 16.13
N GLU A 610 -11.16 -32.43 15.01
CA GLU A 610 -12.29 -31.74 14.39
C GLU A 610 -13.53 -31.82 15.26
N ILE A 611 -13.68 -32.95 15.95
CA ILE A 611 -14.76 -33.10 16.89
C ILE A 611 -14.65 -32.07 18.00
N GLU A 612 -13.45 -31.92 18.55
CA GLU A 612 -13.22 -30.97 19.63
C GLU A 612 -13.31 -29.52 19.17
N LEU A 613 -12.98 -29.27 17.91
CA LEU A 613 -13.03 -27.92 17.36
C LEU A 613 -14.47 -27.43 17.27
N PHE A 614 -15.39 -28.30 16.87
CA PHE A 614 -16.79 -27.94 16.83
C PHE A 614 -17.32 -27.66 18.23
N ARG A 615 -16.77 -28.36 19.22
CA ARG A 615 -17.11 -28.12 20.62
C ARG A 615 -16.67 -26.74 21.10
N VAL A 616 -15.44 -26.35 20.75
CA VAL A 616 -14.91 -25.06 21.17
C VAL A 616 -15.77 -23.94 20.60
N PHE A 617 -16.17 -24.08 19.33
CA PHE A 617 -17.08 -23.13 18.72
C PHE A 617 -18.35 -22.97 19.54
N SER A 618 -18.89 -24.10 20.00
CA SER A 618 -20.10 -24.12 20.82
C SER A 618 -19.97 -23.34 22.13
N LEU A 619 -18.79 -23.38 22.72
CA LEU A 619 -18.54 -22.76 24.02
C LEU A 619 -18.33 -21.24 23.96
N SER A 620 -18.51 -20.66 22.77
CA SER A 620 -18.34 -19.22 22.59
C SER A 620 -19.40 -18.46 23.38
N SER A 621 -18.97 -17.36 24.00
CA SER A 621 -19.83 -16.61 24.89
C SER A 621 -20.97 -15.87 24.22
N GLU A 622 -20.87 -15.62 22.91
CA GLU A 622 -22.00 -15.02 22.22
C GLU A 622 -23.18 -15.98 22.11
N PHE A 623 -22.98 -17.20 22.60
CA PHE A 623 -24.03 -18.22 22.64
C PHE A 623 -24.43 -18.57 24.07
N LYS A 624 -23.99 -17.79 25.05
CA LYS A 624 -24.09 -18.19 26.43
C LYS A 624 -25.53 -18.23 26.99
N ASN A 625 -26.45 -17.56 26.32
CA ASN A 625 -27.85 -17.55 26.78
C ASN A 625 -28.70 -18.60 26.09
N ILE A 626 -28.16 -19.20 25.04
CA ILE A 626 -28.88 -20.20 24.27
C ILE A 626 -29.18 -21.45 25.08
N THR A 627 -30.44 -21.89 25.04
CA THR A 627 -30.84 -23.11 25.74
C THR A 627 -31.49 -24.10 24.79
N VAL A 628 -31.71 -25.30 25.30
CA VAL A 628 -32.41 -26.31 24.54
C VAL A 628 -33.84 -26.44 25.10
N ARG A 629 -34.78 -25.86 24.36
CA ARG A 629 -36.19 -25.90 24.74
C ARG A 629 -36.75 -27.32 24.66
N GLU A 630 -37.88 -27.54 25.31
CA GLU A 630 -38.51 -28.84 25.28
C GLU A 630 -39.08 -29.17 23.90
N GLU A 631 -39.68 -28.17 23.26
CA GLU A 631 -40.42 -28.39 22.02
C GLU A 631 -39.52 -28.50 20.79
N GLU A 632 -38.22 -28.60 21.03
CA GLU A 632 -37.26 -28.75 19.94
C GLU A 632 -36.35 -29.95 20.13
N LYS A 633 -36.44 -30.56 21.31
CA LYS A 633 -35.65 -31.73 21.67
C LYS A 633 -35.65 -32.80 20.59
N LEU A 634 -36.81 -33.02 19.99
CA LEU A 634 -36.98 -34.07 19.00
C LEU A 634 -36.26 -33.73 17.71
N GLU A 635 -36.47 -32.50 17.22
CA GLU A 635 -35.90 -32.11 15.94
C GLU A 635 -34.39 -32.09 16.02
N LEU A 636 -33.86 -31.72 17.18
CA LEU A 636 -32.43 -31.74 17.43
C LEU A 636 -31.86 -33.15 17.34
N GLN A 637 -32.58 -34.13 17.89
CA GLN A 637 -32.12 -35.51 17.85
C GLN A 637 -32.11 -36.07 16.42
N LYS A 638 -33.06 -35.64 15.61
CA LYS A 638 -33.11 -36.06 14.20
C LYS A 638 -32.06 -35.37 13.37
N LEU A 639 -31.61 -34.21 13.81
CA LEU A 639 -30.57 -33.49 13.09
C LEU A 639 -29.23 -34.18 13.34
N LEU A 640 -28.97 -34.48 14.60
CA LEU A 640 -27.75 -35.19 15.03
C LEU A 640 -27.43 -36.45 14.19
N GLU A 641 -28.43 -37.28 13.96
CA GLU A 641 -28.24 -38.52 13.20
C GLU A 641 -27.84 -38.21 11.76
N ARG A 642 -28.24 -37.05 11.27
CA ARG A 642 -28.02 -36.71 9.86
C ARG A 642 -26.69 -35.96 9.58
N VAL A 643 -26.10 -35.38 10.61
CA VAL A 643 -24.87 -34.61 10.46
C VAL A 643 -23.65 -35.52 10.65
N PRO A 644 -22.49 -35.11 10.09
CA PRO A 644 -21.33 -36.01 10.00
C PRO A 644 -20.40 -36.03 11.20
N ILE A 645 -20.22 -34.91 11.88
CA ILE A 645 -19.22 -34.89 12.93
C ILE A 645 -19.83 -35.37 14.22
N PRO A 646 -19.22 -36.39 14.85
CA PRO A 646 -19.66 -36.85 16.16
C PRO A 646 -19.72 -35.72 17.17
N VAL A 647 -20.77 -35.67 17.97
CA VAL A 647 -20.93 -34.70 19.04
C VAL A 647 -20.81 -35.46 20.35
N LYS A 648 -19.57 -35.72 20.76
CA LYS A 648 -19.31 -36.66 21.84
C LYS A 648 -19.75 -36.11 23.17
N GLU A 649 -20.06 -37.02 24.11
CA GLU A 649 -20.37 -36.69 25.50
C GLU A 649 -21.40 -35.56 25.70
N SER A 650 -21.68 -34.81 24.64
CA SER A 650 -22.68 -33.77 24.70
C SER A 650 -24.06 -34.33 24.41
N ILE A 651 -24.81 -34.53 25.49
CA ILE A 651 -26.24 -34.84 25.46
C ILE A 651 -26.89 -33.51 25.08
N GLU A 652 -28.21 -33.42 24.95
CA GLU A 652 -28.80 -32.11 24.67
C GLU A 652 -28.65 -31.02 25.76
N GLU A 653 -27.45 -30.46 25.76
CA GLU A 653 -27.08 -29.25 26.47
C GLU A 653 -26.97 -28.20 25.37
N PRO A 654 -26.93 -26.91 25.75
CA PRO A 654 -26.73 -25.86 24.75
C PRO A 654 -25.54 -26.13 23.85
N SER A 655 -24.45 -26.63 24.44
CA SER A 655 -23.24 -26.95 23.69
C SER A 655 -23.54 -27.81 22.48
N ALA A 656 -24.26 -28.90 22.70
CA ALA A 656 -24.60 -29.83 21.62
C ALA A 656 -25.55 -29.24 20.60
N LYS A 657 -26.53 -28.47 21.07
CA LYS A 657 -27.50 -27.86 20.18
C LYS A 657 -26.81 -26.93 19.17
N ILE A 658 -25.91 -26.09 19.67
CA ILE A 658 -25.15 -25.14 18.85
C ILE A 658 -24.28 -25.90 17.85
N ASN A 659 -23.63 -26.95 18.35
CA ASN A 659 -22.83 -27.83 17.49
C ASN A 659 -23.63 -28.35 16.29
N VAL A 660 -24.74 -29.06 16.53
CA VAL A 660 -25.48 -29.62 15.39
C VAL A 660 -26.18 -28.55 14.54
N LEU A 661 -26.51 -27.42 15.14
CA LEU A 661 -27.06 -26.31 14.36
C LEU A 661 -26.07 -25.82 13.28
N LEU A 662 -24.78 -25.84 13.60
CA LEU A 662 -23.76 -25.45 12.65
C LEU A 662 -23.59 -26.52 11.55
N GLN A 663 -23.56 -27.79 11.97
CA GLN A 663 -23.43 -28.91 11.05
C GLN A 663 -24.61 -29.01 10.10
N ALA A 664 -25.81 -28.86 10.64
CA ALA A 664 -27.03 -28.84 9.85
C ALA A 664 -27.01 -27.74 8.81
N PHE A 665 -26.32 -26.65 9.13
CA PHE A 665 -26.20 -25.52 8.22
C PHE A 665 -25.25 -25.80 7.07
N ILE A 666 -24.14 -26.48 7.38
CA ILE A 666 -23.19 -26.89 6.34
C ILE A 666 -23.79 -28.00 5.49
N SER A 667 -24.58 -28.86 6.13
CA SER A 667 -25.23 -29.99 5.45
C SER A 667 -26.45 -29.57 4.65
N GLN A 668 -26.88 -28.33 4.83
CA GLN A 668 -28.06 -27.77 4.16
C GLN A 668 -29.35 -28.54 4.46
N LEU A 669 -29.49 -28.96 5.71
CA LEU A 669 -30.68 -29.64 6.17
C LEU A 669 -31.82 -28.65 6.37
N LYS A 670 -32.99 -28.95 5.83
CA LYS A 670 -34.16 -28.10 6.07
C LYS A 670 -34.64 -28.31 7.51
N LEU A 671 -35.18 -27.25 8.08
CA LEU A 671 -35.72 -27.30 9.44
C LEU A 671 -37.22 -27.03 9.44
N GLU A 672 -37.87 -27.34 10.56
CA GLU A 672 -39.29 -27.03 10.71
C GLU A 672 -39.54 -26.26 12.00
N GLY A 673 -38.73 -26.52 13.01
CA GLY A 673 -38.84 -25.81 14.28
C GLY A 673 -38.49 -24.35 14.14
N PHE A 674 -39.45 -23.48 14.42
CA PHE A 674 -39.30 -22.06 14.12
C PHE A 674 -38.44 -21.33 15.16
N ALA A 675 -38.35 -21.89 16.36
CA ALA A 675 -37.41 -21.39 17.36
C ALA A 675 -36.01 -21.79 16.94
N LEU A 676 -35.89 -23.02 16.45
CA LEU A 676 -34.63 -23.60 16.00
C LEU A 676 -34.03 -22.86 14.80
N MET A 677 -34.89 -22.40 13.90
CA MET A 677 -34.45 -21.70 12.71
C MET A 677 -33.85 -20.36 13.04
N ALA A 678 -34.44 -19.67 14.02
CA ALA A 678 -33.93 -18.38 14.45
C ALA A 678 -32.60 -18.52 15.16
N ASP A 679 -32.42 -19.60 15.90
CA ASP A 679 -31.15 -19.87 16.55
C ASP A 679 -30.07 -20.22 15.54
N MET A 680 -30.47 -20.87 14.44
CA MET A 680 -29.48 -21.27 13.44
C MET A 680 -28.92 -20.05 12.70
N VAL A 681 -29.80 -19.15 12.28
CA VAL A 681 -29.39 -17.92 11.61
C VAL A 681 -28.45 -17.11 12.51
N TYR A 682 -28.72 -17.13 13.80
CA TYR A 682 -27.87 -16.45 14.76
C TYR A 682 -26.46 -17.05 14.90
N VAL A 683 -26.33 -18.37 14.91
CA VAL A 683 -24.99 -18.95 15.06
C VAL A 683 -24.22 -18.97 13.75
N THR A 684 -24.96 -19.07 12.65
CA THR A 684 -24.32 -19.23 11.34
C THR A 684 -23.82 -17.90 10.79
N GLN A 685 -24.56 -16.83 11.06
CA GLN A 685 -24.08 -15.49 10.73
C GLN A 685 -22.87 -15.08 11.58
N LEU A 686 -22.78 -15.65 12.78
CA LEU A 686 -21.63 -15.43 13.66
C LEU A 686 -20.45 -16.36 13.38
N ALA A 687 -20.74 -17.51 12.78
CA ALA A 687 -19.74 -18.57 12.61
C ALA A 687 -18.57 -18.16 11.73
N GLY A 688 -18.85 -17.37 10.69
CA GLY A 688 -17.79 -16.82 9.87
C GLY A 688 -16.69 -16.12 10.64
N ARG A 689 -17.06 -15.19 11.53
CA ARG A 689 -16.08 -14.40 12.26
C ARG A 689 -15.38 -15.19 13.36
N LEU A 690 -16.13 -16.02 14.05
CA LEU A 690 -15.57 -16.78 15.16
C LEU A 690 -14.53 -17.76 14.65
N MET A 691 -14.86 -18.42 13.54
CA MET A 691 -13.96 -19.39 12.92
C MET A 691 -12.71 -18.70 12.42
N ARG A 692 -12.91 -17.63 11.67
CA ARG A 692 -11.80 -16.82 11.15
C ARG A 692 -10.90 -16.27 12.26
N ALA A 693 -11.48 -15.99 13.42
CA ALA A 693 -10.69 -15.56 14.57
C ALA A 693 -9.82 -16.71 15.06
N ILE A 694 -10.42 -17.89 15.18
CA ILE A 694 -9.68 -19.08 15.63
C ILE A 694 -8.60 -19.44 14.62
N PHE A 695 -8.90 -19.26 13.35
CA PHE A 695 -7.93 -19.44 12.28
C PHE A 695 -6.72 -18.55 12.49
N GLU A 696 -6.94 -17.26 12.67
CA GLU A 696 -5.84 -16.32 12.78
C GLU A 696 -5.05 -16.54 14.06
N ILE A 697 -5.73 -16.94 15.13
CA ILE A 697 -5.07 -17.19 16.40
C ILE A 697 -4.09 -18.32 16.20
N VAL A 698 -4.57 -19.35 15.51
CA VAL A 698 -3.85 -20.61 15.39
C VAL A 698 -2.78 -20.55 14.29
N LEU A 699 -3.08 -19.85 13.20
CA LEU A 699 -2.10 -19.55 12.16
C LEU A 699 -0.87 -18.89 12.76
N ASN A 700 -1.10 -17.93 13.65
CA ASN A 700 -0.03 -17.13 14.23
C ASN A 700 0.87 -17.87 15.24
N ARG A 701 0.36 -18.93 15.88
CA ARG A 701 1.23 -19.73 16.74
C ARG A 701 1.96 -20.81 15.94
N GLY A 702 1.75 -20.81 14.63
CA GLY A 702 2.37 -21.76 13.73
C GLY A 702 1.81 -23.18 13.79
N TRP A 703 0.59 -23.33 14.28
CA TRP A 703 -0.01 -24.65 14.47
C TRP A 703 -0.54 -25.27 13.17
N ALA A 704 0.27 -26.13 12.58
CA ALA A 704 0.08 -26.60 11.21
C ALA A 704 -1.22 -27.36 10.97
N GLN A 705 -1.53 -28.33 11.83
CA GLN A 705 -2.72 -29.17 11.66
C GLN A 705 -4.01 -28.43 11.94
N LEU A 706 -4.00 -27.54 12.93
CA LEU A 706 -5.20 -26.84 13.33
C LEU A 706 -5.50 -25.65 12.41
N THR A 707 -4.47 -25.12 11.79
CA THR A 707 -4.63 -24.07 10.81
C THR A 707 -5.36 -24.62 9.60
N ASP A 708 -5.01 -25.87 9.26
CA ASP A 708 -5.64 -26.55 8.14
C ASP A 708 -7.12 -26.84 8.46
N LYS A 709 -7.37 -27.44 9.62
CA LYS A 709 -8.72 -27.70 10.07
C LYS A 709 -9.62 -26.46 10.11
N THR A 710 -9.11 -25.39 10.74
CA THR A 710 -9.90 -24.18 10.95
C THR A 710 -10.16 -23.39 9.68
N LEU A 711 -9.17 -23.36 8.79
CA LEU A 711 -9.35 -22.72 7.49
C LEU A 711 -10.41 -23.45 6.66
N ASN A 712 -10.36 -24.80 6.67
CA ASN A 712 -11.36 -25.62 5.99
C ASN A 712 -12.73 -25.36 6.57
N LEU A 713 -12.78 -25.24 7.90
CA LEU A 713 -14.03 -24.95 8.58
C LEU A 713 -14.61 -23.59 8.17
N CYS A 714 -13.76 -22.58 7.97
CA CYS A 714 -14.27 -21.30 7.49
C CYS A 714 -14.83 -21.46 6.09
N LYS A 715 -14.08 -22.17 5.24
CA LYS A 715 -14.49 -22.38 3.86
C LYS A 715 -15.79 -23.21 3.76
N MET A 716 -15.94 -24.18 4.65
CA MET A 716 -17.17 -24.99 4.69
C MET A 716 -18.42 -24.19 5.06
N ILE A 717 -18.28 -23.31 6.04
CA ILE A 717 -19.37 -22.43 6.47
C ILE A 717 -19.79 -21.45 5.38
N ASP A 718 -18.80 -20.93 4.66
CA ASP A 718 -19.04 -19.99 3.58
C ASP A 718 -19.65 -20.70 2.37
N LYS A 719 -19.03 -21.81 1.97
CA LYS A 719 -19.48 -22.53 0.80
C LYS A 719 -20.66 -23.47 1.06
N ARG A 720 -21.00 -23.67 2.33
CA ARG A 720 -22.07 -24.58 2.73
C ARG A 720 -21.97 -25.98 2.08
N MET A 721 -20.86 -26.64 2.33
CA MET A 721 -20.60 -28.00 1.85
C MET A 721 -19.46 -28.58 2.68
N TRP A 722 -19.41 -29.90 2.78
CA TRP A 722 -18.37 -30.55 3.57
C TRP A 722 -17.11 -30.76 2.74
N GLN A 723 -15.96 -30.87 3.41
CA GLN A 723 -14.67 -30.91 2.73
C GLN A 723 -14.52 -32.16 1.85
N SER A 724 -15.41 -33.12 2.07
CA SER A 724 -15.34 -34.41 1.41
C SER A 724 -16.33 -34.54 0.25
N MET A 725 -17.03 -33.45 -0.07
CA MET A 725 -17.89 -33.43 -1.24
C MET A 725 -17.10 -32.93 -2.45
N CYS A 726 -17.74 -32.86 -3.60
CA CYS A 726 -17.05 -32.50 -4.83
C CYS A 726 -16.87 -31.00 -4.92
N PRO A 727 -15.62 -30.54 -5.10
CA PRO A 727 -15.26 -29.12 -5.19
C PRO A 727 -16.15 -28.38 -6.19
N LEU A 728 -16.69 -29.11 -7.16
CA LEU A 728 -17.56 -28.57 -8.19
C LEU A 728 -18.83 -27.93 -7.69
N ARG A 729 -19.26 -28.31 -6.48
CA ARG A 729 -20.43 -27.67 -5.86
C ARG A 729 -20.24 -26.18 -5.68
N GLN A 730 -18.99 -25.75 -5.54
CA GLN A 730 -18.67 -24.35 -5.30
C GLN A 730 -19.03 -23.44 -6.48
N PHE A 731 -19.27 -24.04 -7.64
CA PHE A 731 -19.84 -23.29 -8.76
C PHE A 731 -21.37 -23.32 -8.65
N ARG A 732 -21.96 -22.13 -8.53
CA ARG A 732 -23.39 -22.03 -8.28
C ARG A 732 -24.25 -22.44 -9.48
N LYS A 733 -23.71 -22.27 -10.68
CA LYS A 733 -24.48 -22.45 -11.91
C LYS A 733 -24.50 -23.89 -12.42
N LEU A 734 -23.87 -24.79 -11.67
CA LEU A 734 -23.83 -26.21 -11.99
C LEU A 734 -24.98 -26.91 -11.26
N PRO A 735 -25.91 -27.52 -12.02
CA PRO A 735 -27.06 -28.22 -11.42
C PRO A 735 -26.63 -29.26 -10.39
N GLU A 736 -27.15 -29.13 -9.17
CA GLU A 736 -26.66 -29.92 -8.04
C GLU A 736 -26.75 -31.44 -8.19
N GLU A 737 -27.75 -31.93 -8.92
CA GLU A 737 -27.89 -33.36 -9.10
C GLU A 737 -26.80 -33.92 -10.04
N VAL A 738 -26.34 -33.08 -10.95
CA VAL A 738 -25.21 -33.42 -11.81
C VAL A 738 -23.95 -33.67 -10.97
N VAL A 739 -23.80 -32.87 -9.91
CA VAL A 739 -22.60 -32.97 -9.08
C VAL A 739 -22.66 -34.17 -8.15
N LYS A 740 -23.83 -34.41 -7.56
CA LYS A 740 -24.02 -35.58 -6.71
C LYS A 740 -23.81 -36.86 -7.53
N LYS A 741 -23.92 -36.74 -8.84
CA LYS A 741 -23.73 -37.88 -9.73
C LYS A 741 -22.24 -38.27 -9.86
N ILE A 742 -21.36 -37.27 -9.81
CA ILE A 742 -19.94 -37.56 -9.86
C ILE A 742 -19.43 -38.00 -8.49
N GLU A 743 -20.10 -37.56 -7.42
CA GLU A 743 -19.68 -37.96 -6.08
C GLU A 743 -20.08 -39.40 -5.81
N LYS A 744 -21.11 -39.86 -6.51
CA LYS A 744 -21.62 -41.21 -6.35
C LYS A 744 -20.67 -42.25 -6.94
N LYS A 745 -19.69 -41.79 -7.73
CA LYS A 745 -18.62 -42.64 -8.22
C LYS A 745 -17.45 -42.61 -7.25
N ASN A 746 -16.67 -43.69 -7.21
CA ASN A 746 -15.44 -43.70 -6.43
C ASN A 746 -14.34 -42.97 -7.20
N PHE A 747 -14.56 -41.67 -7.41
CA PHE A 747 -13.81 -40.92 -8.40
C PHE A 747 -13.18 -39.65 -7.83
N PRO A 748 -11.84 -39.59 -7.82
CA PRO A 748 -11.14 -38.39 -7.38
C PRO A 748 -11.37 -37.23 -8.35
N PHE A 749 -11.60 -36.03 -7.81
CA PHE A 749 -11.85 -34.84 -8.63
C PHE A 749 -10.69 -34.54 -9.56
N GLU A 750 -9.48 -34.72 -9.03
CA GLU A 750 -8.24 -34.51 -9.75
C GLU A 750 -8.21 -35.20 -11.13
N ARG A 751 -8.90 -36.33 -11.24
CA ARG A 751 -8.88 -37.11 -12.49
C ARG A 751 -9.62 -36.43 -13.65
N LEU A 752 -10.60 -35.60 -13.33
CA LEU A 752 -11.35 -34.84 -14.33
C LEU A 752 -10.43 -34.00 -15.23
N TYR A 753 -9.31 -33.55 -14.68
CA TYR A 753 -8.29 -32.82 -15.42
C TYR A 753 -7.75 -33.63 -16.60
N ASP A 754 -7.81 -34.96 -16.48
CA ASP A 754 -7.23 -35.84 -17.48
C ASP A 754 -8.30 -36.53 -18.33
N LEU A 755 -9.46 -35.90 -18.44
CA LEU A 755 -10.57 -36.41 -19.24
C LEU A 755 -11.13 -35.34 -20.17
N ASN A 756 -11.45 -35.74 -21.40
CA ASN A 756 -12.12 -34.84 -22.34
C ASN A 756 -13.62 -34.86 -22.08
N HIS A 757 -14.35 -33.93 -22.69
CA HIS A 757 -15.77 -33.77 -22.41
C HIS A 757 -16.62 -34.99 -22.75
N ASN A 758 -16.08 -35.88 -23.59
CA ASN A 758 -16.78 -37.10 -23.94
C ASN A 758 -16.65 -38.18 -22.87
N GLU A 759 -15.43 -38.37 -22.37
CA GLU A 759 -15.16 -39.36 -21.34
C GLU A 759 -15.87 -38.97 -20.05
N ILE A 760 -15.97 -37.66 -19.80
CA ILE A 760 -16.67 -37.11 -18.65
C ILE A 760 -18.16 -37.43 -18.72
N GLY A 761 -18.75 -37.16 -19.88
CA GLY A 761 -20.15 -37.46 -20.13
C GLY A 761 -20.45 -38.93 -20.01
N GLU A 762 -19.55 -39.77 -20.52
CA GLU A 762 -19.72 -41.22 -20.40
C GLU A 762 -19.66 -41.68 -18.94
N LEU A 763 -18.93 -40.93 -18.11
CA LEU A 763 -18.75 -41.31 -16.72
C LEU A 763 -20.01 -41.02 -15.89
N ILE A 764 -20.74 -39.99 -16.31
CA ILE A 764 -21.91 -39.50 -15.59
C ILE A 764 -23.17 -39.99 -16.29
N ARG A 765 -22.97 -40.58 -17.46
CA ARG A 765 -24.03 -40.87 -18.42
C ARG A 765 -25.02 -39.71 -18.59
N MET A 766 -24.45 -38.51 -18.73
CA MET A 766 -25.15 -37.32 -19.17
C MET A 766 -24.33 -36.70 -20.29
N PRO A 767 -24.58 -37.11 -21.54
CA PRO A 767 -23.77 -36.64 -22.67
C PRO A 767 -23.84 -35.13 -22.87
N LYS A 768 -25.02 -34.54 -22.64
CA LYS A 768 -25.19 -33.10 -22.81
C LYS A 768 -24.32 -32.31 -21.84
N MET A 769 -24.19 -32.82 -20.62
CA MET A 769 -23.54 -32.09 -19.54
C MET A 769 -22.01 -32.18 -19.57
N GLY A 770 -21.47 -32.93 -20.53
CA GLY A 770 -20.04 -33.17 -20.60
C GLY A 770 -19.18 -31.94 -20.83
N LYS A 771 -19.60 -31.10 -21.77
CA LYS A 771 -18.85 -29.90 -22.12
C LYS A 771 -18.83 -28.86 -21.00
N THR A 772 -19.96 -28.66 -20.32
CA THR A 772 -20.01 -27.66 -19.25
C THR A 772 -19.19 -28.07 -18.03
N ILE A 773 -19.25 -29.35 -17.66
CA ILE A 773 -18.41 -29.85 -16.56
C ILE A 773 -16.93 -29.66 -16.91
N HIS A 774 -16.59 -29.89 -18.17
CA HIS A 774 -15.23 -29.63 -18.63
C HIS A 774 -14.83 -28.18 -18.40
N LYS A 775 -15.69 -27.25 -18.82
CA LYS A 775 -15.45 -25.82 -18.63
C LYS A 775 -15.14 -25.47 -17.18
N TYR A 776 -16.01 -25.89 -16.28
CA TYR A 776 -15.90 -25.55 -14.87
C TYR A 776 -14.71 -26.22 -14.19
N VAL A 777 -14.35 -27.41 -14.64
CA VAL A 777 -13.17 -28.08 -14.12
C VAL A 777 -11.92 -27.23 -14.38
N HIS A 778 -11.90 -26.56 -15.52
CA HIS A 778 -10.77 -25.74 -15.88
C HIS A 778 -10.86 -24.29 -15.40
N LEU A 779 -11.99 -23.95 -14.77
CA LEU A 779 -12.13 -22.65 -14.13
C LEU A 779 -11.66 -22.71 -12.69
N PHE A 780 -11.68 -23.90 -12.10
CA PHE A 780 -11.27 -24.08 -10.71
C PHE A 780 -9.83 -23.60 -10.54
N PRO A 781 -9.57 -22.81 -9.49
CA PRO A 781 -8.23 -22.28 -9.24
C PRO A 781 -7.19 -23.40 -9.08
N LYS A 782 -6.06 -23.23 -9.76
CA LYS A 782 -5.01 -24.23 -9.74
C LYS A 782 -3.65 -23.54 -9.90
N LEU A 783 -2.75 -23.79 -8.96
CA LEU A 783 -1.41 -23.22 -9.04
C LEU A 783 -0.37 -24.32 -9.21
N GLU A 784 0.63 -24.04 -10.05
CA GLU A 784 1.83 -24.87 -10.12
C GLU A 784 3.00 -24.20 -9.39
N LEU A 785 3.81 -25.02 -8.74
CA LEU A 785 4.88 -24.52 -7.89
C LEU A 785 6.25 -24.99 -8.34
N SER A 786 7.23 -24.11 -8.20
CA SER A 786 8.62 -24.42 -8.48
C SER A 786 9.50 -23.70 -7.47
N VAL A 787 10.49 -24.40 -6.94
CA VAL A 787 11.31 -23.85 -5.88
C VAL A 787 12.76 -23.70 -6.32
N HIS A 788 13.43 -22.66 -5.85
CA HIS A 788 14.88 -22.53 -6.00
C HIS A 788 15.49 -22.24 -4.66
N LEU A 789 16.32 -23.15 -4.19
CA LEU A 789 16.86 -23.14 -2.85
C LEU A 789 18.34 -22.74 -2.87
N GLN A 790 18.81 -22.05 -1.82
CA GLN A 790 20.24 -21.80 -1.62
C GLN A 790 20.54 -21.42 -0.19
N PRO A 791 21.47 -22.15 0.45
CA PRO A 791 21.82 -21.90 1.86
C PRO A 791 22.57 -20.59 2.05
N ILE A 792 22.21 -19.86 3.11
CA ILE A 792 22.81 -18.57 3.46
C ILE A 792 23.79 -18.77 4.60
N THR A 793 23.33 -19.46 5.65
CA THR A 793 24.21 -19.95 6.71
C THR A 793 23.72 -21.34 7.11
N ARG A 794 24.22 -21.87 8.21
CA ARG A 794 23.85 -23.21 8.65
C ARG A 794 22.45 -23.26 9.27
N SER A 795 21.88 -22.10 9.54
CA SER A 795 20.63 -22.01 10.26
C SER A 795 19.52 -21.56 9.35
N THR A 796 19.87 -21.02 8.19
CA THR A 796 18.86 -20.42 7.33
C THR A 796 19.11 -20.71 5.85
N LEU A 797 18.03 -20.76 5.08
CA LEU A 797 18.10 -20.94 3.64
C LEU A 797 17.22 -19.90 2.98
N LYS A 798 17.65 -19.43 1.81
CA LYS A 798 16.84 -18.53 1.00
C LYS A 798 16.06 -19.34 -0.02
N VAL A 799 14.78 -19.05 -0.16
CA VAL A 799 13.90 -19.81 -1.02
C VAL A 799 13.22 -18.90 -2.04
N GLU A 800 13.43 -19.17 -3.33
CA GLU A 800 12.69 -18.50 -4.39
C GLU A 800 11.57 -19.41 -4.90
N LEU A 801 10.36 -19.11 -4.48
CA LEU A 801 9.18 -19.86 -4.86
C LEU A 801 8.57 -19.23 -6.11
N THR A 802 8.41 -20.02 -7.16
CA THR A 802 7.83 -19.52 -8.39
C THR A 802 6.42 -20.08 -8.47
N ILE A 803 5.46 -19.18 -8.65
CA ILE A 803 4.07 -19.55 -8.62
C ILE A 803 3.49 -19.32 -10.00
N THR A 804 2.97 -20.38 -10.60
CA THR A 804 2.51 -20.34 -11.97
C THR A 804 1.05 -20.72 -12.06
N PRO A 805 0.19 -19.75 -12.36
CA PRO A 805 -1.25 -19.98 -12.51
C PRO A 805 -1.58 -20.89 -13.69
N ASP A 806 -2.26 -21.99 -13.40
CA ASP A 806 -2.68 -22.92 -14.44
C ASP A 806 -4.19 -23.14 -14.41
N PHE A 807 -4.94 -22.08 -14.66
CA PHE A 807 -6.40 -22.18 -14.80
C PHE A 807 -6.95 -21.07 -15.67
N GLN A 808 -8.17 -21.24 -16.18
CA GLN A 808 -8.79 -20.19 -16.96
C GLN A 808 -9.45 -19.20 -16.02
N TRP A 809 -9.24 -17.91 -16.26
CA TRP A 809 -9.82 -16.88 -15.39
C TRP A 809 -11.18 -16.44 -15.93
N ASP A 810 -12.17 -16.41 -15.04
CA ASP A 810 -13.45 -15.81 -15.38
C ASP A 810 -13.86 -14.84 -14.27
N GLU A 811 -14.10 -13.59 -14.64
CA GLU A 811 -14.42 -12.54 -13.66
C GLU A 811 -15.74 -12.79 -12.94
N LYS A 812 -16.61 -13.60 -13.54
CA LYS A 812 -17.90 -13.93 -12.92
C LYS A 812 -17.75 -14.98 -11.82
N VAL A 813 -16.58 -15.58 -11.75
CA VAL A 813 -16.32 -16.67 -10.82
C VAL A 813 -15.24 -16.29 -9.84
N HIS A 814 -14.24 -15.55 -10.32
CA HIS A 814 -13.05 -15.22 -9.54
C HIS A 814 -13.02 -13.75 -9.17
N GLY A 815 -13.71 -12.94 -9.96
CA GLY A 815 -13.76 -11.51 -9.73
C GLY A 815 -12.45 -10.86 -10.11
N SER A 816 -12.01 -9.92 -9.29
CA SER A 816 -10.81 -9.17 -9.60
C SER A 816 -9.56 -9.81 -9.01
N SER A 817 -9.73 -10.76 -8.10
CA SER A 817 -8.58 -11.45 -7.53
C SER A 817 -8.91 -12.75 -6.79
N GLU A 818 -7.86 -13.53 -6.56
CA GLU A 818 -7.92 -14.75 -5.78
C GLU A 818 -6.79 -14.70 -4.77
N ALA A 819 -7.07 -15.07 -3.52
CA ALA A 819 -6.05 -15.01 -2.47
C ALA A 819 -5.60 -16.38 -2.02
N PHE A 820 -4.34 -16.45 -1.60
CA PHE A 820 -3.74 -17.72 -1.19
C PHE A 820 -2.87 -17.52 0.05
N TRP A 821 -2.65 -18.61 0.78
CA TRP A 821 -1.66 -18.63 1.87
C TRP A 821 -0.46 -19.48 1.50
N ILE A 822 0.71 -18.86 1.42
CA ILE A 822 1.94 -19.60 1.24
C ILE A 822 2.42 -20.06 2.60
N LEU A 823 2.40 -21.36 2.83
CA LEU A 823 2.81 -21.93 4.11
C LEU A 823 4.02 -22.87 3.90
N VAL A 824 5.02 -22.77 4.77
CA VAL A 824 6.09 -23.74 4.73
C VAL A 824 6.17 -24.51 6.05
N GLU A 825 5.97 -25.83 5.95
CA GLU A 825 5.88 -26.68 7.12
C GLU A 825 7.08 -27.63 7.23
N ASP A 826 7.35 -28.13 8.44
CA ASP A 826 8.45 -29.06 8.67
C ASP A 826 8.11 -30.49 8.19
N VAL A 827 8.97 -31.46 8.48
CA VAL A 827 8.78 -32.83 7.96
C VAL A 827 7.46 -33.45 8.39
N ASP A 828 7.13 -33.30 9.66
CA ASP A 828 5.98 -33.96 10.25
C ASP A 828 4.70 -33.18 9.99
N SER A 829 4.82 -32.08 9.26
CA SER A 829 3.71 -31.16 9.04
C SER A 829 3.07 -30.77 10.38
N GLU A 830 3.90 -30.43 11.35
CA GLU A 830 3.44 -30.06 12.69
C GLU A 830 3.56 -28.57 12.94
N VAL A 831 4.55 -27.93 12.31
CA VAL A 831 4.88 -26.54 12.59
C VAL A 831 4.91 -25.70 11.33
N ILE A 832 4.31 -24.53 11.35
CA ILE A 832 4.48 -23.61 10.25
C ILE A 832 5.73 -22.77 10.53
N LEU A 833 6.76 -22.97 9.73
CA LEU A 833 8.01 -22.25 9.93
C LEU A 833 7.91 -20.83 9.36
N HIS A 834 7.06 -20.68 8.36
CA HIS A 834 6.91 -19.40 7.69
C HIS A 834 5.62 -19.42 6.89
N HIS A 835 4.92 -18.31 6.88
CA HIS A 835 3.75 -18.22 6.02
C HIS A 835 3.65 -16.82 5.46
N GLU A 836 2.85 -16.66 4.42
CA GLU A 836 2.47 -15.33 3.96
C GLU A 836 1.30 -15.32 2.98
N TYR A 837 0.56 -14.24 3.01
CA TYR A 837 -0.55 -14.04 2.10
C TYR A 837 0.03 -13.75 0.72
N PHE A 838 -0.68 -14.15 -0.32
CA PHE A 838 -0.29 -13.93 -1.69
C PHE A 838 -1.55 -13.58 -2.44
N LEU A 839 -1.54 -12.48 -3.19
CA LEU A 839 -2.74 -12.05 -3.88
C LEU A 839 -2.57 -12.17 -5.39
N LEU A 840 -3.37 -13.03 -6.00
CA LEU A 840 -3.31 -13.19 -7.44
C LEU A 840 -4.33 -12.27 -8.09
N LYS A 841 -3.86 -11.14 -8.60
CA LYS A 841 -4.75 -10.18 -9.23
C LYS A 841 -5.17 -10.66 -10.61
N ALA A 842 -6.36 -10.27 -11.05
CA ALA A 842 -6.86 -10.67 -12.35
C ALA A 842 -5.98 -10.13 -13.46
N LYS A 843 -5.48 -8.92 -13.27
CA LYS A 843 -4.66 -8.25 -14.28
C LYS A 843 -3.44 -9.10 -14.60
N TYR A 844 -2.95 -9.83 -13.61
CA TYR A 844 -1.70 -10.57 -13.75
C TYR A 844 -1.90 -12.07 -13.54
N ALA A 845 -3.11 -12.56 -13.81
CA ALA A 845 -3.34 -13.99 -13.91
C ALA A 845 -2.55 -14.46 -15.11
N GLN A 846 -2.35 -15.77 -15.23
CA GLN A 846 -1.43 -16.33 -16.25
C GLN A 846 -0.13 -15.51 -16.40
N ASP A 847 0.48 -15.21 -15.26
CA ASP A 847 1.75 -14.50 -15.18
C ASP A 847 2.54 -15.13 -14.05
N GLU A 848 3.82 -15.40 -14.28
CA GLU A 848 4.67 -15.98 -13.26
C GLU A 848 4.75 -15.06 -12.04
N HIS A 849 4.81 -15.64 -10.85
CA HIS A 849 5.03 -14.85 -9.64
C HIS A 849 6.16 -15.42 -8.79
N LEU A 850 7.11 -14.57 -8.44
CA LEU A 850 8.29 -15.00 -7.70
C LEU A 850 8.27 -14.46 -6.28
N ILE A 851 8.13 -15.37 -5.32
CA ILE A 851 8.10 -14.99 -3.93
C ILE A 851 9.39 -15.45 -3.27
N THR A 852 10.06 -14.52 -2.61
CA THR A 852 11.33 -14.80 -1.99
C THR A 852 11.17 -14.74 -0.49
N PHE A 853 11.72 -15.71 0.23
CA PHE A 853 11.65 -15.70 1.69
C PHE A 853 12.74 -16.57 2.30
N PHE A 854 12.87 -16.52 3.62
CA PHE A 854 13.90 -17.29 4.29
C PHE A 854 13.29 -18.22 5.29
N VAL A 855 13.81 -19.43 5.35
CA VAL A 855 13.33 -20.44 6.27
C VAL A 855 14.46 -20.91 7.17
N PRO A 856 14.15 -21.23 8.43
CA PRO A 856 15.14 -21.78 9.36
C PRO A 856 15.34 -23.29 9.18
N VAL A 857 16.50 -23.79 9.60
CA VAL A 857 16.84 -25.21 9.55
C VAL A 857 17.74 -25.57 10.75
N PHE A 858 17.79 -26.85 11.10
CA PHE A 858 18.50 -27.28 12.32
C PHE A 858 19.42 -28.48 12.05
N GLU A 859 20.67 -28.36 12.49
CA GLU A 859 21.79 -29.17 11.98
C GLU A 859 21.56 -30.68 11.75
N PRO A 860 20.85 -31.37 12.66
CA PRO A 860 20.44 -32.71 12.22
C PRO A 860 19.29 -32.56 11.23
N LEU A 861 19.63 -32.28 9.97
CA LEU A 861 18.63 -31.89 8.96
C LEU A 861 17.64 -32.98 8.61
N PRO A 862 16.37 -32.58 8.40
CA PRO A 862 15.31 -33.48 7.94
C PRO A 862 15.48 -33.74 6.45
N PRO A 863 14.73 -34.71 5.91
CA PRO A 863 14.76 -34.98 4.47
C PRO A 863 14.06 -33.89 3.66
N GLN A 864 12.92 -33.43 4.16
CA GLN A 864 12.08 -32.50 3.42
C GLN A 864 11.54 -31.39 4.30
N TYR A 865 11.14 -30.31 3.64
CA TYR A 865 10.13 -29.41 4.16
C TYR A 865 9.02 -29.49 3.13
N PHE A 866 7.83 -29.03 3.50
CA PHE A 866 6.74 -28.91 2.54
C PHE A 866 6.36 -27.45 2.39
N ILE A 867 6.08 -27.06 1.16
CA ILE A 867 5.51 -25.77 0.88
C ILE A 867 4.10 -26.00 0.36
N ARG A 868 3.09 -25.59 1.12
CA ARG A 868 1.71 -25.68 0.65
C ARG A 868 1.22 -24.30 0.25
N VAL A 869 0.52 -24.22 -0.87
CA VAL A 869 -0.18 -22.98 -1.23
C VAL A 869 -1.68 -23.30 -1.30
N VAL A 870 -2.37 -22.91 -0.24
CA VAL A 870 -3.80 -23.16 -0.06
C VAL A 870 -4.60 -21.92 -0.43
N SER A 871 -5.72 -22.09 -1.12
CA SER A 871 -6.61 -20.95 -1.37
C SER A 871 -7.30 -20.52 -0.08
N ASP A 872 -7.59 -19.23 0.01
CA ASP A 872 -8.20 -18.65 1.20
C ASP A 872 -9.73 -18.72 1.13
N ARG A 873 -10.28 -18.97 -0.05
CA ARG A 873 -11.73 -19.07 -0.18
C ARG A 873 -12.26 -20.42 -0.71
N TRP A 874 -11.54 -21.02 -1.66
CA TRP A 874 -12.02 -22.26 -2.29
C TRP A 874 -11.67 -23.51 -1.50
N LEU A 875 -12.65 -24.42 -1.37
CA LEU A 875 -12.45 -25.73 -0.75
C LEU A 875 -11.69 -26.67 -1.67
N SER A 876 -10.78 -27.43 -1.08
CA SER A 876 -9.98 -28.41 -1.83
C SER A 876 -9.21 -27.74 -2.96
N CYS A 877 -8.66 -26.58 -2.69
CA CYS A 877 -7.85 -25.89 -3.67
C CYS A 877 -6.46 -25.65 -3.08
N GLU A 878 -5.60 -26.65 -3.19
CA GLU A 878 -4.25 -26.52 -2.66
C GLU A 878 -3.23 -27.27 -3.51
N THR A 879 -1.99 -26.81 -3.47
CA THR A 879 -0.87 -27.40 -4.18
C THR A 879 0.31 -27.55 -3.25
N GLN A 880 0.90 -28.75 -3.22
CA GLN A 880 1.98 -29.02 -2.29
C GLN A 880 3.28 -29.32 -3.03
N LEU A 881 4.39 -28.96 -2.42
CA LEU A 881 5.68 -29.13 -3.04
C LEU A 881 6.72 -29.51 -2.01
N PRO A 882 7.24 -30.74 -2.09
CA PRO A 882 8.36 -31.12 -1.23
C PRO A 882 9.62 -30.34 -1.57
N VAL A 883 10.38 -29.98 -0.54
CA VAL A 883 11.68 -29.32 -0.74
C VAL A 883 12.74 -30.23 -0.15
N SER A 884 13.40 -31.00 -1.01
CA SER A 884 14.37 -31.99 -0.55
C SER A 884 15.63 -31.36 0.01
N PHE A 885 16.09 -31.90 1.15
CA PHE A 885 17.37 -31.49 1.73
C PHE A 885 18.41 -32.60 1.57
N ARG A 886 18.10 -33.61 0.77
CA ARG A 886 18.97 -34.77 0.62
C ARG A 886 20.37 -34.43 0.07
N HIS A 887 20.43 -33.54 -0.91
CA HIS A 887 21.71 -33.16 -1.49
C HIS A 887 22.16 -31.75 -1.08
N LEU A 888 21.61 -31.27 0.04
CA LEU A 888 21.95 -29.97 0.57
C LEU A 888 23.30 -29.99 1.30
N ILE A 889 24.16 -29.05 0.96
CA ILE A 889 25.42 -28.87 1.67
C ILE A 889 25.41 -27.55 2.45
N LEU A 890 25.43 -27.65 3.77
CA LEU A 890 25.46 -26.47 4.63
C LEU A 890 26.83 -25.81 4.52
N PRO A 891 26.88 -24.48 4.64
CA PRO A 891 28.13 -23.73 4.57
C PRO A 891 29.05 -24.08 5.74
N GLU A 892 30.32 -23.68 5.65
CA GLU A 892 31.25 -23.89 6.75
C GLU A 892 30.82 -23.01 7.91
N LYS A 893 30.78 -23.58 9.11
CA LYS A 893 30.46 -22.81 10.30
C LYS A 893 31.47 -21.66 10.41
N TYR A 894 30.99 -20.48 10.77
CA TYR A 894 31.84 -19.30 10.78
C TYR A 894 32.60 -19.12 12.10
N PRO A 895 33.80 -18.51 12.02
CA PRO A 895 34.59 -18.31 13.24
C PRO A 895 33.97 -17.29 14.18
N PRO A 896 34.36 -17.33 15.46
CA PRO A 896 33.91 -16.33 16.45
C PRO A 896 34.31 -14.92 16.03
N PRO A 897 33.57 -13.90 16.51
CA PRO A 897 33.96 -12.52 16.27
C PRO A 897 35.24 -12.22 17.01
N THR A 898 36.05 -11.30 16.51
CA THR A 898 37.26 -10.93 17.24
C THR A 898 36.87 -10.22 18.53
N GLU A 899 37.50 -10.63 19.63
CA GLU A 899 37.20 -10.12 20.96
C GLU A 899 37.45 -8.62 21.07
N LEU A 900 36.48 -7.88 21.61
CA LEU A 900 36.71 -6.46 21.91
C LEU A 900 37.51 -6.32 23.19
N LEU A 901 38.67 -5.68 23.07
CA LEU A 901 39.56 -5.53 24.22
C LEU A 901 39.27 -4.26 24.99
N ASP A 902 38.70 -4.42 26.19
CA ASP A 902 38.48 -3.28 27.08
C ASP A 902 39.82 -2.70 27.49
N LEU A 903 40.47 -2.02 26.55
CA LEU A 903 41.72 -1.33 26.80
C LEU A 903 41.40 0.04 27.40
N GLN A 904 42.42 0.70 27.94
CA GLN A 904 42.24 2.09 28.34
C GLN A 904 42.16 2.91 27.06
N PRO A 905 41.08 3.69 26.92
CA PRO A 905 40.83 4.55 25.76
C PRO A 905 42.07 5.32 25.35
N LEU A 906 42.40 5.30 24.07
CA LEU A 906 43.59 5.99 23.59
C LEU A 906 43.34 7.49 23.46
N PRO A 907 44.29 8.30 23.97
CA PRO A 907 44.22 9.76 23.87
C PRO A 907 44.60 10.22 22.46
N VAL A 908 44.20 11.43 22.11
CA VAL A 908 44.50 11.98 20.78
C VAL A 908 46.00 12.26 20.66
N SER A 909 46.69 12.31 21.79
CA SER A 909 48.13 12.55 21.81
C SER A 909 48.94 11.32 21.38
N ALA A 910 48.24 10.21 21.15
CA ALA A 910 48.89 8.99 20.63
C ALA A 910 49.32 9.20 19.18
N LEU A 911 48.60 10.08 18.48
CA LEU A 911 49.08 10.72 17.27
C LEU A 911 50.11 11.73 17.75
N ARG A 912 51.38 11.55 17.37
CA ARG A 912 52.42 12.45 17.89
C ARG A 912 52.42 13.78 17.15
N ASN A 913 52.03 13.75 15.89
CA ASN A 913 52.04 14.92 15.04
C ASN A 913 51.02 15.98 15.47
N SER A 914 51.50 17.19 15.75
CA SER A 914 50.65 18.26 16.28
C SER A 914 49.65 18.79 15.26
N ALA A 915 50.04 18.82 13.99
CA ALA A 915 49.13 19.19 12.92
C ALA A 915 48.01 18.16 12.83
N PHE A 916 48.38 16.89 13.03
CA PHE A 916 47.41 15.79 12.97
C PHE A 916 46.39 15.87 14.09
N GLU A 917 46.87 16.06 15.33
CA GLU A 917 46.00 16.16 16.48
C GLU A 917 44.98 17.31 16.34
N SER A 918 45.39 18.38 15.65
CA SER A 918 44.60 19.60 15.57
C SER A 918 43.25 19.45 14.86
N LEU A 919 43.03 18.32 14.21
CA LEU A 919 41.76 18.10 13.54
C LEU A 919 40.90 17.05 14.26
N TYR A 920 41.35 16.63 15.44
CA TYR A 920 40.58 15.71 16.27
C TYR A 920 40.36 16.19 17.71
N GLN A 921 41.33 16.96 18.24
CA GLN A 921 41.33 17.34 19.65
C GLN A 921 40.13 18.20 20.06
N ASP A 922 39.61 19.01 19.14
CA ASP A 922 38.50 19.89 19.48
C ASP A 922 37.15 19.18 19.46
N LYS A 923 37.11 18.03 18.81
CA LYS A 923 35.87 17.26 18.72
C LYS A 923 35.71 16.23 19.84
N PHE A 924 36.82 15.59 20.21
CA PHE A 924 36.76 14.56 21.24
C PHE A 924 38.13 14.30 21.88
N PRO A 925 38.13 13.92 23.18
CA PRO A 925 39.39 13.71 23.91
C PRO A 925 40.06 12.35 23.63
N PHE A 926 39.27 11.31 23.37
CA PHE A 926 39.82 9.99 23.14
C PHE A 926 39.13 9.32 21.96
N PHE A 927 39.71 8.23 21.47
CA PHE A 927 39.07 7.45 20.41
C PHE A 927 38.16 6.37 21.00
N ASN A 928 37.16 5.92 20.24
CA ASN A 928 36.23 4.90 20.72
C ASN A 928 36.95 3.56 20.93
N PRO A 929 36.34 2.61 21.66
CA PRO A 929 37.11 1.39 21.99
C PRO A 929 37.56 0.58 20.75
N ILE A 930 36.80 0.67 19.65
CA ILE A 930 37.20 0.03 18.40
C ILE A 930 38.36 0.78 17.74
N GLN A 931 38.30 2.10 17.76
CA GLN A 931 39.36 2.92 17.17
C GLN A 931 40.70 2.71 17.86
N THR A 932 40.68 2.62 19.19
CA THR A 932 41.91 2.46 19.96
C THR A 932 42.53 1.08 19.75
N GLN A 933 41.69 0.05 19.67
CA GLN A 933 42.17 -1.31 19.46
C GLN A 933 42.76 -1.51 18.07
N VAL A 934 42.20 -0.82 17.11
CA VAL A 934 42.64 -0.92 15.72
C VAL A 934 43.91 -0.09 15.48
N PHE A 935 44.11 0.90 16.35
CA PHE A 935 45.10 1.96 16.19
C PHE A 935 46.54 1.53 15.92
N ASN A 936 47.11 0.70 16.80
CA ASN A 936 48.50 0.29 16.66
C ASN A 936 48.77 -0.35 15.32
N THR A 937 47.79 -1.08 14.82
CA THR A 937 47.95 -1.84 13.59
C THR A 937 47.80 -0.96 12.35
N VAL A 938 46.92 0.03 12.41
CA VAL A 938 46.66 0.82 11.22
C VAL A 938 47.60 2.03 11.15
N TYR A 939 47.97 2.55 12.32
CA TYR A 939 48.77 3.77 12.39
C TYR A 939 50.26 3.50 12.61
N ASN A 940 50.59 2.33 13.16
CA ASN A 940 51.98 1.95 13.36
C ASN A 940 52.40 0.68 12.59
N SER A 941 51.77 0.44 11.44
CA SER A 941 52.18 -0.60 10.52
C SER A 941 52.03 -0.13 9.08
N ASP A 942 52.59 -0.88 8.14
CA ASP A 942 52.40 -0.60 6.73
C ASP A 942 51.64 -1.75 6.08
N ASP A 943 51.11 -2.65 6.91
CA ASP A 943 50.48 -3.86 6.36
C ASP A 943 48.96 -3.79 6.19
N ASN A 944 48.44 -4.78 5.47
CA ASN A 944 47.03 -4.83 5.11
C ASN A 944 46.11 -5.12 6.29
N VAL A 945 44.98 -4.42 6.32
CA VAL A 945 44.08 -4.51 7.47
C VAL A 945 42.60 -4.48 7.06
N PHE A 946 41.80 -5.29 7.76
CA PHE A 946 40.35 -5.31 7.61
C PHE A 946 39.64 -4.81 8.89
N VAL A 947 38.68 -3.90 8.72
CA VAL A 947 37.90 -3.45 9.87
C VAL A 947 36.40 -3.71 9.72
N GLY A 948 35.89 -4.65 10.51
CA GLY A 948 34.49 -4.99 10.47
C GLY A 948 33.76 -4.58 11.75
N ALA A 949 32.94 -3.54 11.62
CA ALA A 949 32.22 -3.02 12.76
C ALA A 949 30.85 -2.54 12.31
N PRO A 950 29.85 -2.62 13.20
CA PRO A 950 28.49 -2.12 12.92
C PRO A 950 28.58 -0.71 12.33
N THR A 951 27.81 -0.45 11.29
CA THR A 951 27.84 0.85 10.66
C THR A 951 27.53 1.96 11.67
N GLY A 952 28.43 2.93 11.78
CA GLY A 952 28.31 3.97 12.78
C GLY A 952 29.45 3.98 13.79
N SER A 953 30.20 2.88 13.85
CA SER A 953 31.28 2.73 14.83
C SER A 953 32.45 3.71 14.62
N GLY A 954 32.40 4.50 13.55
CA GLY A 954 33.49 5.43 13.26
C GLY A 954 34.66 4.75 12.58
N LYS A 955 34.37 4.02 11.51
CA LYS A 955 35.38 3.35 10.74
C LYS A 955 36.05 4.34 9.80
N THR A 956 35.37 5.45 9.53
CA THR A 956 35.89 6.47 8.64
C THR A 956 37.30 6.90 9.05
N ILE A 957 37.47 7.24 10.33
CA ILE A 957 38.76 7.76 10.77
C ILE A 957 39.82 6.66 10.86
N CYS A 958 39.37 5.40 10.98
CA CYS A 958 40.29 4.28 10.94
C CYS A 958 41.07 4.30 9.62
N ALA A 959 40.39 4.66 8.54
CA ALA A 959 41.07 4.85 7.25
C ALA A 959 41.91 6.13 7.28
N GLU A 960 41.47 7.12 8.06
CA GLU A 960 42.20 8.37 8.19
C GLU A 960 43.55 8.13 8.87
N PHE A 961 43.59 7.23 9.84
CA PHE A 961 44.84 6.78 10.43
C PHE A 961 45.80 6.34 9.33
N ALA A 962 45.32 5.47 8.44
CA ALA A 962 46.15 4.92 7.37
C ALA A 962 46.59 6.01 6.40
N ILE A 963 45.75 7.02 6.20
CA ILE A 963 46.11 8.13 5.32
C ILE A 963 47.16 9.05 5.95
N LEU A 964 46.98 9.36 7.23
CA LEU A 964 47.95 10.17 7.95
C LEU A 964 49.31 9.47 8.00
N ARG A 965 49.28 8.16 8.23
CA ARG A 965 50.51 7.39 8.31
C ARG A 965 51.25 7.36 6.98
N MET A 966 50.49 7.36 5.88
CA MET A 966 51.09 7.44 4.56
C MET A 966 51.70 8.82 4.30
N LEU A 967 51.01 9.86 4.75
CA LEU A 967 51.48 11.24 4.60
C LEU A 967 52.79 11.46 5.35
N LEU A 968 52.95 10.72 6.44
CA LEU A 968 54.18 10.72 7.22
C LEU A 968 55.32 10.07 6.43
N GLN A 969 55.03 8.91 5.83
CA GLN A 969 56.02 8.15 5.07
C GLN A 969 56.38 8.82 3.74
N SER A 970 55.37 9.25 2.99
CA SER A 970 55.62 9.91 1.71
C SER A 970 55.20 11.38 1.72
N SER A 971 55.97 12.21 1.04
CA SER A 971 55.67 13.63 0.94
C SER A 971 54.45 13.83 0.05
N GLU A 972 54.59 13.44 -1.21
CA GLU A 972 53.49 13.46 -2.16
C GLU A 972 52.94 12.04 -2.31
N GLY A 973 52.39 11.51 -1.23
CA GLY A 973 51.84 10.17 -1.23
C GLY A 973 50.65 10.05 -2.14
N ARG A 974 50.26 8.81 -2.44
CA ARG A 974 49.12 8.55 -3.29
C ARG A 974 48.19 7.57 -2.57
N CYS A 975 46.95 7.98 -2.36
CA CYS A 975 45.94 7.12 -1.76
C CYS A 975 44.67 7.09 -2.59
N VAL A 976 44.19 5.89 -2.91
CA VAL A 976 42.91 5.73 -3.59
C VAL A 976 41.87 5.21 -2.60
N TYR A 977 40.76 5.92 -2.49
CA TYR A 977 39.66 5.51 -1.63
C TYR A 977 38.47 5.21 -2.50
N ILE A 978 37.90 4.02 -2.30
CA ILE A 978 36.74 3.60 -3.07
C ILE A 978 35.55 3.46 -2.13
N THR A 979 34.40 3.99 -2.55
CA THR A 979 33.11 3.72 -1.89
C THR A 979 32.13 3.22 -2.93
N PRO A 980 31.33 2.21 -2.58
CA PRO A 980 30.35 1.65 -3.52
C PRO A 980 29.30 2.66 -3.94
N MET A 981 29.00 3.64 -3.09
CA MET A 981 27.93 4.60 -3.36
C MET A 981 28.48 6.00 -3.66
N GLU A 982 27.90 6.63 -4.68
CA GLU A 982 28.32 7.97 -5.08
C GLU A 982 28.04 8.99 -4.00
N ALA A 983 26.84 8.91 -3.42
CA ALA A 983 26.43 9.84 -2.38
C ALA A 983 27.38 9.78 -1.19
N LEU A 984 27.95 8.59 -0.96
CA LEU A 984 28.98 8.44 0.06
C LEU A 984 30.28 9.11 -0.36
N ALA A 985 30.64 8.95 -1.64
CA ALA A 985 31.87 9.50 -2.17
C ALA A 985 31.89 11.01 -2.01
N GLU A 986 30.79 11.66 -2.38
CA GLU A 986 30.69 13.10 -2.30
C GLU A 986 30.69 13.61 -0.86
N GLN A 987 30.30 12.73 0.06
CA GLN A 987 30.27 13.05 1.49
C GLN A 987 31.67 13.01 2.07
N VAL A 988 32.43 11.97 1.72
CA VAL A 988 33.80 11.81 2.23
C VAL A 988 34.72 12.88 1.63
N TYR A 989 34.41 13.28 0.40
CA TYR A 989 35.15 14.31 -0.30
C TYR A 989 35.17 15.61 0.48
N MET A 990 33.99 16.17 0.69
CA MET A 990 33.83 17.37 1.51
C MET A 990 34.52 17.25 2.86
N ASP A 991 34.33 16.11 3.52
CA ASP A 991 34.90 15.89 4.85
C ASP A 991 36.42 15.84 4.84
N TRP A 992 36.98 15.28 3.78
CA TRP A 992 38.43 15.09 3.70
C TRP A 992 39.13 16.23 2.97
N TYR A 993 38.38 16.96 2.14
CA TYR A 993 38.93 18.11 1.46
C TYR A 993 39.31 19.17 2.49
N GLU A 994 38.40 19.40 3.45
CA GLU A 994 38.63 20.39 4.47
C GLU A 994 39.61 19.89 5.52
N LYS A 995 39.78 18.58 5.58
CA LYS A 995 40.71 17.98 6.52
C LYS A 995 42.10 17.87 5.91
N PHE A 996 42.18 17.40 4.67
CA PHE A 996 43.46 17.07 4.06
C PHE A 996 44.02 18.11 3.10
N GLN A 997 43.14 18.95 2.54
CA GLN A 997 43.60 20.02 1.65
C GLN A 997 43.58 21.39 2.29
N ASP A 998 42.60 21.65 3.16
CA ASP A 998 42.55 22.93 3.83
C ASP A 998 43.46 22.95 5.06
N ARG A 999 43.30 21.94 5.91
CA ARG A 999 44.11 21.84 7.13
C ARG A 999 45.55 21.39 6.86
N LEU A 1000 45.71 20.35 6.06
CA LEU A 1000 47.02 19.75 5.84
C LEU A 1000 47.66 20.08 4.48
N ASN A 1001 46.86 20.70 3.61
CA ASN A 1001 47.34 21.23 2.32
C ASN A 1001 47.78 20.21 1.27
N LYS A 1002 47.56 18.93 1.54
CA LYS A 1002 47.72 17.90 0.51
C LYS A 1002 46.56 18.05 -0.49
N LYS A 1003 46.60 17.31 -1.59
CA LYS A 1003 45.52 17.42 -2.56
C LYS A 1003 44.46 16.35 -2.33
N VAL A 1004 43.19 16.78 -2.34
CA VAL A 1004 42.07 15.85 -2.29
C VAL A 1004 41.23 16.02 -3.56
N VAL A 1005 41.09 14.95 -4.33
CA VAL A 1005 40.30 15.01 -5.55
C VAL A 1005 39.19 13.97 -5.61
N LEU A 1006 38.23 14.21 -6.49
CA LEU A 1006 37.07 13.35 -6.65
C LEU A 1006 36.89 13.00 -8.12
N LEU A 1007 37.04 11.72 -8.44
CA LEU A 1007 36.95 11.28 -9.83
C LEU A 1007 35.56 11.52 -10.42
N THR A 1008 35.48 11.63 -11.74
CA THR A 1008 34.22 11.94 -12.41
C THR A 1008 33.97 11.02 -13.60
N GLY A 1009 32.97 11.36 -14.40
CA GLY A 1009 32.57 10.53 -15.52
C GLY A 1009 33.59 10.43 -16.65
N GLU A 1010 34.40 11.47 -16.83
CA GLU A 1010 35.30 11.55 -17.98
C GLU A 1010 36.76 11.22 -17.69
N THR A 1011 37.36 10.47 -18.59
CA THR A 1011 38.64 9.79 -18.34
C THR A 1011 39.87 10.71 -18.35
N SER A 1012 39.94 11.59 -19.34
CA SER A 1012 41.08 12.49 -19.47
C SER A 1012 41.28 13.34 -18.22
N THR A 1013 40.25 14.07 -17.82
CA THR A 1013 40.31 14.92 -16.63
C THR A 1013 40.40 14.10 -15.33
N ASP A 1014 40.05 12.81 -15.41
CA ASP A 1014 40.21 11.90 -14.28
C ASP A 1014 41.67 11.44 -14.14
N LEU A 1015 42.36 11.34 -15.27
CA LEU A 1015 43.77 10.96 -15.28
C LEU A 1015 44.66 12.06 -14.67
N LYS A 1016 44.29 13.31 -14.89
CA LYS A 1016 45.05 14.41 -14.30
C LYS A 1016 44.82 14.46 -12.80
N LEU A 1017 43.56 14.24 -12.40
CA LEU A 1017 43.18 14.22 -10.99
C LEU A 1017 43.92 13.12 -10.24
N LEU A 1018 44.03 11.96 -10.88
CA LEU A 1018 44.82 10.85 -10.34
C LEU A 1018 46.30 11.23 -10.31
N GLY A 1019 46.67 12.17 -11.17
CA GLY A 1019 48.05 12.64 -11.23
C GLY A 1019 48.46 13.46 -10.02
N LYS A 1020 47.86 14.62 -9.83
CA LYS A 1020 48.29 15.55 -8.79
C LYS A 1020 47.69 15.24 -7.43
N GLY A 1021 46.80 14.26 -7.36
CA GLY A 1021 46.12 13.95 -6.13
C GLY A 1021 46.93 13.16 -5.13
N ASN A 1022 46.78 13.51 -3.85
CA ASN A 1022 47.28 12.70 -2.76
C ASN A 1022 46.18 11.76 -2.29
N ILE A 1023 44.96 12.27 -2.26
CA ILE A 1023 43.79 11.48 -1.90
C ILE A 1023 42.81 11.44 -3.06
N ILE A 1024 42.59 10.25 -3.60
CA ILE A 1024 41.71 10.08 -4.74
C ILE A 1024 40.41 9.41 -4.31
N ILE A 1025 39.31 10.16 -4.35
CA ILE A 1025 38.00 9.59 -4.01
C ILE A 1025 37.28 9.16 -5.26
N SER A 1026 36.73 7.95 -5.24
CA SER A 1026 36.06 7.40 -6.41
C SER A 1026 35.08 6.29 -6.07
N THR A 1027 34.08 6.14 -6.92
CA THR A 1027 33.21 4.98 -6.90
C THR A 1027 33.82 3.86 -7.75
N PRO A 1028 33.35 2.60 -7.59
CA PRO A 1028 34.10 1.50 -8.21
C PRO A 1028 34.18 1.48 -9.73
N GLU A 1029 33.16 1.96 -10.45
CA GLU A 1029 33.17 1.91 -11.90
C GLU A 1029 34.11 2.95 -12.48
N LYS A 1030 34.15 4.13 -11.85
CA LYS A 1030 35.08 5.18 -12.25
C LYS A 1030 36.54 4.71 -12.15
N TRP A 1031 36.82 3.85 -11.17
CA TRP A 1031 38.17 3.36 -10.94
C TRP A 1031 38.40 2.11 -11.79
N ASP A 1032 37.31 1.45 -12.15
CA ASP A 1032 37.39 0.26 -12.98
C ASP A 1032 37.84 0.67 -14.37
N ILE A 1033 37.17 1.69 -14.91
CA ILE A 1033 37.46 2.18 -16.26
C ILE A 1033 38.88 2.77 -16.37
N LEU A 1034 39.42 3.22 -15.24
CA LEU A 1034 40.80 3.70 -15.22
C LEU A 1034 41.82 2.58 -15.09
N SER A 1035 41.62 1.72 -14.10
CA SER A 1035 42.61 0.71 -13.73
C SER A 1035 42.62 -0.53 -14.65
N ARG A 1036 41.76 -0.53 -15.67
CA ARG A 1036 41.80 -1.58 -16.68
C ARG A 1036 43.13 -1.49 -17.42
N ARG A 1037 43.52 -0.26 -17.75
CA ARG A 1037 44.70 0.00 -18.55
C ARG A 1037 45.93 0.19 -17.67
N TRP A 1038 45.96 -0.49 -16.53
CA TRP A 1038 47.02 -0.30 -15.54
C TRP A 1038 48.44 -0.51 -16.10
N LYS A 1039 48.58 -1.38 -17.09
CA LYS A 1039 49.87 -1.57 -17.75
C LYS A 1039 50.33 -0.27 -18.41
N GLN A 1040 49.38 0.47 -18.97
CA GLN A 1040 49.67 1.69 -19.72
C GLN A 1040 49.69 2.94 -18.84
N ARG A 1041 48.80 3.03 -17.86
CA ARG A 1041 48.78 4.18 -16.96
C ARG A 1041 49.67 3.95 -15.74
N LYS A 1042 50.78 4.68 -15.70
CA LYS A 1042 51.77 4.55 -14.63
C LYS A 1042 51.18 4.91 -13.26
N ASN A 1043 50.40 5.98 -13.22
CA ASN A 1043 49.84 6.50 -11.97
C ASN A 1043 48.96 5.50 -11.20
N VAL A 1044 48.47 4.48 -11.89
CA VAL A 1044 47.65 3.43 -11.27
C VAL A 1044 48.52 2.43 -10.51
N GLN A 1045 49.75 2.26 -10.97
CA GLN A 1045 50.67 1.31 -10.35
C GLN A 1045 51.31 1.87 -9.08
N ASN A 1046 51.88 3.06 -9.17
CA ASN A 1046 52.58 3.62 -8.01
C ASN A 1046 51.67 4.36 -7.04
N ILE A 1047 50.60 3.71 -6.60
CA ILE A 1047 49.80 4.22 -5.50
C ILE A 1047 50.24 3.50 -4.23
N ASN A 1048 50.33 4.24 -3.13
CA ASN A 1048 50.84 3.69 -1.88
C ASN A 1048 49.78 2.94 -1.11
N LEU A 1049 48.63 3.57 -0.97
CA LEU A 1049 47.56 3.11 -0.08
C LEU A 1049 46.25 3.04 -0.83
N PHE A 1050 45.57 1.91 -0.72
CA PHE A 1050 44.30 1.68 -1.40
C PHE A 1050 43.24 1.35 -0.35
N VAL A 1051 42.23 2.20 -0.23
CA VAL A 1051 41.19 2.02 0.79
C VAL A 1051 39.86 1.59 0.21
N VAL A 1052 39.30 0.51 0.74
CA VAL A 1052 37.96 0.08 0.36
C VAL A 1052 37.00 0.18 1.53
N ASP A 1053 35.95 0.97 1.35
CA ASP A 1053 34.95 1.17 2.40
C ASP A 1053 33.67 0.42 2.04
N GLU A 1054 33.02 -0.11 3.06
CA GLU A 1054 31.78 -0.88 2.89
C GLU A 1054 32.00 -2.09 1.99
N VAL A 1055 33.02 -2.91 2.26
CA VAL A 1055 33.26 -4.04 1.37
C VAL A 1055 32.18 -5.10 1.47
N HIS A 1056 31.33 -5.04 2.47
CA HIS A 1056 30.22 -5.97 2.58
C HIS A 1056 29.23 -5.76 1.44
N LEU A 1057 29.29 -4.58 0.81
CA LEU A 1057 28.46 -4.26 -0.36
C LEU A 1057 28.84 -5.11 -1.57
N ILE A 1058 29.87 -5.94 -1.39
CA ILE A 1058 30.34 -6.84 -2.42
C ILE A 1058 29.24 -7.85 -2.69
N GLY A 1059 28.46 -8.14 -1.66
CA GLY A 1059 27.37 -9.10 -1.75
C GLY A 1059 26.10 -8.56 -2.38
N GLY A 1060 26.09 -7.27 -2.70
CA GLY A 1060 24.90 -6.64 -3.22
C GLY A 1060 24.91 -6.30 -4.69
N GLU A 1061 23.90 -5.54 -5.11
CA GLU A 1061 23.81 -5.03 -6.47
C GLU A 1061 25.06 -4.22 -6.76
N ASN A 1062 25.56 -4.33 -7.98
CA ASN A 1062 26.78 -3.62 -8.40
C ASN A 1062 28.01 -4.01 -7.57
N GLY A 1063 27.88 -5.09 -6.81
CA GLY A 1063 28.98 -5.66 -6.05
C GLY A 1063 30.13 -6.29 -6.85
N PRO A 1064 29.83 -6.90 -8.02
CA PRO A 1064 30.94 -7.45 -8.80
C PRO A 1064 32.03 -6.44 -9.17
N VAL A 1065 31.64 -5.26 -9.67
CA VAL A 1065 32.64 -4.25 -10.05
C VAL A 1065 33.56 -3.92 -8.88
N LEU A 1066 33.01 -3.92 -7.68
CA LEU A 1066 33.81 -3.73 -6.47
C LEU A 1066 34.79 -4.89 -6.30
N GLU A 1067 34.28 -6.09 -6.52
CA GLU A 1067 35.10 -7.29 -6.34
C GLU A 1067 36.21 -7.39 -7.39
N VAL A 1068 35.89 -6.96 -8.61
CA VAL A 1068 36.86 -6.98 -9.69
C VAL A 1068 38.04 -6.06 -9.40
N ILE A 1069 37.75 -4.80 -9.08
CA ILE A 1069 38.81 -3.82 -8.87
C ILE A 1069 39.67 -4.08 -7.64
N CYS A 1070 39.09 -4.66 -6.60
CA CYS A 1070 39.87 -5.04 -5.42
C CYS A 1070 40.80 -6.20 -5.77
N SER A 1071 40.36 -7.07 -6.66
CA SER A 1071 41.15 -8.23 -7.03
C SER A 1071 42.30 -7.81 -7.93
N ARG A 1072 42.01 -6.88 -8.84
CA ARG A 1072 43.02 -6.32 -9.72
C ARG A 1072 44.13 -5.64 -8.91
N MET A 1073 43.73 -4.90 -7.89
CA MET A 1073 44.69 -4.23 -7.02
C MET A 1073 45.61 -5.21 -6.28
N ARG A 1074 45.07 -6.37 -5.94
CA ARG A 1074 45.88 -7.42 -5.32
C ARG A 1074 46.89 -8.00 -6.31
N TYR A 1075 46.44 -8.17 -7.55
CA TYR A 1075 47.28 -8.77 -8.59
C TYR A 1075 48.42 -7.82 -8.98
N ILE A 1076 48.08 -6.55 -9.18
CA ILE A 1076 49.06 -5.50 -9.43
C ILE A 1076 50.12 -5.50 -8.33
N SER A 1077 49.68 -5.58 -7.08
CA SER A 1077 50.57 -5.51 -5.93
C SER A 1077 51.67 -6.57 -5.93
N SER A 1078 51.29 -7.82 -6.21
CA SER A 1078 52.24 -8.93 -6.17
C SER A 1078 53.09 -8.99 -7.43
N GLN A 1079 52.71 -8.20 -8.43
CA GLN A 1079 53.35 -8.23 -9.73
C GLN A 1079 54.29 -7.04 -9.93
N ILE A 1080 54.38 -6.19 -8.93
CA ILE A 1080 55.26 -5.02 -9.00
C ILE A 1080 56.26 -5.02 -7.85
N GLU A 1081 56.04 -5.91 -6.89
CA GLU A 1081 57.00 -6.19 -5.81
C GLU A 1081 57.36 -4.98 -4.95
N ARG A 1082 56.53 -3.94 -5.02
CA ARG A 1082 56.59 -2.83 -4.07
C ARG A 1082 55.18 -2.64 -3.52
N PRO A 1083 54.76 -3.54 -2.62
CA PRO A 1083 53.37 -3.83 -2.23
C PRO A 1083 52.48 -2.60 -2.08
N ILE A 1084 51.23 -2.73 -2.49
CA ILE A 1084 50.24 -1.70 -2.25
C ILE A 1084 49.53 -2.06 -0.95
N ARG A 1085 49.28 -1.06 -0.10
CA ARG A 1085 48.62 -1.31 1.19
C ARG A 1085 47.11 -1.31 1.03
N ILE A 1086 46.49 -2.43 1.38
CA ILE A 1086 45.04 -2.54 1.32
C ILE A 1086 44.45 -2.35 2.70
N VAL A 1087 43.53 -1.40 2.80
CA VAL A 1087 42.76 -1.22 4.02
C VAL A 1087 41.29 -1.35 3.64
N ALA A 1088 40.62 -2.34 4.24
CA ALA A 1088 39.22 -2.59 3.94
C ALA A 1088 38.33 -2.38 5.16
N LEU A 1089 37.31 -1.53 5.00
CA LEU A 1089 36.36 -1.26 6.07
C LEU A 1089 35.02 -1.91 5.73
N SER A 1090 34.35 -2.46 6.74
CA SER A 1090 33.11 -3.20 6.49
C SER A 1090 32.18 -3.25 7.69
N SER A 1091 30.89 -3.48 7.42
CA SER A 1091 29.96 -3.89 8.47
C SER A 1091 30.42 -5.22 9.02
N SER A 1092 29.92 -5.58 10.19
CA SER A 1092 30.26 -6.87 10.78
C SER A 1092 29.93 -8.00 9.80
N LEU A 1093 30.91 -8.84 9.52
CA LEU A 1093 30.75 -9.96 8.62
C LEU A 1093 30.86 -11.28 9.38
N SER A 1094 30.00 -12.24 9.03
CA SER A 1094 30.12 -13.58 9.60
C SER A 1094 31.35 -14.26 9.01
N ASN A 1095 31.59 -14.00 7.73
CA ASN A 1095 32.70 -14.61 7.00
C ASN A 1095 33.86 -13.65 6.69
N ALA A 1096 34.29 -12.88 7.68
CA ALA A 1096 35.34 -11.89 7.45
C ALA A 1096 36.66 -12.56 7.10
N LYS A 1097 36.88 -13.76 7.62
CA LYS A 1097 38.09 -14.51 7.36
C LYS A 1097 38.32 -14.65 5.85
N ASP A 1098 37.26 -14.99 5.12
CA ASP A 1098 37.36 -15.13 3.68
C ASP A 1098 37.74 -13.82 2.97
N VAL A 1099 37.30 -12.70 3.52
CA VAL A 1099 37.57 -11.40 2.92
C VAL A 1099 39.00 -11.01 3.24
N ALA A 1100 39.44 -11.36 4.45
CA ALA A 1100 40.79 -11.09 4.91
C ALA A 1100 41.83 -11.86 4.09
N HIS A 1101 41.60 -13.16 3.90
N HIS A 1101 41.59 -13.15 3.92
CA HIS A 1101 42.51 -13.98 3.11
CA HIS A 1101 42.44 -14.02 3.11
C HIS A 1101 42.49 -13.56 1.65
C HIS A 1101 42.50 -13.51 1.68
N TRP A 1102 41.38 -12.98 1.20
CA TRP A 1102 41.24 -12.50 -0.17
C TRP A 1102 42.09 -11.27 -0.41
N LEU A 1103 42.04 -10.31 0.52
CA LEU A 1103 42.77 -9.05 0.39
C LEU A 1103 44.17 -9.10 1.02
N GLY A 1104 44.56 -10.26 1.53
CA GLY A 1104 45.89 -10.43 2.07
C GLY A 1104 46.08 -9.80 3.43
N CYS A 1105 45.16 -10.11 4.34
CA CYS A 1105 45.24 -9.64 5.71
C CYS A 1105 45.50 -10.82 6.63
N SER A 1106 46.47 -10.68 7.53
CA SER A 1106 46.70 -11.68 8.57
C SER A 1106 45.50 -11.67 9.51
N ALA A 1107 45.39 -12.69 10.35
CA ALA A 1107 44.28 -12.75 11.29
C ALA A 1107 44.47 -11.72 12.39
N THR A 1108 45.73 -11.46 12.73
CA THR A 1108 46.06 -10.53 13.79
C THR A 1108 45.84 -9.09 13.34
N SER A 1109 45.78 -8.91 12.02
CA SER A 1109 45.49 -7.59 11.43
C SER A 1109 44.11 -7.57 10.77
N THR A 1110 43.24 -8.48 11.19
CA THR A 1110 41.86 -8.51 10.74
C THR A 1110 40.94 -8.32 11.92
N PHE A 1111 40.23 -7.19 11.94
CA PHE A 1111 39.37 -6.84 13.06
C PHE A 1111 37.90 -6.92 12.67
N ASN A 1112 37.23 -7.93 13.22
CA ASN A 1112 35.83 -8.18 12.90
C ASN A 1112 34.99 -8.28 14.17
N PHE A 1113 34.29 -7.18 14.51
CA PHE A 1113 33.54 -7.09 15.76
C PHE A 1113 32.06 -7.38 15.58
N HIS A 1114 31.47 -8.03 16.58
CA HIS A 1114 30.05 -8.35 16.58
C HIS A 1114 29.21 -7.09 16.77
N PRO A 1115 28.01 -7.05 16.16
CA PRO A 1115 27.06 -5.93 16.31
C PRO A 1115 26.75 -5.49 17.75
N ASN A 1116 26.82 -6.41 18.70
CA ASN A 1116 26.53 -6.06 20.09
C ASN A 1116 27.70 -5.39 20.80
N VAL A 1117 28.72 -5.04 20.04
CA VAL A 1117 29.91 -4.42 20.62
C VAL A 1117 30.07 -2.98 20.13
N ARG A 1118 29.20 -2.61 19.19
CA ARG A 1118 28.98 -1.23 18.76
C ARG A 1118 29.16 -0.26 19.91
N PRO A 1119 30.04 0.74 19.73
CA PRO A 1119 30.40 1.72 20.77
C PRO A 1119 29.18 2.25 21.50
N VAL A 1120 28.20 2.75 20.75
CA VAL A 1120 26.93 3.15 21.35
C VAL A 1120 25.94 2.00 21.23
N PRO A 1121 25.56 1.41 22.37
CA PRO A 1121 24.62 0.27 22.37
C PRO A 1121 23.32 0.62 21.68
N LEU A 1122 22.90 -0.26 20.78
CA LEU A 1122 21.68 -0.10 20.03
C LEU A 1122 20.56 -0.92 20.66
N GLU A 1123 19.39 -0.31 20.78
CA GLU A 1123 18.20 -1.01 21.23
C GLU A 1123 17.29 -1.08 20.03
N LEU A 1124 17.08 -2.30 19.53
CA LEU A 1124 16.35 -2.53 18.30
C LEU A 1124 14.98 -3.16 18.60
N HIS A 1125 13.95 -2.63 17.95
CA HIS A 1125 12.60 -3.14 18.13
C HIS A 1125 12.03 -3.47 16.76
N ILE A 1126 11.47 -4.66 16.61
CA ILE A 1126 10.87 -5.03 15.34
C ILE A 1126 9.37 -5.22 15.50
N GLN A 1127 8.61 -4.53 14.66
CA GLN A 1127 7.19 -4.42 14.86
C GLN A 1127 6.51 -4.82 13.57
N GLY A 1128 5.75 -5.91 13.64
CA GLY A 1128 5.13 -6.48 12.46
C GLY A 1128 3.70 -6.03 12.30
N PHE A 1129 3.30 -5.82 11.06
CA PHE A 1129 1.92 -5.46 10.74
C PHE A 1129 1.39 -6.49 9.75
N ASN A 1130 0.46 -7.34 10.19
CA ASN A 1130 -0.15 -8.32 9.30
C ASN A 1130 -1.13 -7.69 8.33
N ILE A 1131 -0.58 -6.92 7.39
CA ILE A 1131 -1.38 -6.27 6.35
C ILE A 1131 -0.66 -6.40 5.01
N SER A 1132 -1.26 -7.19 4.12
CA SER A 1132 -0.66 -7.50 2.83
C SER A 1132 -0.63 -6.29 1.91
N HIS A 1133 -1.72 -5.54 1.89
CA HIS A 1133 -1.86 -4.40 0.98
C HIS A 1133 -1.01 -3.22 1.42
N THR A 1134 0.07 -2.97 0.68
CA THR A 1134 1.10 -2.00 1.06
C THR A 1134 0.59 -0.59 1.42
N GLN A 1135 -0.27 -0.04 0.57
CA GLN A 1135 -0.81 1.30 0.77
C GLN A 1135 -1.60 1.36 2.08
N THR A 1136 -2.32 0.29 2.39
CA THR A 1136 -3.04 0.20 3.66
C THR A 1136 -2.04 0.07 4.81
N ARG A 1137 -1.10 -0.87 4.70
CA ARG A 1137 -0.12 -1.11 5.75
C ARG A 1137 0.58 0.19 6.15
N LEU A 1138 0.96 0.96 5.14
CA LEU A 1138 1.64 2.24 5.31
C LEU A 1138 0.81 3.17 6.18
N LEU A 1139 -0.45 3.36 5.80
CA LEU A 1139 -1.35 4.22 6.54
C LEU A 1139 -1.51 3.82 8.01
N SER A 1140 -1.57 2.52 8.26
CA SER A 1140 -1.76 2.01 9.61
C SER A 1140 -0.48 2.07 10.44
N MET A 1141 0.61 2.51 9.81
CA MET A 1141 1.86 2.70 10.53
C MET A 1141 1.95 4.12 11.06
N ALA A 1142 1.06 4.99 10.59
CA ALA A 1142 1.08 6.41 10.92
C ALA A 1142 1.08 6.69 12.43
N LYS A 1143 0.07 6.19 13.13
CA LYS A 1143 0.05 6.33 14.59
C LYS A 1143 1.23 5.67 15.32
N PRO A 1144 1.56 4.40 14.98
CA PRO A 1144 2.75 3.80 15.63
C PRO A 1144 4.03 4.62 15.46
N VAL A 1145 4.15 5.36 14.37
CA VAL A 1145 5.30 6.22 14.15
C VAL A 1145 5.34 7.32 15.20
N TYR A 1146 4.20 7.96 15.44
CA TYR A 1146 4.10 8.97 16.48
C TYR A 1146 4.33 8.37 17.85
N HIS A 1147 3.77 7.19 18.10
CA HIS A 1147 3.88 6.62 19.42
C HIS A 1147 5.31 6.21 19.71
N ALA A 1148 6.06 5.92 18.65
CA ALA A 1148 7.45 5.50 18.82
C ALA A 1148 8.29 6.69 19.22
N ILE A 1149 8.04 7.82 18.56
CA ILE A 1149 8.68 9.07 18.90
C ILE A 1149 8.42 9.44 20.37
N THR A 1150 7.15 9.44 20.80
CA THR A 1150 6.82 9.80 22.18
C THR A 1150 7.34 8.79 23.21
N LYS A 1151 7.47 7.54 22.83
CA LYS A 1151 7.92 6.52 23.80
C LYS A 1151 9.42 6.40 23.88
N HIS A 1152 10.07 6.43 22.71
CA HIS A 1152 11.49 6.10 22.63
C HIS A 1152 12.41 7.31 22.52
N SER A 1153 11.87 8.47 22.20
CA SER A 1153 12.68 9.67 22.02
C SER A 1153 11.86 10.96 21.98
N PRO A 1154 11.21 11.30 23.09
CA PRO A 1154 10.31 12.46 23.12
C PRO A 1154 11.06 13.79 23.06
N LYS A 1155 12.32 13.78 23.48
CA LYS A 1155 13.10 15.00 23.52
C LYS A 1155 14.27 15.00 22.54
N LYS A 1156 14.80 13.81 22.24
CA LYS A 1156 15.99 13.70 21.40
C LYS A 1156 15.65 13.56 19.90
N PRO A 1157 16.62 13.82 19.01
CA PRO A 1157 16.35 13.81 17.55
C PRO A 1157 15.89 12.46 16.96
N VAL A 1158 15.06 12.57 15.92
CA VAL A 1158 14.49 11.41 15.26
C VAL A 1158 14.58 11.51 13.73
N ILE A 1159 15.07 10.44 13.10
CA ILE A 1159 14.93 10.29 11.66
C ILE A 1159 13.92 9.19 11.36
N VAL A 1160 12.98 9.49 10.47
CA VAL A 1160 12.01 8.52 9.99
C VAL A 1160 12.22 8.26 8.50
N PHE A 1161 12.58 7.03 8.18
CA PHE A 1161 12.74 6.65 6.78
C PHE A 1161 11.43 6.16 6.21
N VAL A 1162 11.06 6.65 5.03
CA VAL A 1162 9.84 6.21 4.38
C VAL A 1162 10.16 5.70 2.97
N PRO A 1163 9.29 4.91 2.36
CA PRO A 1163 9.67 4.33 1.07
C PRO A 1163 9.65 5.28 -0.13
N SER A 1164 9.06 6.46 -0.03
CA SER A 1164 9.02 7.33 -1.20
C SER A 1164 8.98 8.85 -0.95
N ARG A 1165 8.98 9.59 -2.05
CA ARG A 1165 8.94 11.05 -2.04
C ARG A 1165 7.62 11.57 -1.47
N LYS A 1166 6.52 11.15 -2.08
CA LYS A 1166 5.20 11.60 -1.64
C LYS A 1166 4.96 11.23 -0.17
N GLN A 1167 5.45 10.06 0.25
CA GLN A 1167 5.26 9.61 1.62
C GLN A 1167 6.02 10.48 2.62
N THR A 1168 7.12 11.06 2.16
CA THR A 1168 7.95 11.87 3.04
C THR A 1168 7.16 13.09 3.54
N ARG A 1169 6.43 13.72 2.64
CA ARG A 1169 5.66 14.91 2.96
C ARG A 1169 4.46 14.51 3.83
N LEU A 1170 3.78 13.43 3.42
CA LEU A 1170 2.60 12.93 4.14
C LEU A 1170 2.90 12.52 5.58
N THR A 1171 4.00 11.80 5.79
CA THR A 1171 4.37 11.37 7.13
C THR A 1171 4.67 12.54 8.07
N ALA A 1172 5.36 13.56 7.56
CA ALA A 1172 5.70 14.74 8.36
C ALA A 1172 4.44 15.52 8.77
N ILE A 1173 3.57 15.78 7.80
CA ILE A 1173 2.28 16.40 8.06
C ILE A 1173 1.45 15.61 9.09
N ASP A 1174 1.52 14.29 9.06
CA ASP A 1174 0.79 13.45 10.00
C ASP A 1174 1.34 13.59 11.40
N ILE A 1175 2.67 13.60 11.52
CA ILE A 1175 3.34 13.82 12.80
C ILE A 1175 2.92 15.17 13.40
N LEU A 1176 2.93 16.21 12.56
CA LEU A 1176 2.46 17.53 12.97
C LEU A 1176 1.02 17.55 13.45
N THR A 1177 0.11 16.99 12.66
CA THR A 1177 -1.30 17.06 12.98
C THR A 1177 -1.62 16.22 14.21
N THR A 1178 -0.88 15.14 14.40
CA THR A 1178 -1.08 14.30 15.56
C THR A 1178 -0.57 15.05 16.78
N CYS A 1179 0.53 15.76 16.59
CA CYS A 1179 1.13 16.59 17.64
C CYS A 1179 0.13 17.59 18.21
N ALA A 1180 -0.55 18.30 17.32
CA ALA A 1180 -1.55 19.30 17.69
C ALA A 1180 -2.80 18.71 18.34
N ALA A 1181 -3.19 17.51 17.93
CA ALA A 1181 -4.32 16.82 18.54
C ALA A 1181 -3.93 16.22 19.89
N ASP A 1182 -2.63 16.03 20.09
CA ASP A 1182 -2.11 15.61 21.38
C ASP A 1182 -1.97 16.86 22.25
N ILE A 1183 -2.35 18.00 21.65
CA ILE A 1183 -2.39 19.33 22.28
C ILE A 1183 -1.00 19.96 22.42
N GLN A 1184 0.03 19.15 22.25
CA GLN A 1184 1.41 19.64 22.27
C GLN A 1184 1.87 20.11 20.90
N ARG A 1185 1.13 21.03 20.28
CA ARG A 1185 1.55 21.58 19.00
C ARG A 1185 2.91 22.30 19.12
N GLN A 1186 3.76 22.07 18.13
CA GLN A 1186 5.09 22.67 18.04
C GLN A 1186 6.10 22.06 19.02
N ARG A 1187 5.74 20.92 19.60
CA ARG A 1187 6.58 20.24 20.61
C ARG A 1187 7.92 19.75 20.02
N PHE A 1188 8.02 19.69 18.70
CA PHE A 1188 9.27 19.29 18.06
C PHE A 1188 10.16 20.49 17.67
N LEU A 1189 9.64 21.71 17.84
CA LEU A 1189 10.42 22.93 17.62
C LEU A 1189 11.20 23.28 18.88
N HIS A 1190 12.50 23.50 18.75
CA HIS A 1190 13.32 23.76 19.92
C HIS A 1190 14.03 25.13 19.86
N CYS A 1191 13.42 26.07 19.15
CA CYS A 1191 13.90 27.43 19.07
C CYS A 1191 12.68 28.31 18.80
N THR A 1192 12.85 29.62 18.62
CA THR A 1192 11.72 30.45 18.22
C THR A 1192 11.51 30.39 16.72
N GLU A 1193 10.35 30.87 16.26
CA GLU A 1193 10.11 31.00 14.85
C GLU A 1193 11.04 32.02 14.17
N LYS A 1194 11.35 33.12 14.84
CA LYS A 1194 12.22 34.13 14.26
C LYS A 1194 13.68 33.68 14.17
N ASP A 1195 14.01 32.60 14.84
CA ASP A 1195 15.34 32.02 14.75
C ASP A 1195 15.47 31.37 13.39
N LEU A 1196 14.39 30.72 12.95
CA LEU A 1196 14.37 29.94 11.70
C LEU A 1196 14.15 30.78 10.45
N ILE A 1197 13.44 31.89 10.58
CA ILE A 1197 12.96 32.67 9.45
C ILE A 1197 14.01 33.11 8.41
N PRO A 1198 15.20 33.54 8.85
CA PRO A 1198 16.20 33.83 7.83
C PRO A 1198 16.57 32.63 6.94
N TYR A 1199 16.65 31.43 7.51
CA TYR A 1199 16.93 30.22 6.73
C TYR A 1199 15.75 29.77 5.87
N LEU A 1200 14.55 29.73 6.45
CA LEU A 1200 13.36 29.35 5.69
C LEU A 1200 13.08 30.25 4.48
N GLU A 1201 13.60 31.48 4.51
CA GLU A 1201 13.38 32.40 3.40
C GLU A 1201 14.02 31.92 2.08
N LYS A 1202 15.05 31.09 2.20
CA LYS A 1202 15.70 30.52 1.02
C LYS A 1202 14.78 29.52 0.32
N LEU A 1203 14.20 28.62 1.12
CA LEU A 1203 13.36 27.53 0.63
C LEU A 1203 12.27 27.96 -0.35
N SER A 1204 11.92 27.05 -1.27
CA SER A 1204 10.90 27.34 -2.28
C SER A 1204 9.70 26.40 -2.19
N ASP A 1205 9.80 25.37 -1.35
CA ASP A 1205 8.65 24.54 -1.04
C ASP A 1205 7.85 25.16 0.10
N SER A 1206 6.59 25.51 -0.17
CA SER A 1206 5.73 26.15 0.83
C SER A 1206 5.46 25.23 2.03
N THR A 1207 5.10 24.00 1.73
CA THR A 1207 4.83 22.99 2.73
C THR A 1207 6.05 22.69 3.62
N LEU A 1208 7.25 22.79 3.04
CA LEU A 1208 8.48 22.55 3.79
C LEU A 1208 8.72 23.66 4.81
N LYS A 1209 8.38 24.89 4.44
CA LYS A 1209 8.44 26.01 5.38
C LYS A 1209 7.48 25.73 6.53
N GLU A 1210 6.23 25.39 6.18
CA GLU A 1210 5.20 25.13 7.17
C GLU A 1210 5.56 24.01 8.16
N THR A 1211 6.10 22.91 7.67
CA THR A 1211 6.44 21.82 8.57
C THR A 1211 7.64 22.19 9.45
N LEU A 1212 8.68 22.77 8.86
CA LEU A 1212 9.87 23.19 9.62
C LEU A 1212 9.50 24.17 10.73
N LEU A 1213 8.64 25.14 10.38
CA LEU A 1213 8.10 26.09 11.33
C LEU A 1213 7.45 25.39 12.52
N ASN A 1214 7.03 24.13 12.31
CA ASN A 1214 6.42 23.32 13.35
C ASN A 1214 7.34 22.23 13.89
N GLY A 1215 8.62 22.30 13.52
CA GLY A 1215 9.63 21.45 14.10
C GLY A 1215 9.92 20.14 13.38
N VAL A 1216 9.32 19.96 12.20
CA VAL A 1216 9.53 18.73 11.46
C VAL A 1216 10.00 18.98 10.03
N GLY A 1217 11.16 18.46 9.69
CA GLY A 1217 11.66 18.58 8.34
C GLY A 1217 11.43 17.31 7.52
N TYR A 1218 11.58 17.43 6.21
CA TYR A 1218 11.60 16.25 5.37
C TYR A 1218 12.60 16.35 4.22
N LEU A 1219 13.10 15.19 3.78
CA LEU A 1219 14.11 15.10 2.73
C LEU A 1219 13.68 14.12 1.64
N HIS A 1220 13.33 14.63 0.48
CA HIS A 1220 13.16 13.79 -0.70
C HIS A 1220 14.04 14.30 -1.83
N GLU A 1221 13.99 13.66 -2.98
CA GLU A 1221 14.92 14.02 -4.05
C GLU A 1221 14.44 15.12 -4.98
N GLY A 1222 13.29 15.71 -4.69
CA GLY A 1222 12.80 16.87 -5.42
C GLY A 1222 13.25 18.18 -4.77
N LEU A 1223 13.97 18.07 -3.67
CA LEU A 1223 14.54 19.23 -3.03
C LEU A 1223 15.89 19.52 -3.66
N SER A 1224 16.25 20.81 -3.73
CA SER A 1224 17.58 21.23 -4.17
C SER A 1224 18.60 20.56 -3.29
N PRO A 1225 19.82 20.37 -3.81
CA PRO A 1225 20.92 19.92 -2.95
C PRO A 1225 21.13 20.92 -1.82
N MET A 1226 20.76 22.18 -2.03
CA MET A 1226 20.88 23.20 -1.00
C MET A 1226 19.77 23.07 0.02
N GLU A 1227 18.53 22.96 -0.45
CA GLU A 1227 17.40 22.79 0.44
C GLU A 1227 17.62 21.61 1.37
N ARG A 1228 18.30 20.58 0.89
CA ARG A 1228 18.60 19.42 1.73
C ARG A 1228 19.73 19.69 2.74
N ARG A 1229 20.74 20.45 2.32
CA ARG A 1229 21.82 20.84 3.21
C ARG A 1229 21.24 21.67 4.34
N LEU A 1230 20.33 22.57 3.98
CA LEU A 1230 19.67 23.46 4.93
C LEU A 1230 18.89 22.69 5.98
N VAL A 1231 18.01 21.78 5.54
CA VAL A 1231 17.25 20.94 6.45
C VAL A 1231 18.17 20.13 7.38
N GLU A 1232 19.23 19.57 6.83
CA GLU A 1232 20.16 18.80 7.66
C GLU A 1232 20.82 19.65 8.73
N GLN A 1233 21.16 20.89 8.37
CA GLN A 1233 21.75 21.86 9.31
C GLN A 1233 20.84 22.14 10.51
N LEU A 1234 19.59 22.48 10.23
CA LEU A 1234 18.60 22.69 11.27
C LEU A 1234 18.43 21.47 12.18
N PHE A 1235 18.47 20.28 11.59
CA PHE A 1235 18.32 19.04 12.34
C PHE A 1235 19.50 18.79 13.29
N SER A 1236 20.71 19.01 12.78
CA SER A 1236 21.90 18.79 13.58
C SER A 1236 22.05 19.82 14.68
N SER A 1237 21.44 20.99 14.47
CA SER A 1237 21.53 22.09 15.42
C SER A 1237 20.69 21.77 16.65
N GLY A 1238 19.63 21.00 16.42
CA GLY A 1238 18.72 20.64 17.49
C GLY A 1238 17.43 21.43 17.39
N ALA A 1239 17.44 22.46 16.54
CA ALA A 1239 16.27 23.29 16.28
C ALA A 1239 15.03 22.48 15.88
N ILE A 1240 15.16 21.66 14.85
CA ILE A 1240 14.06 20.80 14.48
C ILE A 1240 14.33 19.37 14.95
N GLN A 1241 13.31 18.71 15.47
CA GLN A 1241 13.51 17.46 16.20
C GLN A 1241 13.39 16.22 15.35
N VAL A 1242 12.65 16.33 14.25
CA VAL A 1242 12.29 15.18 13.42
C VAL A 1242 12.51 15.46 11.94
N VAL A 1243 13.24 14.59 11.26
CA VAL A 1243 13.25 14.57 9.78
C VAL A 1243 12.71 13.27 9.21
N VAL A 1244 11.81 13.40 8.26
CA VAL A 1244 11.31 12.26 7.49
C VAL A 1244 12.07 12.21 6.16
N ALA A 1245 12.75 11.10 5.89
CA ALA A 1245 13.49 10.97 4.64
C ALA A 1245 13.09 9.74 3.82
N SER A 1246 13.16 9.85 2.49
CA SER A 1246 12.95 8.68 1.64
C SER A 1246 14.19 7.80 1.67
N ARG A 1247 14.01 6.50 1.45
CA ARG A 1247 15.09 5.53 1.63
C ARG A 1247 16.28 5.77 0.71
N SER A 1248 16.02 6.30 -0.49
CA SER A 1248 17.10 6.56 -1.46
C SER A 1248 18.13 7.54 -0.91
N LEU A 1249 17.71 8.26 0.12
CA LEU A 1249 18.55 9.28 0.72
C LEU A 1249 19.33 8.78 1.94
N CYS A 1250 19.24 7.49 2.23
CA CYS A 1250 19.88 6.95 3.44
C CYS A 1250 21.38 6.88 3.29
N TRP A 1251 21.85 6.99 2.05
CA TRP A 1251 23.28 6.98 1.79
C TRP A 1251 23.88 8.41 1.79
N GLY A 1252 23.07 9.39 1.40
CA GLY A 1252 23.53 10.77 1.31
C GLY A 1252 23.00 11.69 2.39
N MET A 1253 23.15 11.28 3.64
CA MET A 1253 22.74 12.11 4.78
C MET A 1253 23.83 12.14 5.83
N ASN A 1254 24.40 13.32 6.05
CA ASN A 1254 25.42 13.48 7.09
C ASN A 1254 24.74 13.97 8.37
N VAL A 1255 23.93 13.10 8.94
CA VAL A 1255 23.03 13.45 10.02
C VAL A 1255 22.76 12.23 10.90
N ALA A 1256 22.71 12.41 12.20
CA ALA A 1256 22.45 11.28 13.10
C ALA A 1256 21.36 11.58 14.12
N ALA A 1257 20.58 10.55 14.46
CA ALA A 1257 19.51 10.71 15.44
C ALA A 1257 19.78 9.88 16.68
N HIS A 1258 18.85 9.97 17.63
CA HIS A 1258 18.85 9.12 18.81
C HIS A 1258 17.93 7.96 18.51
N LEU A 1259 16.92 8.25 17.71
CA LEU A 1259 15.94 7.26 17.32
C LEU A 1259 15.80 7.25 15.80
N VAL A 1260 16.01 6.09 15.20
CA VAL A 1260 15.67 5.89 13.80
C VAL A 1260 14.46 4.98 13.70
N ILE A 1261 13.49 5.38 12.89
CA ILE A 1261 12.31 4.58 12.65
C ILE A 1261 12.26 4.29 11.16
N ILE A 1262 12.19 3.00 10.81
CA ILE A 1262 12.03 2.63 9.41
C ILE A 1262 10.58 2.23 9.20
N MET A 1263 9.89 3.02 8.40
CA MET A 1263 8.45 2.89 8.24
C MET A 1263 8.20 2.12 6.98
N ASP A 1264 8.03 0.80 7.13
CA ASP A 1264 7.93 -0.17 6.05
C ASP A 1264 9.28 -0.48 5.37
N THR A 1265 9.36 -1.65 4.74
CA THR A 1265 10.63 -2.11 4.21
C THR A 1265 10.48 -2.63 2.80
N GLN A 1266 9.49 -2.13 2.09
CA GLN A 1266 9.23 -2.57 0.73
C GLN A 1266 9.01 -1.38 -0.19
N TYR A 1267 9.17 -1.61 -1.48
CA TYR A 1267 8.90 -0.59 -2.48
C TYR A 1267 8.38 -1.23 -3.75
N TYR A 1268 7.69 -0.44 -4.57
CA TYR A 1268 7.04 -0.96 -5.75
C TYR A 1268 7.99 -1.11 -6.93
N ASN A 1269 7.92 -2.28 -7.56
CA ASN A 1269 8.65 -2.59 -8.78
C ASN A 1269 7.65 -2.72 -9.91
N GLY A 1270 7.50 -1.66 -10.69
CA GLY A 1270 6.57 -1.66 -11.81
C GLY A 1270 6.88 -2.71 -12.88
N LYS A 1271 8.13 -3.19 -12.90
CA LYS A 1271 8.52 -4.16 -13.92
C LYS A 1271 7.92 -5.53 -13.69
N ILE A 1272 7.68 -5.88 -12.43
CA ILE A 1272 7.09 -7.18 -12.11
C ILE A 1272 5.75 -7.06 -11.41
N HIS A 1273 5.23 -5.84 -11.37
CA HIS A 1273 3.91 -5.56 -10.77
C HIS A 1273 3.79 -6.08 -9.35
N ALA A 1274 4.79 -5.78 -8.54
CA ALA A 1274 4.84 -6.30 -7.18
C ALA A 1274 5.76 -5.48 -6.29
N TYR A 1275 5.52 -5.55 -4.99
CA TYR A 1275 6.36 -4.87 -4.02
C TYR A 1275 7.51 -5.77 -3.62
N VAL A 1276 8.71 -5.19 -3.54
CA VAL A 1276 9.90 -5.96 -3.21
C VAL A 1276 10.58 -5.42 -1.97
N ASP A 1277 11.35 -6.27 -1.30
CA ASP A 1277 12.02 -5.91 -0.05
C ASP A 1277 13.20 -4.94 -0.23
N TYR A 1278 13.46 -4.13 0.79
CA TYR A 1278 14.68 -3.32 0.83
C TYR A 1278 15.86 -4.28 0.88
N PRO A 1279 16.95 -3.93 0.19
CA PRO A 1279 18.20 -4.66 0.39
C PRO A 1279 18.67 -4.55 1.84
N ILE A 1280 19.10 -5.65 2.45
CA ILE A 1280 19.60 -5.65 3.82
C ILE A 1280 20.72 -4.60 4.02
N TYR A 1281 21.35 -4.18 2.94
CA TYR A 1281 22.41 -3.18 3.01
C TYR A 1281 21.83 -1.78 3.29
N ASP A 1282 20.65 -1.52 2.74
CA ASP A 1282 19.96 -0.26 2.93
C ASP A 1282 19.43 -0.15 4.36
N VAL A 1283 18.88 -1.26 4.84
CA VAL A 1283 18.38 -1.34 6.21
C VAL A 1283 19.50 -1.20 7.24
N LEU A 1284 20.62 -1.88 7.01
CA LEU A 1284 21.78 -1.74 7.88
C LEU A 1284 22.28 -0.29 7.92
N GLN A 1285 22.21 0.37 6.78
CA GLN A 1285 22.67 1.75 6.66
C GLN A 1285 21.74 2.73 7.39
N MET A 1286 20.43 2.51 7.28
CA MET A 1286 19.45 3.30 8.00
C MET A 1286 19.63 3.17 9.50
N VAL A 1287 19.77 1.95 9.97
CA VAL A 1287 19.90 1.68 11.39
C VAL A 1287 21.14 2.36 11.95
N GLY A 1288 22.19 2.42 11.14
CA GLY A 1288 23.45 3.03 11.54
C GLY A 1288 23.34 4.52 11.87
N HIS A 1289 22.21 5.12 11.52
CA HIS A 1289 21.97 6.52 11.77
C HIS A 1289 21.56 6.78 13.21
N ALA A 1290 21.05 5.75 13.89
CA ALA A 1290 20.72 5.87 15.30
C ALA A 1290 21.99 5.78 16.12
N ASN A 1291 22.78 6.85 16.09
CA ASN A 1291 24.14 6.83 16.62
C ASN A 1291 24.72 8.21 16.94
N ARG A 1292 24.61 8.65 18.19
CA ARG A 1292 25.27 9.88 18.62
C ARG A 1292 26.22 9.62 19.80
N PRO A 1293 27.48 9.23 19.49
CA PRO A 1293 28.49 8.86 20.48
C PRO A 1293 28.69 9.89 21.60
N LEU A 1294 28.66 11.17 21.24
CA LEU A 1294 28.98 12.22 22.20
C LEU A 1294 27.85 12.49 23.19
N GLN A 1295 26.60 12.42 22.73
CA GLN A 1295 25.49 12.82 23.57
C GLN A 1295 24.55 11.72 24.05
N ASP A 1296 24.54 10.59 23.35
CA ASP A 1296 23.59 9.54 23.70
C ASP A 1296 24.24 8.34 24.41
N ASP A 1297 23.58 7.86 25.46
CA ASP A 1297 24.01 6.65 26.16
C ASP A 1297 23.63 5.41 25.35
N GLU A 1298 22.65 5.56 24.47
CA GLU A 1298 22.18 4.47 23.62
C GLU A 1298 21.47 5.01 22.38
N GLY A 1299 21.47 4.21 21.32
CA GLY A 1299 20.69 4.53 20.14
C GLY A 1299 19.47 3.62 20.09
N ARG A 1300 18.39 4.10 19.48
CA ARG A 1300 17.20 3.29 19.35
C ARG A 1300 16.71 3.23 17.93
N CYS A 1301 16.16 2.09 17.57
CA CYS A 1301 15.64 1.87 16.23
C CYS A 1301 14.42 0.97 16.29
N VAL A 1302 13.36 1.44 15.63
CA VAL A 1302 12.14 0.68 15.51
C VAL A 1302 11.90 0.44 14.02
N ILE A 1303 11.88 -0.83 13.66
CA ILE A 1303 11.61 -1.24 12.30
C ILE A 1303 10.18 -1.75 12.18
N MET A 1304 9.41 -1.09 11.32
CA MET A 1304 8.01 -1.47 11.11
C MET A 1304 7.91 -2.18 9.77
N CYS A 1305 7.41 -3.41 9.78
CA CYS A 1305 7.37 -4.23 8.57
C CYS A 1305 6.19 -5.17 8.57
N GLN A 1306 5.93 -5.75 7.41
CA GLN A 1306 4.93 -6.79 7.29
C GLN A 1306 5.38 -7.94 8.17
N GLY A 1307 4.44 -8.67 8.74
CA GLY A 1307 4.78 -9.85 9.52
C GLY A 1307 5.61 -10.88 8.77
N SER A 1308 5.33 -11.01 7.47
CA SER A 1308 6.08 -11.95 6.65
C SER A 1308 7.57 -11.59 6.59
N LYS A 1309 7.92 -10.39 7.03
CA LYS A 1309 9.31 -9.96 6.97
C LYS A 1309 9.98 -9.94 8.34
N LYS A 1310 9.20 -10.21 9.39
CA LYS A 1310 9.68 -10.01 10.75
C LYS A 1310 10.86 -10.89 11.13
N ASP A 1311 10.72 -12.20 10.95
CA ASP A 1311 11.74 -13.16 11.35
C ASP A 1311 13.05 -12.91 10.61
N PHE A 1312 12.94 -12.39 9.40
CA PHE A 1312 14.11 -12.07 8.57
C PHE A 1312 15.02 -11.05 9.26
N PHE A 1313 14.42 -9.97 9.78
CA PHE A 1313 15.18 -8.90 10.41
C PHE A 1313 15.74 -9.33 11.77
N LYS A 1314 14.99 -10.17 12.47
CA LYS A 1314 15.42 -10.70 13.76
C LYS A 1314 16.73 -11.50 13.64
N LYS A 1315 16.97 -12.06 12.46
CA LYS A 1315 18.19 -12.81 12.22
C LYS A 1315 19.35 -11.92 11.77
N PHE A 1316 19.16 -11.20 10.67
CA PHE A 1316 20.28 -10.48 10.04
C PHE A 1316 20.52 -9.05 10.54
N LEU A 1317 20.01 -8.73 11.72
CA LEU A 1317 20.33 -7.45 12.34
C LEU A 1317 21.03 -7.67 13.67
N TYR A 1318 20.62 -8.72 14.39
CA TYR A 1318 21.24 -9.09 15.65
C TYR A 1318 22.52 -9.91 15.49
N GLU A 1319 22.79 -10.40 14.28
CA GLU A 1319 23.97 -11.22 14.01
C GLU A 1319 24.80 -10.67 12.86
N PRO A 1320 26.10 -11.01 12.81
CA PRO A 1320 26.95 -10.59 11.69
C PRO A 1320 26.40 -11.09 10.35
N LEU A 1321 26.64 -10.32 9.29
CA LEU A 1321 26.01 -10.57 8.00
C LEU A 1321 26.92 -11.40 7.10
N PRO A 1322 26.38 -12.49 6.53
CA PRO A 1322 27.14 -13.30 5.58
C PRO A 1322 27.03 -12.74 4.17
N VAL A 1323 28.18 -12.59 3.49
CA VAL A 1323 28.19 -12.09 2.12
C VAL A 1323 28.71 -13.11 1.11
N GLU A 1324 28.10 -13.11 -0.08
CA GLU A 1324 28.54 -13.96 -1.19
C GLU A 1324 28.88 -13.11 -2.40
N SER A 1325 29.59 -13.69 -3.36
CA SER A 1325 29.88 -12.99 -4.61
C SER A 1325 28.76 -13.21 -5.63
N HIS A 1326 28.62 -12.28 -6.55
CA HIS A 1326 27.74 -12.48 -7.70
C HIS A 1326 28.48 -12.18 -9.00
N LEU A 1327 29.79 -12.38 -8.97
CA LEU A 1327 30.66 -12.10 -10.10
C LEU A 1327 30.41 -13.15 -11.16
N ASP A 1328 30.01 -14.34 -10.72
CA ASP A 1328 29.70 -15.42 -11.63
C ASP A 1328 28.50 -15.10 -12.54
N HIS A 1329 27.65 -14.18 -12.12
CA HIS A 1329 26.52 -13.76 -12.96
C HIS A 1329 26.82 -12.43 -13.65
N CYS A 1330 28.11 -12.08 -13.73
CA CYS A 1330 28.53 -10.79 -14.27
C CYS A 1330 29.94 -10.90 -14.83
N MET A 1331 30.24 -12.03 -15.46
CA MET A 1331 31.62 -12.38 -15.76
C MET A 1331 32.11 -11.81 -17.09
N HIS A 1332 31.19 -11.56 -18.00
CA HIS A 1332 31.51 -11.25 -19.39
C HIS A 1332 32.31 -9.96 -19.62
N ASP A 1333 31.79 -8.83 -19.13
CA ASP A 1333 32.41 -7.55 -19.40
C ASP A 1333 33.84 -7.46 -18.87
N HIS A 1334 34.12 -8.24 -17.84
CA HIS A 1334 35.45 -8.22 -17.23
C HIS A 1334 36.45 -9.11 -17.94
N PHE A 1335 35.99 -10.28 -18.42
CA PHE A 1335 36.81 -11.12 -19.27
C PHE A 1335 37.15 -10.37 -20.56
N ASN A 1336 36.12 -9.79 -21.17
CA ASN A 1336 36.28 -9.03 -22.41
C ASN A 1336 37.30 -7.91 -22.28
N ALA A 1337 37.28 -7.20 -21.16
CA ALA A 1337 38.22 -6.12 -20.92
C ALA A 1337 39.63 -6.65 -20.69
N GLU A 1338 39.72 -7.70 -19.88
CA GLU A 1338 40.98 -8.35 -19.59
C GLU A 1338 41.63 -8.98 -20.84
N ILE A 1339 40.80 -9.40 -21.79
CA ILE A 1339 41.30 -9.97 -23.03
C ILE A 1339 41.77 -8.85 -23.97
N VAL A 1340 41.05 -7.74 -23.95
CA VAL A 1340 41.40 -6.57 -24.76
C VAL A 1340 42.77 -5.99 -24.38
N THR A 1341 43.06 -5.94 -23.08
CA THR A 1341 44.35 -5.42 -22.62
C THR A 1341 45.44 -6.49 -22.58
N LYS A 1342 45.14 -7.67 -23.12
CA LYS A 1342 46.07 -8.79 -23.19
C LYS A 1342 46.47 -9.33 -21.81
N THR A 1343 45.61 -9.13 -20.82
CA THR A 1343 45.82 -9.67 -19.47
C THR A 1343 45.37 -11.11 -19.45
N ILE A 1344 44.41 -11.42 -20.32
CA ILE A 1344 43.97 -12.79 -20.57
C ILE A 1344 44.20 -13.16 -22.04
N GLU A 1345 45.03 -14.16 -22.29
CA GLU A 1345 45.39 -14.54 -23.65
C GLU A 1345 44.90 -15.96 -23.98
N ASN A 1346 44.72 -16.78 -22.96
CA ASN A 1346 44.27 -18.15 -23.15
C ASN A 1346 43.27 -18.56 -22.08
N LYS A 1347 42.75 -19.78 -22.17
CA LYS A 1347 41.79 -20.26 -21.19
C LYS A 1347 42.38 -20.40 -19.79
N GLN A 1348 43.65 -20.80 -19.70
CA GLN A 1348 44.30 -20.94 -18.41
C GLN A 1348 44.41 -19.61 -17.65
N ASP A 1349 44.75 -18.55 -18.37
CA ASP A 1349 44.85 -17.23 -17.76
C ASP A 1349 43.51 -16.81 -17.17
N ALA A 1350 42.42 -17.25 -17.80
CA ALA A 1350 41.09 -16.92 -17.30
C ALA A 1350 40.80 -17.67 -16.01
N VAL A 1351 41.28 -18.91 -15.91
CA VAL A 1351 41.15 -19.68 -14.68
C VAL A 1351 42.03 -19.06 -13.62
N ASP A 1352 43.23 -18.64 -14.01
CA ASP A 1352 44.17 -18.06 -13.08
C ASP A 1352 43.66 -16.72 -12.53
N TYR A 1353 43.04 -15.94 -13.41
CA TYR A 1353 42.42 -14.67 -13.02
C TYR A 1353 41.41 -14.87 -11.91
N LEU A 1354 40.69 -15.98 -11.98
CA LEU A 1354 39.64 -16.25 -11.02
C LEU A 1354 40.17 -16.60 -9.64
N THR A 1355 41.43 -17.03 -9.55
CA THR A 1355 42.02 -17.35 -8.25
C THR A 1355 42.21 -16.11 -7.40
N TRP A 1356 42.13 -14.93 -8.01
CA TRP A 1356 42.31 -13.68 -7.29
C TRP A 1356 41.00 -13.10 -6.76
N THR A 1357 39.88 -13.68 -7.18
CA THR A 1357 38.60 -13.14 -6.79
C THR A 1357 38.15 -13.62 -5.41
N PHE A 1358 37.07 -13.02 -4.91
CA PHE A 1358 36.45 -13.44 -3.65
C PHE A 1358 35.49 -14.60 -3.95
N LEU A 1359 35.01 -14.63 -5.19
CA LEU A 1359 34.19 -15.73 -5.69
C LEU A 1359 34.88 -17.07 -5.46
N TYR A 1360 36.15 -17.13 -5.86
CA TYR A 1360 36.99 -18.32 -5.70
C TYR A 1360 36.99 -18.85 -4.27
N ARG A 1361 37.08 -17.95 -3.29
CA ARG A 1361 37.09 -18.35 -1.89
C ARG A 1361 35.76 -18.93 -1.43
N ARG A 1362 34.66 -18.27 -1.76
CA ARG A 1362 33.36 -18.68 -1.26
C ARG A 1362 32.83 -19.99 -1.85
N MET A 1363 33.22 -20.29 -3.08
CA MET A 1363 32.76 -21.50 -3.76
C MET A 1363 33.02 -22.81 -2.97
N THR A 1364 34.11 -22.85 -2.22
CA THR A 1364 34.42 -24.01 -1.39
C THR A 1364 33.61 -23.98 -0.10
N GLN A 1365 33.30 -22.77 0.35
CA GLN A 1365 32.66 -22.56 1.65
C GLN A 1365 31.15 -22.75 1.58
N ASN A 1366 30.54 -22.34 0.47
CA ASN A 1366 29.10 -22.45 0.29
C ASN A 1366 28.73 -22.90 -1.12
N PRO A 1367 29.10 -24.14 -1.47
CA PRO A 1367 28.97 -24.70 -2.82
C PRO A 1367 27.57 -24.63 -3.40
N ASN A 1368 26.54 -24.92 -2.60
CA ASN A 1368 25.18 -24.99 -3.13
C ASN A 1368 24.65 -23.64 -3.53
N TYR A 1369 25.29 -22.59 -3.01
CA TYR A 1369 24.92 -21.22 -3.32
C TYR A 1369 25.27 -20.90 -4.78
N TYR A 1370 26.39 -21.44 -5.25
CA TYR A 1370 26.87 -21.16 -6.60
C TYR A 1370 26.60 -22.31 -7.57
N ASN A 1371 25.76 -23.26 -7.15
CA ASN A 1371 25.42 -24.46 -7.94
C ASN A 1371 26.57 -25.46 -8.11
N LEU A 1372 27.52 -25.45 -7.19
CA LEU A 1372 28.54 -26.48 -7.07
C LEU A 1372 27.93 -27.67 -6.39
N GLN A 1373 27.83 -28.78 -7.09
CA GLN A 1373 27.29 -30.00 -6.52
C GLN A 1373 28.45 -30.78 -5.92
N GLY A 1374 28.86 -30.41 -4.71
CA GLY A 1374 30.03 -31.01 -4.08
C GLY A 1374 31.15 -29.99 -3.83
N ILE A 1375 32.05 -30.30 -2.89
CA ILE A 1375 33.06 -29.32 -2.47
C ILE A 1375 34.52 -29.73 -2.71
N SER A 1376 34.73 -30.94 -3.23
CA SER A 1376 36.08 -31.42 -3.59
C SER A 1376 36.83 -30.43 -4.47
N HIS A 1377 38.17 -30.52 -4.47
CA HIS A 1377 38.99 -29.69 -5.33
C HIS A 1377 38.68 -29.98 -6.79
N ARG A 1378 38.30 -31.22 -7.07
CA ARG A 1378 37.92 -31.59 -8.43
C ARG A 1378 36.69 -30.82 -8.87
N HIS A 1379 35.73 -30.67 -7.95
CA HIS A 1379 34.49 -29.94 -8.25
C HIS A 1379 34.79 -28.47 -8.52
N LEU A 1380 35.75 -27.92 -7.80
CA LEU A 1380 36.06 -26.49 -7.93
C LEU A 1380 36.60 -26.21 -9.31
N SER A 1381 37.63 -26.95 -9.69
CA SER A 1381 38.28 -26.80 -10.98
C SER A 1381 37.31 -27.07 -12.12
N ASP A 1382 36.54 -28.14 -11.99
CA ASP A 1382 35.51 -28.46 -12.98
C ASP A 1382 34.59 -27.27 -13.19
N HIS A 1383 34.13 -26.69 -12.09
CA HIS A 1383 33.23 -25.55 -12.16
C HIS A 1383 33.89 -24.29 -12.70
N LEU A 1384 35.10 -24.00 -12.25
CA LEU A 1384 35.82 -22.83 -12.76
C LEU A 1384 36.02 -22.95 -14.26
N SER A 1385 36.27 -24.17 -14.71
CA SER A 1385 36.52 -24.43 -16.12
C SER A 1385 35.25 -24.32 -16.95
N GLU A 1386 34.17 -24.88 -16.43
CA GLU A 1386 32.87 -24.77 -17.10
C GLU A 1386 32.44 -23.30 -17.10
N LEU A 1387 32.86 -22.56 -16.07
CA LEU A 1387 32.53 -21.14 -15.97
C LEU A 1387 33.31 -20.29 -16.97
N VAL A 1388 34.60 -20.54 -17.09
CA VAL A 1388 35.40 -19.77 -18.05
C VAL A 1388 35.00 -20.14 -19.47
N GLU A 1389 34.63 -21.42 -19.64
CA GLU A 1389 34.21 -21.93 -20.94
C GLU A 1389 32.97 -21.19 -21.42
N GLN A 1390 31.95 -21.15 -20.56
CA GLN A 1390 30.67 -20.56 -20.93
C GLN A 1390 30.80 -19.07 -21.20
N THR A 1391 31.59 -18.38 -20.39
CA THR A 1391 31.79 -16.96 -20.57
C THR A 1391 32.47 -16.67 -21.91
N LEU A 1392 33.58 -17.37 -22.18
CA LEU A 1392 34.36 -17.16 -23.39
C LEU A 1392 33.57 -17.52 -24.64
N SER A 1393 32.70 -18.52 -24.52
CA SER A 1393 31.88 -18.96 -25.64
C SER A 1393 30.77 -17.95 -25.94
N ASP A 1394 30.28 -17.29 -24.90
CA ASP A 1394 29.29 -16.24 -25.06
C ASP A 1394 29.93 -15.03 -25.73
N LEU A 1395 31.10 -14.62 -25.23
CA LEU A 1395 31.84 -13.51 -25.80
C LEU A 1395 32.18 -13.73 -27.28
N GLU A 1396 32.36 -14.98 -27.67
CA GLU A 1396 32.69 -15.27 -29.07
C GLU A 1396 31.46 -15.24 -29.96
N GLN A 1397 30.37 -15.81 -29.49
CA GLN A 1397 29.11 -15.80 -30.22
C GLN A 1397 28.60 -14.36 -30.38
N SER A 1398 29.01 -13.49 -29.45
CA SER A 1398 28.62 -12.10 -29.49
C SER A 1398 29.61 -11.26 -30.31
N LYS A 1399 30.54 -11.95 -30.96
CA LYS A 1399 31.48 -11.32 -31.89
C LYS A 1399 32.45 -10.35 -31.21
N CYS A 1400 32.73 -10.58 -29.94
CA CYS A 1400 33.65 -9.73 -29.17
C CYS A 1400 35.05 -10.30 -29.15
N ILE A 1401 35.15 -11.61 -28.97
CA ILE A 1401 36.45 -12.27 -29.00
C ILE A 1401 36.50 -13.40 -30.02
N SER A 1402 37.70 -13.91 -30.25
CA SER A 1402 37.93 -15.03 -31.14
C SER A 1402 38.60 -16.13 -30.34
N ILE A 1403 38.06 -17.34 -30.41
CA ILE A 1403 38.71 -18.49 -29.78
C ILE A 1403 39.40 -19.32 -30.86
N GLU A 1404 40.70 -19.52 -30.67
CA GLU A 1404 41.55 -20.20 -31.65
C GLU A 1404 42.34 -21.31 -30.97
N ASP A 1405 42.36 -22.49 -31.58
CA ASP A 1405 43.06 -23.67 -31.04
C ASP A 1405 42.47 -24.14 -29.72
N GLU A 1406 41.24 -23.71 -29.43
CA GLU A 1406 40.50 -24.13 -28.25
C GLU A 1406 41.07 -23.56 -26.93
N MET A 1407 42.27 -22.99 -26.99
CA MET A 1407 42.91 -22.43 -25.80
C MET A 1407 43.10 -20.92 -25.88
N ASP A 1408 43.58 -20.41 -27.01
CA ASP A 1408 43.91 -18.99 -27.14
C ASP A 1408 42.70 -18.11 -27.48
N VAL A 1409 42.74 -16.86 -27.00
CA VAL A 1409 41.68 -15.89 -27.25
C VAL A 1409 42.24 -14.55 -27.71
N ALA A 1410 41.45 -13.81 -28.48
CA ALA A 1410 41.89 -12.51 -28.99
C ALA A 1410 40.72 -11.54 -29.10
N PRO A 1411 40.99 -10.24 -28.89
CA PRO A 1411 39.96 -9.21 -28.99
C PRO A 1411 39.59 -8.88 -30.42
N LEU A 1412 38.31 -8.73 -30.69
CA LEU A 1412 37.84 -8.29 -32.00
C LEU A 1412 37.34 -6.86 -31.92
N ASN A 1413 36.88 -6.31 -33.05
CA ASN A 1413 36.46 -4.92 -33.11
C ASN A 1413 35.32 -4.62 -32.12
N LEU A 1414 34.29 -5.45 -32.12
CA LEU A 1414 33.17 -5.28 -31.19
C LEU A 1414 33.61 -5.35 -29.72
N GLY A 1415 34.57 -6.21 -29.42
CA GLY A 1415 35.06 -6.36 -28.06
C GLY A 1415 35.83 -5.13 -27.63
N MET A 1416 36.63 -4.61 -28.55
CA MET A 1416 37.47 -3.45 -28.29
C MET A 1416 36.67 -2.18 -28.03
N ILE A 1417 35.53 -2.03 -28.70
CA ILE A 1417 34.74 -0.82 -28.51
C ILE A 1417 33.93 -0.90 -27.23
N ALA A 1418 33.54 -2.10 -26.84
CA ALA A 1418 32.83 -2.32 -25.59
C ALA A 1418 33.73 -2.01 -24.39
N ALA A 1419 34.99 -2.43 -24.47
CA ALA A 1419 35.91 -2.14 -23.38
C ALA A 1419 36.28 -0.67 -23.35
N TYR A 1420 36.29 -0.04 -24.52
CA TYR A 1420 36.74 1.33 -24.65
C TYR A 1420 35.72 2.33 -24.13
N TYR A 1421 34.45 2.02 -24.29
CA TYR A 1421 33.39 2.92 -23.83
C TYR A 1421 32.70 2.41 -22.57
N TYR A 1422 33.27 1.38 -21.96
CA TYR A 1422 32.67 0.73 -20.79
C TYR A 1422 31.19 0.41 -21.02
N ILE A 1423 30.92 -0.26 -22.13
CA ILE A 1423 29.58 -0.65 -22.50
C ILE A 1423 29.49 -2.16 -22.38
N ASN A 1424 28.35 -2.65 -21.88
CA ASN A 1424 28.10 -4.08 -21.77
C ASN A 1424 28.14 -4.75 -23.14
N TYR A 1425 28.66 -5.99 -23.19
CA TYR A 1425 28.87 -6.68 -24.46
C TYR A 1425 27.59 -7.01 -25.25
N THR A 1426 26.48 -7.25 -24.55
CA THR A 1426 25.21 -7.53 -25.23
C THR A 1426 24.68 -6.29 -25.94
N THR A 1427 25.11 -5.13 -25.44
CA THR A 1427 24.70 -3.85 -26.00
C THR A 1427 25.31 -3.62 -27.39
N ILE A 1428 26.61 -3.85 -27.52
CA ILE A 1428 27.26 -3.71 -28.83
C ILE A 1428 26.97 -4.90 -29.73
N GLU A 1429 26.63 -6.04 -29.12
CA GLU A 1429 26.10 -7.14 -29.90
C GLU A 1429 24.79 -6.71 -30.51
N LEU A 1430 23.98 -6.03 -29.71
CA LEU A 1430 22.68 -5.58 -30.18
C LEU A 1430 22.82 -4.43 -31.20
N PHE A 1431 23.80 -3.56 -30.98
CA PHE A 1431 24.06 -2.44 -31.88
C PHE A 1431 24.42 -2.91 -33.28
N SER A 1432 25.35 -3.85 -33.36
CA SER A 1432 25.78 -4.40 -34.64
C SER A 1432 24.65 -5.17 -35.31
N MET A 1433 23.81 -5.79 -34.48
CA MET A 1433 22.67 -6.55 -34.95
C MET A 1433 21.61 -5.63 -35.59
N SER A 1434 21.44 -4.44 -35.04
CA SER A 1434 20.31 -3.58 -35.41
C SER A 1434 20.68 -2.44 -36.36
N LEU A 1435 21.93 -2.00 -36.32
CA LEU A 1435 22.37 -0.90 -37.17
C LEU A 1435 22.58 -1.38 -38.60
N ASN A 1436 22.27 -0.51 -39.55
CA ASN A 1436 22.46 -0.82 -40.97
C ASN A 1436 22.69 0.44 -41.81
N ALA A 1437 22.81 0.25 -43.12
CA ALA A 1437 23.14 1.35 -44.02
C ALA A 1437 22.08 2.46 -44.07
N LYS A 1438 20.87 2.16 -43.60
CA LYS A 1438 19.73 3.07 -43.81
C LYS A 1438 19.06 3.61 -42.55
N THR A 1439 19.75 3.58 -41.41
CA THR A 1439 19.11 4.03 -40.16
C THR A 1439 19.27 5.54 -39.94
N LYS A 1440 18.14 6.20 -39.65
CA LYS A 1440 18.13 7.65 -39.40
C LYS A 1440 18.14 7.92 -37.89
N VAL A 1441 18.08 9.20 -37.53
CA VAL A 1441 18.09 9.57 -36.11
C VAL A 1441 16.96 8.91 -35.32
N ARG A 1442 15.81 8.74 -35.96
CA ARG A 1442 14.66 8.10 -35.31
C ARG A 1442 14.96 6.66 -34.84
N GLY A 1443 15.51 5.85 -35.74
CA GLY A 1443 15.84 4.48 -35.42
C GLY A 1443 17.01 4.41 -34.47
N LEU A 1444 17.88 5.41 -34.54
CA LEU A 1444 19.04 5.49 -33.66
C LEU A 1444 18.60 5.63 -32.22
N ILE A 1445 17.66 6.54 -31.96
CA ILE A 1445 17.11 6.75 -30.62
C ILE A 1445 16.53 5.44 -30.09
N GLU A 1446 15.83 4.70 -30.93
CA GLU A 1446 15.24 3.45 -30.51
C GLU A 1446 16.32 2.45 -30.13
N ILE A 1447 17.35 2.36 -30.97
CA ILE A 1447 18.42 1.41 -30.77
C ILE A 1447 19.18 1.69 -29.47
N ILE A 1448 19.52 2.96 -29.27
CA ILE A 1448 20.33 3.35 -28.12
C ILE A 1448 19.54 3.20 -26.81
N SER A 1449 18.24 3.44 -26.87
CA SER A 1449 17.41 3.33 -25.68
C SER A 1449 17.11 1.87 -25.35
N ASN A 1450 17.49 0.98 -26.25
CA ASN A 1450 17.38 -0.46 -26.00
C ASN A 1450 18.64 -1.06 -25.37
N ALA A 1451 19.61 -0.21 -25.05
CA ALA A 1451 20.85 -0.66 -24.43
C ALA A 1451 20.57 -1.36 -23.11
N ALA A 1452 21.47 -2.25 -22.69
CA ALA A 1452 21.29 -2.98 -21.44
C ALA A 1452 21.65 -2.12 -20.21
N GLU A 1453 22.28 -0.97 -20.45
CA GLU A 1453 22.58 -0.04 -19.37
C GLU A 1453 21.31 0.64 -18.87
N TYR A 1454 20.28 0.63 -19.70
CA TYR A 1454 19.01 1.26 -19.35
C TYR A 1454 18.04 0.24 -18.79
N GLU A 1455 18.54 -0.96 -18.53
CA GLU A 1455 17.70 -2.03 -18.02
C GLU A 1455 17.34 -1.77 -16.57
N ASN A 1456 18.17 -0.98 -15.89
CA ASN A 1456 17.94 -0.72 -14.48
C ASN A 1456 17.28 0.62 -14.16
N ILE A 1457 16.75 1.28 -15.19
CA ILE A 1457 15.83 2.38 -15.01
C ILE A 1457 14.52 1.80 -14.47
N PRO A 1458 14.11 2.22 -13.28
CA PRO A 1458 12.98 1.57 -12.60
C PRO A 1458 11.63 2.02 -13.15
N ILE A 1459 10.61 1.18 -13.01
CA ILE A 1459 9.24 1.64 -13.24
C ILE A 1459 8.57 1.76 -11.89
N ARG A 1460 8.01 2.94 -11.61
CA ARG A 1460 7.41 3.23 -10.31
C ARG A 1460 5.89 3.14 -10.34
N HIS A 1461 5.29 3.19 -9.16
CA HIS A 1461 3.85 3.08 -8.99
C HIS A 1461 3.08 4.07 -9.88
N HIS A 1462 2.21 3.53 -10.72
CA HIS A 1462 1.38 4.33 -11.62
C HIS A 1462 2.17 5.25 -12.57
N GLU A 1463 3.41 4.88 -12.85
CA GLU A 1463 4.17 5.62 -13.85
C GLU A 1463 3.67 5.20 -15.24
N ASP A 1464 2.95 4.10 -15.29
CA ASP A 1464 2.39 3.61 -16.54
C ASP A 1464 1.34 4.57 -17.10
N ASN A 1465 0.43 5.03 -16.24
CA ASN A 1465 -0.55 6.03 -16.65
C ASN A 1465 0.15 7.29 -17.13
N LEU A 1466 1.26 7.61 -16.47
CA LEU A 1466 2.01 8.82 -16.72
C LEU A 1466 2.76 8.75 -18.04
N LEU A 1467 3.39 7.60 -18.29
CA LEU A 1467 4.13 7.36 -19.50
C LEU A 1467 3.22 7.21 -20.72
N ARG A 1468 2.02 6.68 -20.50
CA ARG A 1468 1.04 6.57 -21.57
C ARG A 1468 0.65 7.96 -22.09
N GLN A 1469 0.59 8.93 -21.18
CA GLN A 1469 0.30 10.32 -21.53
C GLN A 1469 1.48 10.93 -22.26
N LEU A 1470 2.68 10.64 -21.77
CA LEU A 1470 3.90 11.14 -22.39
C LEU A 1470 3.95 10.70 -23.84
N ALA A 1471 3.56 9.44 -24.08
CA ALA A 1471 3.61 8.84 -25.41
C ALA A 1471 2.77 9.62 -26.41
N GLN A 1472 1.71 10.27 -25.93
CA GLN A 1472 0.81 11.02 -26.79
C GLN A 1472 1.29 12.45 -26.98
N LYS A 1473 2.31 12.85 -26.21
CA LYS A 1473 2.85 14.20 -26.29
C LYS A 1473 4.15 14.29 -27.09
N VAL A 1474 4.86 13.17 -27.22
CA VAL A 1474 6.13 13.13 -27.94
C VAL A 1474 5.93 13.07 -29.46
N PRO A 1475 6.94 13.55 -30.23
CA PRO A 1475 6.94 13.55 -31.70
C PRO A 1475 6.83 12.18 -32.38
N HIS A 1476 7.58 11.20 -31.90
CA HIS A 1476 7.59 9.88 -32.53
C HIS A 1476 6.79 8.88 -31.70
N LYS A 1477 5.86 8.18 -32.35
CA LYS A 1477 5.01 7.23 -31.64
C LYS A 1477 5.49 5.80 -31.80
N LEU A 1478 5.57 5.09 -30.67
CA LEU A 1478 6.09 3.74 -30.64
C LEU A 1478 4.99 2.75 -31.03
N ASN A 1479 5.37 1.59 -31.56
CA ASN A 1479 4.39 0.56 -31.87
C ASN A 1479 4.44 -0.58 -30.86
N ASN A 1480 3.28 -1.10 -30.49
CA ASN A 1480 3.16 -2.09 -29.41
C ASN A 1480 4.05 -1.78 -28.21
N PRO A 1481 3.85 -0.61 -27.59
CA PRO A 1481 4.74 -0.20 -26.51
C PRO A 1481 4.23 -0.63 -25.14
N LYS A 1482 4.97 -1.51 -24.48
CA LYS A 1482 4.68 -1.86 -23.09
C LYS A 1482 5.19 -0.77 -22.15
N PHE A 1483 4.31 -0.23 -21.32
CA PHE A 1483 4.68 0.91 -20.49
C PHE A 1483 5.29 0.54 -19.14
N ASN A 1484 5.61 -0.75 -18.97
CA ASN A 1484 6.40 -1.18 -17.84
C ASN A 1484 7.75 -1.72 -18.34
N ASP A 1485 8.10 -1.31 -19.54
CA ASP A 1485 9.36 -1.68 -20.19
C ASP A 1485 10.31 -0.50 -20.08
N PRO A 1486 11.41 -0.68 -19.33
CA PRO A 1486 12.42 0.38 -19.11
C PRO A 1486 12.96 0.94 -20.41
N HIS A 1487 12.92 0.15 -21.48
CA HIS A 1487 13.42 0.64 -22.76
C HIS A 1487 12.41 1.52 -23.46
N VAL A 1488 11.13 1.29 -23.18
CA VAL A 1488 10.10 2.13 -23.73
C VAL A 1488 10.19 3.47 -23.04
N LYS A 1489 10.40 3.42 -21.74
CA LYS A 1489 10.47 4.63 -20.94
C LYS A 1489 11.68 5.48 -21.29
N THR A 1490 12.83 4.84 -21.46
CA THR A 1490 14.04 5.58 -21.84
C THR A 1490 13.84 6.24 -23.18
N ASN A 1491 13.14 5.57 -24.08
CA ASN A 1491 12.80 6.17 -25.36
C ASN A 1491 11.97 7.43 -25.15
N LEU A 1492 10.84 7.29 -24.45
CA LEU A 1492 9.97 8.42 -24.19
C LEU A 1492 10.71 9.58 -23.53
N LEU A 1493 11.52 9.27 -22.52
CA LEU A 1493 12.28 10.29 -21.82
C LEU A 1493 13.31 10.92 -22.75
N LEU A 1494 13.85 10.14 -23.66
CA LEU A 1494 14.84 10.67 -24.60
C LEU A 1494 14.20 11.68 -25.53
N GLN A 1495 12.95 11.43 -25.94
CA GLN A 1495 12.23 12.36 -26.79
C GLN A 1495 11.77 13.57 -25.99
N ALA A 1496 11.33 13.32 -24.76
CA ALA A 1496 10.85 14.40 -23.89
C ALA A 1496 11.98 15.39 -23.64
N HIS A 1497 13.21 14.88 -23.56
CA HIS A 1497 14.38 15.71 -23.35
C HIS A 1497 14.71 16.53 -24.60
N LEU A 1498 14.44 15.96 -25.77
CA LEU A 1498 14.68 16.65 -27.03
C LEU A 1498 13.64 17.70 -27.29
N SER A 1499 12.46 17.52 -26.71
CA SER A 1499 11.36 18.46 -26.91
C SER A 1499 11.32 19.51 -25.80
N ARG A 1500 12.32 19.47 -24.93
CA ARG A 1500 12.45 20.42 -23.84
C ARG A 1500 11.22 20.43 -22.93
N MET A 1501 10.67 19.24 -22.70
CA MET A 1501 9.54 19.09 -21.80
C MET A 1501 10.02 18.93 -20.37
N GLN A 1502 9.28 19.49 -19.43
CA GLN A 1502 9.57 19.26 -18.02
C GLN A 1502 8.55 18.28 -17.43
N LEU A 1503 9.05 17.34 -16.64
CA LEU A 1503 8.24 16.23 -16.16
C LEU A 1503 8.28 16.14 -14.65
N SER A 1504 7.75 15.05 -14.11
CA SER A 1504 7.87 14.75 -12.68
C SER A 1504 9.34 14.77 -12.25
N ALA A 1505 9.56 14.92 -10.95
CA ALA A 1505 10.92 15.04 -10.42
C ALA A 1505 11.73 13.76 -10.63
N GLU A 1506 11.12 12.61 -10.36
CA GLU A 1506 11.84 11.34 -10.54
C GLU A 1506 12.07 11.01 -12.01
N LEU A 1507 11.15 11.45 -12.87
CA LEU A 1507 11.36 11.26 -14.31
C LEU A 1507 12.52 12.11 -14.82
N GLN A 1508 12.81 13.20 -14.11
CA GLN A 1508 13.96 14.05 -14.44
C GLN A 1508 15.27 13.47 -13.92
N SER A 1509 15.18 12.76 -12.80
CA SER A 1509 16.34 12.08 -12.26
C SER A 1509 16.70 10.90 -13.16
N ASP A 1510 15.68 10.23 -13.69
CA ASP A 1510 15.89 9.13 -14.63
C ASP A 1510 16.42 9.67 -15.94
N THR A 1511 15.91 10.82 -16.36
CA THR A 1511 16.39 11.46 -17.57
C THR A 1511 17.87 11.78 -17.41
N GLU A 1512 18.25 12.15 -16.20
CA GLU A 1512 19.66 12.43 -15.95
C GLU A 1512 20.51 11.17 -15.96
N GLU A 1513 19.97 10.07 -15.46
CA GLU A 1513 20.71 8.82 -15.47
C GLU A 1513 20.87 8.34 -16.91
N ILE A 1514 19.79 8.47 -17.68
CA ILE A 1514 19.81 8.12 -19.10
C ILE A 1514 20.88 8.91 -19.83
N LEU A 1515 20.88 10.23 -19.65
CA LEU A 1515 21.83 11.10 -20.35
C LEU A 1515 23.27 10.83 -19.95
N SER A 1516 23.47 10.37 -18.72
CA SER A 1516 24.82 10.13 -18.21
C SER A 1516 25.55 9.06 -19.01
N LYS A 1517 24.79 8.34 -19.84
CA LYS A 1517 25.34 7.25 -20.65
C LYS A 1517 25.08 7.44 -22.16
N ALA A 1518 24.16 8.33 -22.51
CA ALA A 1518 23.77 8.51 -23.91
C ALA A 1518 24.92 8.84 -24.85
N ILE A 1519 25.89 9.60 -24.35
CA ILE A 1519 27.00 10.06 -25.17
C ILE A 1519 27.97 8.91 -25.50
N ARG A 1520 28.31 8.11 -24.50
CA ARG A 1520 29.20 6.99 -24.72
C ARG A 1520 28.56 5.94 -25.65
N LEU A 1521 27.24 5.79 -25.56
CA LEU A 1521 26.53 4.84 -26.40
C LEU A 1521 26.49 5.31 -27.85
N ILE A 1522 26.25 6.60 -28.05
CA ILE A 1522 26.24 7.18 -29.39
C ILE A 1522 27.60 7.07 -30.08
N GLN A 1523 28.66 7.34 -29.33
CA GLN A 1523 30.02 7.22 -29.87
C GLN A 1523 30.32 5.78 -30.28
N ALA A 1524 29.72 4.82 -29.59
CA ALA A 1524 29.84 3.42 -29.97
C ALA A 1524 29.14 3.18 -31.29
N CYS A 1525 27.98 3.79 -31.47
CA CYS A 1525 27.22 3.63 -32.70
C CYS A 1525 28.01 4.12 -33.89
N VAL A 1526 28.68 5.27 -33.72
CA VAL A 1526 29.56 5.82 -34.73
C VAL A 1526 30.65 4.82 -35.11
N ASP A 1527 31.31 4.26 -34.11
CA ASP A 1527 32.37 3.27 -34.31
C ASP A 1527 31.89 2.06 -35.11
N VAL A 1528 30.76 1.47 -34.70
CA VAL A 1528 30.20 0.32 -35.39
C VAL A 1528 29.82 0.66 -36.83
N LEU A 1529 29.19 1.82 -37.01
CA LEU A 1529 28.74 2.22 -38.35
C LEU A 1529 29.92 2.50 -39.28
N SER A 1530 30.98 3.08 -38.73
CA SER A 1530 32.16 3.41 -39.52
C SER A 1530 32.90 2.14 -39.89
N SER A 1531 32.88 1.17 -38.98
CA SER A 1531 33.50 -0.13 -39.22
C SER A 1531 32.82 -0.84 -40.39
N ASN A 1532 31.55 -0.52 -40.63
CA ASN A 1532 30.81 -1.11 -41.74
C ASN A 1532 30.83 -0.19 -42.95
N GLY A 1533 31.38 1.01 -42.77
CA GLY A 1533 31.53 1.98 -43.84
C GLY A 1533 30.26 2.66 -44.31
N TRP A 1534 29.29 2.81 -43.42
CA TRP A 1534 28.04 3.50 -43.77
C TRP A 1534 28.12 4.98 -43.44
N LEU A 1535 27.97 5.80 -44.47
CA LEU A 1535 28.16 7.24 -44.34
C LEU A 1535 27.00 7.93 -43.62
N SER A 1536 25.83 7.96 -44.26
CA SER A 1536 24.67 8.65 -43.71
C SER A 1536 24.31 8.29 -42.25
N PRO A 1537 24.28 6.99 -41.90
CA PRO A 1537 23.95 6.68 -40.51
C PRO A 1537 24.98 7.20 -39.53
N ALA A 1538 26.25 7.18 -39.93
CA ALA A 1538 27.32 7.67 -39.06
C ALA A 1538 27.18 9.17 -38.80
N LEU A 1539 26.90 9.94 -39.85
CA LEU A 1539 26.67 11.38 -39.74
C LEU A 1539 25.44 11.66 -38.87
N ALA A 1540 24.43 10.80 -39.01
CA ALA A 1540 23.20 10.92 -38.25
C ALA A 1540 23.45 10.73 -36.77
N ALA A 1541 24.22 9.69 -36.43
CA ALA A 1541 24.57 9.42 -35.05
C ALA A 1541 25.32 10.60 -34.44
N MET A 1542 26.11 11.29 -35.25
CA MET A 1542 26.89 12.42 -34.79
C MET A 1542 25.98 13.62 -34.51
N GLU A 1543 24.93 13.78 -35.32
CA GLU A 1543 23.94 14.80 -35.09
C GLU A 1543 23.18 14.52 -33.81
N LEU A 1544 22.93 13.24 -33.56
CA LEU A 1544 22.23 12.86 -32.34
C LEU A 1544 23.03 13.27 -31.10
N ALA A 1545 24.34 13.09 -31.15
CA ALA A 1545 25.20 13.46 -30.02
C ALA A 1545 25.11 14.95 -29.75
N GLN A 1546 25.14 15.74 -30.81
CA GLN A 1546 25.08 17.19 -30.64
C GLN A 1546 23.65 17.64 -30.32
N MET A 1547 22.65 16.89 -30.79
CA MET A 1547 21.25 17.26 -30.50
C MET A 1547 20.72 16.67 -29.20
N VAL A 1548 21.44 15.72 -28.62
CA VAL A 1548 21.15 15.28 -27.26
C VAL A 1548 21.74 16.28 -26.27
N THR A 1549 22.95 16.73 -26.58
CA THR A 1549 23.65 17.72 -25.76
C THR A 1549 22.87 19.03 -25.66
N GLN A 1550 22.48 19.58 -26.81
CA GLN A 1550 21.79 20.87 -26.84
C GLN A 1550 20.31 20.75 -26.56
N ALA A 1551 19.83 19.50 -26.56
CA ALA A 1551 18.43 19.21 -26.27
C ALA A 1551 17.47 19.85 -27.25
N MET A 1552 17.63 19.52 -28.53
CA MET A 1552 16.76 20.04 -29.58
C MET A 1552 16.60 18.99 -30.67
N TRP A 1553 15.60 19.18 -31.52
CA TRP A 1553 15.33 18.20 -32.58
C TRP A 1553 16.08 18.48 -33.89
N SER A 1554 15.98 17.54 -34.83
CA SER A 1554 16.75 17.57 -36.06
C SER A 1554 16.48 18.81 -36.91
N LYS A 1555 15.26 19.33 -36.84
CA LYS A 1555 14.88 20.50 -37.63
C LYS A 1555 14.40 21.66 -36.76
N ASP A 1556 14.84 21.68 -35.51
CA ASP A 1556 14.62 22.83 -34.64
C ASP A 1556 15.62 23.91 -34.99
N SER A 1557 15.19 25.17 -34.94
CA SER A 1557 16.05 26.31 -35.27
C SER A 1557 17.34 26.30 -34.46
N TYR A 1558 18.45 26.65 -35.10
CA TYR A 1558 19.75 26.63 -34.44
C TYR A 1558 19.80 27.59 -33.24
N LEU A 1559 18.87 28.54 -33.23
CA LEU A 1559 18.85 29.58 -32.21
C LEU A 1559 18.43 29.07 -30.83
N LYS A 1560 17.82 27.88 -30.80
CA LYS A 1560 17.38 27.30 -29.53
C LYS A 1560 18.56 27.03 -28.58
N GLN A 1561 19.77 27.00 -29.12
CA GLN A 1561 20.98 26.80 -28.31
C GLN A 1561 21.24 28.03 -27.44
N LEU A 1562 20.75 29.18 -27.91
CA LEU A 1562 20.92 30.44 -27.22
C LEU A 1562 19.99 30.53 -26.01
N PRO A 1563 20.54 30.92 -24.85
CA PRO A 1563 19.77 31.09 -23.60
C PRO A 1563 18.60 32.07 -23.74
N HIS A 1564 17.52 31.80 -23.01
CA HIS A 1564 16.36 32.70 -22.91
C HIS A 1564 15.50 32.79 -24.17
N PHE A 1565 15.99 32.25 -25.28
CA PHE A 1565 15.22 32.28 -26.53
C PHE A 1565 13.99 31.39 -26.46
N THR A 1566 12.97 31.75 -27.23
CA THR A 1566 11.74 30.97 -27.32
C THR A 1566 11.19 31.08 -28.74
N SER A 1567 10.15 30.32 -29.03
CA SER A 1567 9.52 30.36 -30.36
C SER A 1567 8.94 31.75 -30.61
N GLU A 1568 8.61 32.44 -29.52
CA GLU A 1568 8.19 33.83 -29.58
C GLU A 1568 9.32 34.74 -30.09
N HIS A 1569 10.56 34.42 -29.68
CA HIS A 1569 11.71 35.22 -30.08
C HIS A 1569 12.18 34.88 -31.49
N ILE A 1570 12.26 33.60 -31.78
CA ILE A 1570 12.75 33.11 -33.07
C ILE A 1570 11.87 33.57 -34.23
N LYS A 1571 10.56 33.69 -33.99
CA LYS A 1571 9.61 34.12 -35.01
C LYS A 1571 9.94 35.51 -35.56
N ARG A 1572 10.42 36.40 -34.69
CA ARG A 1572 10.82 37.74 -35.09
C ARG A 1572 12.29 37.76 -35.56
N CYS A 1573 12.96 36.62 -35.48
CA CYS A 1573 14.34 36.50 -35.94
C CYS A 1573 14.42 35.97 -37.36
N THR A 1574 13.48 35.11 -37.73
CA THR A 1574 13.39 34.59 -39.08
C THR A 1574 12.81 35.65 -40.03
N ASP A 1575 11.93 36.47 -39.48
CA ASP A 1575 11.31 37.57 -40.25
C ASP A 1575 12.33 38.58 -40.75
N LYS A 1576 13.30 38.93 -39.90
CA LYS A 1576 14.32 39.91 -40.27
C LYS A 1576 15.42 39.30 -41.14
N GLY A 1577 15.73 38.03 -40.89
CA GLY A 1577 16.73 37.32 -41.68
C GLY A 1577 17.79 36.62 -40.86
N VAL A 1578 17.55 36.52 -39.55
CA VAL A 1578 18.48 35.86 -38.65
C VAL A 1578 18.10 34.39 -38.41
N GLU A 1579 18.98 33.48 -38.80
CA GLU A 1579 18.69 32.05 -38.69
C GLU A 1579 19.80 31.30 -37.97
N SER A 1580 21.03 31.78 -38.13
CA SER A 1580 22.19 31.09 -37.57
C SER A 1580 22.68 31.77 -36.30
N VAL A 1581 23.51 31.06 -35.55
CA VAL A 1581 24.17 31.64 -34.38
C VAL A 1581 25.25 32.60 -34.87
N PHE A 1582 25.80 32.30 -36.04
CA PHE A 1582 26.78 33.18 -36.67
C PHE A 1582 26.11 34.50 -37.05
N ASP A 1583 24.85 34.41 -37.45
CA ASP A 1583 24.09 35.58 -37.87
C ASP A 1583 23.84 36.59 -36.75
N ILE A 1584 23.72 36.13 -35.51
CA ILE A 1584 23.64 37.07 -34.38
C ILE A 1584 25.04 37.47 -33.91
N MET A 1585 26.03 36.64 -34.21
CA MET A 1585 27.40 36.91 -33.81
C MET A 1585 27.97 38.17 -34.45
N GLU A 1586 27.81 38.29 -35.77
CA GLU A 1586 28.37 39.41 -36.52
C GLU A 1586 27.57 40.71 -36.38
N MET A 1587 26.44 40.62 -35.69
CA MET A 1587 25.64 41.81 -35.38
C MET A 1587 26.39 42.69 -34.39
N GLU A 1588 26.28 44.00 -34.56
CA GLU A 1588 26.93 44.95 -33.66
C GLU A 1588 26.06 45.21 -32.44
N ASP A 1589 26.72 45.42 -31.29
CA ASP A 1589 26.08 45.40 -29.97
C ASP A 1589 24.70 46.08 -29.85
N GLU A 1590 24.60 47.32 -30.28
CA GLU A 1590 23.33 48.05 -30.18
C GLU A 1590 22.24 47.44 -31.05
N GLU A 1591 22.63 46.94 -32.21
CA GLU A 1591 21.68 46.33 -33.13
C GLU A 1591 21.26 44.95 -32.63
N ARG A 1592 22.14 44.31 -31.87
CA ARG A 1592 21.94 42.94 -31.38
C ARG A 1592 20.76 42.83 -30.43
N ASN A 1593 20.80 43.60 -29.35
CA ASN A 1593 19.73 43.59 -28.36
C ASN A 1593 18.53 44.43 -28.80
N ALA A 1594 18.64 45.00 -29.99
CA ALA A 1594 17.53 45.75 -30.58
C ALA A 1594 16.49 44.80 -31.17
N LEU A 1595 16.95 43.63 -31.63
CA LEU A 1595 16.09 42.63 -32.27
C LEU A 1595 14.87 42.27 -31.44
N LEU A 1596 15.07 41.96 -30.16
CA LEU A 1596 13.96 41.72 -29.25
C LEU A 1596 14.24 42.14 -27.80
N GLN A 1597 13.47 41.57 -26.88
CA GLN A 1597 13.61 41.90 -25.47
C GLN A 1597 14.92 41.34 -24.89
N LEU A 1598 15.32 41.87 -23.75
CA LEU A 1598 16.62 41.59 -23.18
C LEU A 1598 16.66 41.96 -21.71
N THR A 1599 17.81 41.71 -21.10
CA THR A 1599 18.20 42.38 -19.87
C THR A 1599 19.72 42.30 -19.74
N ASP A 1600 20.30 43.16 -18.91
CA ASP A 1600 21.77 43.22 -18.78
C ASP A 1600 22.39 41.87 -18.41
N SER A 1601 21.63 41.05 -17.70
CA SER A 1601 22.09 39.71 -17.32
C SER A 1601 21.82 38.67 -18.41
N GLN A 1602 20.73 38.84 -19.15
CA GLN A 1602 20.36 37.94 -20.24
C GLN A 1602 21.33 38.04 -21.42
N ILE A 1603 21.61 39.26 -21.85
CA ILE A 1603 22.57 39.49 -22.92
C ILE A 1603 23.95 38.97 -22.51
N ALA A 1604 24.28 39.11 -21.22
CA ALA A 1604 25.56 38.65 -20.70
C ALA A 1604 25.76 37.15 -20.86
N ASP A 1605 24.68 36.39 -20.69
CA ASP A 1605 24.72 34.94 -20.81
C ASP A 1605 24.77 34.51 -22.26
N VAL A 1606 23.94 35.15 -23.08
CA VAL A 1606 23.89 34.89 -24.52
C VAL A 1606 25.24 35.17 -25.18
N ALA A 1607 25.84 36.30 -24.83
CA ALA A 1607 27.16 36.65 -25.36
C ALA A 1607 28.23 35.68 -24.87
N ARG A 1608 28.08 35.20 -23.63
CA ARG A 1608 29.02 34.26 -23.06
C ARG A 1608 28.95 32.93 -23.81
N PHE A 1609 27.78 32.63 -24.34
CA PHE A 1609 27.54 31.43 -25.13
C PHE A 1609 28.28 31.51 -26.46
N CYS A 1610 28.30 32.71 -27.05
CA CYS A 1610 28.87 32.90 -28.37
C CYS A 1610 30.40 32.97 -28.33
N ASN A 1611 30.94 33.15 -27.13
CA ASN A 1611 32.38 33.19 -26.95
C ASN A 1611 32.96 31.80 -26.71
N ARG A 1612 32.10 30.85 -26.36
CA ARG A 1612 32.50 29.45 -26.22
C ARG A 1612 32.10 28.63 -27.44
N TYR A 1613 31.16 29.15 -28.22
CA TYR A 1613 30.75 28.53 -29.46
C TYR A 1613 31.95 28.41 -30.40
N PRO A 1614 32.12 27.23 -31.01
CA PRO A 1614 33.27 26.90 -31.87
C PRO A 1614 33.44 27.81 -33.08
N ASN A 1615 34.42 28.70 -33.02
CA ASN A 1615 34.84 29.47 -34.18
C ASN A 1615 36.09 28.82 -34.76
N ILE A 1616 35.91 27.87 -35.65
CA ILE A 1616 37.02 27.10 -36.20
C ILE A 1616 37.12 27.27 -37.72
N GLU A 1617 38.33 27.49 -38.20
CA GLU A 1617 38.60 27.50 -39.63
C GLU A 1617 39.30 26.20 -40.05
N LEU A 1618 38.97 25.71 -41.24
CA LEU A 1618 39.46 24.42 -41.70
C LEU A 1618 40.31 24.54 -42.95
N SER A 1619 41.37 23.74 -43.01
CA SER A 1619 42.29 23.73 -44.14
C SER A 1619 42.75 22.30 -44.43
N TYR A 1620 42.75 21.90 -45.70
CA TYR A 1620 43.11 20.53 -46.07
C TYR A 1620 43.92 20.42 -47.36
N GLU A 1621 44.67 19.32 -47.49
CA GLU A 1621 45.42 19.02 -48.70
C GLU A 1621 45.61 17.52 -48.89
N VAL A 1622 45.72 17.10 -50.14
CA VAL A 1622 46.03 15.70 -50.47
C VAL A 1622 47.53 15.56 -50.71
N VAL A 1623 48.20 14.83 -49.80
CA VAL A 1623 49.65 14.66 -49.87
C VAL A 1623 50.07 13.86 -51.10
N ASP A 1624 50.94 14.46 -51.92
CA ASP A 1624 51.35 13.90 -53.20
C ASP A 1624 50.13 13.57 -54.06
N LYS A 1625 49.31 14.58 -54.29
CA LYS A 1625 48.04 14.41 -55.01
C LYS A 1625 48.21 13.93 -56.44
N ASP A 1626 49.42 13.99 -56.97
CA ASP A 1626 49.70 13.62 -58.35
C ASP A 1626 50.12 12.16 -58.46
N SER A 1627 51.11 11.76 -57.69
CA SER A 1627 51.61 10.40 -57.72
C SER A 1627 50.81 9.44 -56.82
N ILE A 1628 49.51 9.35 -57.10
CA ILE A 1628 48.62 8.44 -56.39
C ILE A 1628 48.09 7.36 -57.35
N ARG A 1629 48.12 6.10 -56.93
CA ARG A 1629 47.72 5.01 -57.82
C ARG A 1629 46.74 4.03 -57.19
N SER A 1630 45.96 3.39 -58.07
CA SER A 1630 44.95 2.41 -57.69
C SER A 1630 45.52 1.32 -56.78
N GLY A 1631 44.87 1.14 -55.62
CA GLY A 1631 45.29 0.13 -54.67
C GLY A 1631 46.32 0.67 -53.69
N GLY A 1632 46.85 1.86 -53.98
CA GLY A 1632 47.84 2.50 -53.13
C GLY A 1632 47.26 3.37 -52.02
N PRO A 1633 48.13 3.97 -51.21
CA PRO A 1633 47.71 4.82 -50.09
C PRO A 1633 47.39 6.25 -50.51
N VAL A 1634 46.36 6.83 -49.90
CA VAL A 1634 46.02 8.24 -50.10
C VAL A 1634 46.03 8.93 -48.75
N VAL A 1635 46.75 10.03 -48.63
CA VAL A 1635 46.88 10.71 -47.34
C VAL A 1635 46.27 12.12 -47.35
N VAL A 1636 45.23 12.31 -46.55
CA VAL A 1636 44.57 13.60 -46.41
C VAL A 1636 44.94 14.25 -45.08
N LEU A 1637 45.59 15.42 -45.16
CA LEU A 1637 46.10 16.10 -43.97
C LEU A 1637 45.24 17.32 -43.64
N VAL A 1638 44.45 17.21 -42.57
CA VAL A 1638 43.52 18.27 -42.19
C VAL A 1638 44.10 19.17 -41.10
N GLN A 1639 44.16 20.47 -41.36
CA GLN A 1639 44.66 21.43 -40.37
C GLN A 1639 43.49 22.12 -39.67
N LEU A 1640 43.42 21.97 -38.35
CA LEU A 1640 42.38 22.65 -37.58
C LEU A 1640 42.95 23.68 -36.62
N GLU A 1641 42.44 24.91 -36.70
CA GLU A 1641 42.88 26.00 -35.84
C GLU A 1641 41.70 26.94 -35.58
N ARG A 1642 41.63 27.49 -34.37
CA ARG A 1642 40.56 28.44 -34.05
C ARG A 1642 41.09 29.82 -33.63
N GLU A 1643 40.37 30.87 -34.02
CA GLU A 1643 40.74 32.24 -33.66
C GLU A 1643 40.32 32.57 -32.22
N GLU A 1644 40.80 31.74 -31.29
CA GLU A 1644 40.45 31.86 -29.89
C GLU A 1644 41.28 30.87 -29.06
N GLU A 1645 41.71 31.29 -27.89
CA GLU A 1645 42.34 30.39 -26.93
C GLU A 1645 41.24 29.73 -26.11
N VAL A 1646 41.22 28.40 -26.07
CA VAL A 1646 40.11 27.71 -25.43
C VAL A 1646 40.27 27.51 -23.92
N THR A 1647 39.23 27.92 -23.19
CA THR A 1647 39.15 27.77 -21.75
C THR A 1647 37.70 27.90 -21.35
N GLY A 1648 37.15 26.81 -20.83
CA GLY A 1648 35.74 26.73 -20.51
C GLY A 1648 35.14 25.50 -21.15
N PRO A 1649 34.40 24.71 -20.36
CA PRO A 1649 33.70 23.52 -20.84
C PRO A 1649 32.65 23.88 -21.89
N VAL A 1650 32.10 22.89 -22.56
CA VAL A 1650 30.97 23.09 -23.45
C VAL A 1650 29.76 23.60 -22.64
N ILE A 1651 29.10 24.64 -23.15
CA ILE A 1651 27.91 25.15 -22.47
C ILE A 1651 26.66 24.43 -22.96
N ALA A 1652 25.92 23.86 -22.00
CA ALA A 1652 24.74 23.06 -22.29
C ALA A 1652 23.95 22.83 -21.01
N PRO A 1653 23.10 23.80 -20.66
CA PRO A 1653 22.34 23.83 -19.41
C PRO A 1653 21.46 22.61 -19.20
N LEU A 1654 20.91 22.09 -20.30
CA LEU A 1654 20.00 20.96 -20.22
C LEU A 1654 20.71 19.61 -20.19
N PHE A 1655 22.02 19.62 -20.48
CA PHE A 1655 22.83 18.41 -20.33
C PHE A 1655 23.59 18.46 -19.00
N PRO A 1656 23.32 17.47 -18.14
CA PRO A 1656 23.72 17.53 -16.72
C PRO A 1656 25.10 16.95 -16.43
N GLN A 1657 25.96 16.86 -17.43
CA GLN A 1657 27.32 16.43 -17.17
C GLN A 1657 28.31 17.23 -18.02
N LYS A 1658 29.13 18.03 -17.35
CA LYS A 1658 30.10 18.89 -18.04
C LYS A 1658 30.98 18.08 -18.98
N ARG A 1659 30.97 18.46 -20.25
CA ARG A 1659 31.73 17.73 -21.27
C ARG A 1659 32.56 18.69 -22.12
N GLU A 1660 33.68 18.21 -22.63
CA GLU A 1660 34.56 19.03 -23.47
C GLU A 1660 34.26 18.78 -24.96
N GLU A 1661 34.60 19.75 -25.81
CA GLU A 1661 34.33 19.65 -27.25
C GLU A 1661 34.99 18.42 -27.89
N GLY A 1662 34.19 17.65 -28.61
CA GLY A 1662 34.69 16.50 -29.35
C GLY A 1662 34.36 16.67 -30.83
N TRP A 1663 35.25 16.18 -31.68
CA TRP A 1663 35.08 16.36 -33.11
C TRP A 1663 35.41 15.09 -33.91
N TRP A 1664 34.69 14.91 -35.01
CA TRP A 1664 34.97 13.83 -35.96
C TRP A 1664 35.37 14.43 -37.31
N VAL A 1665 36.54 14.06 -37.79
CA VAL A 1665 36.90 14.38 -39.16
C VAL A 1665 36.60 13.14 -40.01
N VAL A 1666 35.71 13.30 -40.98
CA VAL A 1666 35.27 12.17 -41.80
C VAL A 1666 35.47 12.46 -43.28
N ILE A 1667 35.84 11.42 -44.02
CA ILE A 1667 35.88 11.50 -45.47
C ILE A 1667 34.89 10.48 -46.03
N GLY A 1668 34.07 10.92 -46.97
CA GLY A 1668 33.10 10.02 -47.57
C GLY A 1668 32.70 10.28 -49.01
N ASP A 1669 32.09 9.27 -49.62
CA ASP A 1669 31.50 9.40 -50.94
C ASP A 1669 29.97 9.46 -50.82
N ALA A 1670 29.40 10.64 -50.97
CA ALA A 1670 27.97 10.85 -50.74
C ALA A 1670 27.08 10.16 -51.78
N LYS A 1671 27.69 9.69 -52.86
CA LYS A 1671 26.94 9.04 -53.93
C LYS A 1671 26.71 7.56 -53.61
N SER A 1672 27.68 6.96 -52.94
CA SER A 1672 27.64 5.53 -52.65
C SER A 1672 27.34 5.25 -51.19
N ASN A 1673 27.16 6.31 -50.41
CA ASN A 1673 26.99 6.21 -48.96
C ASN A 1673 28.17 5.44 -48.35
N SER A 1674 29.38 5.89 -48.67
CA SER A 1674 30.58 5.16 -48.30
C SER A 1674 31.45 5.94 -47.32
N LEU A 1675 31.62 5.40 -46.11
CA LEU A 1675 32.53 6.00 -45.15
C LEU A 1675 33.94 5.51 -45.46
N ILE A 1676 34.79 6.46 -45.87
CA ILE A 1676 36.13 6.13 -46.32
C ILE A 1676 37.15 6.16 -45.18
N SER A 1677 37.06 7.17 -44.33
CA SER A 1677 37.97 7.30 -43.20
C SER A 1677 37.44 8.27 -42.16
N ILE A 1678 37.77 8.00 -40.90
CA ILE A 1678 37.27 8.79 -39.80
C ILE A 1678 38.36 8.98 -38.75
N LYS A 1679 38.25 10.07 -37.98
CA LYS A 1679 39.15 10.30 -36.86
C LYS A 1679 38.42 11.13 -35.81
N ARG A 1680 38.59 10.76 -34.54
CA ARG A 1680 37.92 11.48 -33.45
C ARG A 1680 38.95 12.23 -32.60
N LEU A 1681 38.68 13.51 -32.31
CA LEU A 1681 39.69 14.33 -31.65
C LEU A 1681 39.09 15.44 -30.77
N THR A 1682 39.96 16.00 -29.93
CA THR A 1682 39.65 17.16 -29.09
C THR A 1682 40.84 18.11 -29.21
N LEU A 1683 40.63 19.29 -29.80
CA LEU A 1683 41.75 20.06 -30.38
C LEU A 1683 42.44 21.15 -29.55
N GLN A 1684 41.77 21.70 -28.54
CA GLN A 1684 42.28 22.86 -27.81
C GLN A 1684 42.47 24.08 -28.74
N GLN A 1685 43.71 24.57 -28.86
CA GLN A 1685 43.99 25.75 -29.68
C GLN A 1685 44.13 25.41 -31.17
N LYS A 1686 45.02 24.48 -31.49
CA LYS A 1686 45.15 23.98 -32.85
C LYS A 1686 45.86 22.64 -32.87
N ALA A 1687 45.54 21.82 -33.87
CA ALA A 1687 46.08 20.46 -33.96
C ALA A 1687 46.15 19.94 -35.39
N LYS A 1688 47.12 19.06 -35.64
CA LYS A 1688 47.27 18.45 -36.96
C LYS A 1688 46.62 17.07 -36.97
N VAL A 1689 45.72 16.86 -37.93
CA VAL A 1689 45.05 15.57 -38.05
C VAL A 1689 45.45 14.87 -39.33
N LYS A 1690 45.83 13.60 -39.19
CA LYS A 1690 46.24 12.77 -40.31
C LYS A 1690 45.32 11.56 -40.44
N LEU A 1691 44.83 11.32 -41.64
CA LEU A 1691 44.03 10.12 -41.91
C LEU A 1691 44.18 9.63 -43.35
N ASP A 1692 44.53 8.36 -43.49
CA ASP A 1692 44.75 7.78 -44.80
C ASP A 1692 43.72 6.70 -45.14
N PHE A 1693 43.73 6.28 -46.40
CA PHE A 1693 42.89 5.20 -46.87
C PHE A 1693 43.51 4.62 -48.14
N VAL A 1694 42.75 3.78 -48.86
CA VAL A 1694 43.29 3.12 -50.04
C VAL A 1694 42.55 3.50 -51.33
N ALA A 1695 43.30 3.98 -52.31
CA ALA A 1695 42.72 4.44 -53.57
C ALA A 1695 42.02 3.32 -54.34
N PRO A 1696 40.88 3.66 -54.97
CA PRO A 1696 40.19 2.78 -55.93
C PRO A 1696 40.83 2.87 -57.31
N ALA A 1697 40.11 2.50 -58.35
CA ALA A 1697 40.70 2.44 -59.70
C ALA A 1697 40.24 3.56 -60.64
N THR A 1698 40.93 3.65 -61.78
CA THR A 1698 40.63 4.60 -62.86
C THR A 1698 40.43 6.05 -62.41
N GLY A 1699 41.54 6.69 -62.03
CA GLY A 1699 41.61 8.12 -61.86
C GLY A 1699 40.57 8.83 -60.99
N ALA A 1700 39.72 9.60 -61.63
CA ALA A 1700 38.86 10.59 -60.96
C ALA A 1700 37.77 10.01 -60.05
N HIS A 1701 37.78 10.44 -58.79
CA HIS A 1701 36.75 10.08 -57.83
C HIS A 1701 36.38 11.30 -57.00
N ASN A 1702 35.10 11.43 -56.66
CA ASN A 1702 34.62 12.57 -55.90
C ASN A 1702 34.42 12.25 -54.42
N TYR A 1703 35.14 12.98 -53.57
CA TYR A 1703 35.11 12.73 -52.13
C TYR A 1703 34.58 13.95 -51.38
N THR A 1704 34.14 13.73 -50.15
CA THR A 1704 33.66 14.82 -49.30
C THR A 1704 34.34 14.73 -47.94
N LEU A 1705 34.81 15.88 -47.43
CA LEU A 1705 35.39 15.95 -46.10
C LEU A 1705 34.39 16.58 -45.15
N TYR A 1706 34.12 15.91 -44.04
CA TYR A 1706 33.11 16.34 -43.08
C TYR A 1706 33.74 16.70 -41.73
N PHE A 1707 33.34 17.82 -41.17
CA PHE A 1707 33.82 18.24 -39.85
C PHE A 1707 32.65 18.36 -38.87
N MET A 1708 32.57 17.46 -37.91
CA MET A 1708 31.36 17.27 -37.11
C MET A 1708 31.54 17.41 -35.60
N SER A 1709 30.72 18.25 -34.99
CA SER A 1709 30.73 18.43 -33.54
C SER A 1709 29.92 17.32 -32.87
N ASP A 1710 30.22 17.04 -31.60
CA ASP A 1710 29.40 16.15 -30.79
C ASP A 1710 28.79 16.92 -29.64
N ALA A 1711 28.68 18.24 -29.81
CA ALA A 1711 28.27 19.13 -28.72
C ALA A 1711 27.42 20.32 -29.18
N TYR A 1712 27.55 20.71 -30.44
CA TYR A 1712 26.82 21.87 -30.95
C TYR A 1712 26.22 21.64 -32.34
N MET A 1713 25.10 22.29 -32.59
CA MET A 1713 24.49 22.30 -33.92
C MET A 1713 24.94 23.56 -34.66
N GLY A 1714 24.99 23.49 -35.99
CA GLY A 1714 25.39 24.64 -36.79
C GLY A 1714 26.90 24.87 -36.90
N CYS A 1715 27.69 23.90 -36.44
CA CYS A 1715 29.14 24.02 -36.52
C CYS A 1715 29.73 23.21 -37.68
N ASP A 1716 28.92 22.33 -38.25
CA ASP A 1716 29.41 21.35 -39.22
C ASP A 1716 29.90 21.98 -40.52
N GLN A 1717 31.15 21.70 -40.87
CA GLN A 1717 31.72 22.15 -42.14
C GLN A 1717 31.83 21.01 -43.14
N GLU A 1718 31.57 21.32 -44.41
CA GLU A 1718 31.75 20.34 -45.47
C GLU A 1718 32.61 20.93 -46.58
N TYR A 1719 33.55 20.12 -47.07
CA TYR A 1719 34.41 20.54 -48.17
C TYR A 1719 34.50 19.40 -49.17
N LYS A 1720 34.08 19.67 -50.40
CA LYS A 1720 34.13 18.66 -51.45
C LYS A 1720 35.46 18.70 -52.21
N PHE A 1721 35.90 17.54 -52.70
CA PHE A 1721 37.15 17.47 -53.46
C PHE A 1721 37.23 16.21 -54.32
N SER A 1722 38.29 16.13 -55.14
CA SER A 1722 38.50 15.00 -56.05
C SER A 1722 39.97 14.58 -56.08
N VAL A 1723 40.24 13.35 -56.51
CA VAL A 1723 41.60 12.79 -56.53
C VAL A 1723 41.88 12.01 -57.83
N ASP A 1724 43.17 11.92 -58.19
CA ASP A 1724 43.66 10.99 -59.23
C ASP A 1724 42.98 11.22 -60.58
C1 SAN B . 3.45 -13.74 9.61
C1 SAN B . -2.71 -11.94 7.94
N1 SAN B . 4.13 -14.32 10.64
N1 SAN B . -4.02 -11.96 8.33
C2 SAN B . 3.67 -14.14 8.30
C2 SAN B . -2.32 -11.11 6.90
C3 SAN B . 2.98 -13.55 7.25
C3 SAN B . -0.99 -11.08 6.51
C4 SAN B . 2.04 -12.54 7.49
C4 SAN B . -0.05 -11.87 7.17
C5 SAN B . 1.82 -12.16 8.81
C5 SAN B . -0.46 -12.70 8.21
C6 SAN B . 2.51 -12.75 9.86
C6 SAN B . -1.79 -12.73 8.61
S SAN B . 1.22 -11.85 6.29
S SAN B . 1.47 -11.86 6.71
N2 SAN B . -0.27 -11.53 6.78
N2 SAN B . 2.25 -13.03 7.50
O1 SAN B . 1.85 -10.62 5.91
O1 SAN B . 1.53 -12.07 5.29
O2 SAN B . 1.17 -12.71 5.15
O2 SAN B . 2.08 -10.58 7.01
#